data_2AOZ
# 
_entry.id   2AOZ 
# 
_audit_conform.dict_name       mmcif_pdbx.dic 
_audit_conform.dict_version    5.397 
_audit_conform.dict_location   http://mmcif.pdb.org/dictionaries/ascii/mmcif_pdbx.dic 
# 
loop_
_database_2.database_id 
_database_2.database_code 
_database_2.pdbx_database_accession 
_database_2.pdbx_DOI 
PDB   2AOZ         pdb_00002aoz 10.2210/pdb2aoz/pdb 
RCSB  RCSB034148   ?            ?                   
WWPDB D_1000034148 ?            ?                   
# 
loop_
_pdbx_audit_revision_history.ordinal 
_pdbx_audit_revision_history.data_content_type 
_pdbx_audit_revision_history.major_revision 
_pdbx_audit_revision_history.minor_revision 
_pdbx_audit_revision_history.revision_date 
1 'Structure model' 1 0 2006-07-25 
2 'Structure model' 1 1 2008-04-30 
3 'Structure model' 1 2 2011-07-13 
4 'Structure model' 1 3 2023-08-23 
5 'Structure model' 1 4 2024-10-16 
# 
_pdbx_audit_revision_details.ordinal             1 
_pdbx_audit_revision_details.revision_ordinal    1 
_pdbx_audit_revision_details.data_content_type   'Structure model' 
_pdbx_audit_revision_details.provider            repository 
_pdbx_audit_revision_details.type                'Initial release' 
_pdbx_audit_revision_details.description         ? 
_pdbx_audit_revision_details.details             ? 
# 
loop_
_pdbx_audit_revision_group.ordinal 
_pdbx_audit_revision_group.revision_ordinal 
_pdbx_audit_revision_group.data_content_type 
_pdbx_audit_revision_group.group 
1 2 'Structure model' 'Version format compliance' 
2 3 'Structure model' Advisory                    
3 3 'Structure model' 'Version format compliance' 
4 4 'Structure model' 'Data collection'           
5 4 'Structure model' 'Database references'       
6 4 'Structure model' 'Derived calculations'      
7 4 'Structure model' 'Refinement description'    
8 5 'Structure model' 'Structure summary'         
# 
loop_
_pdbx_audit_revision_category.ordinal 
_pdbx_audit_revision_category.revision_ordinal 
_pdbx_audit_revision_category.data_content_type 
_pdbx_audit_revision_category.category 
1 4 'Structure model' chem_comp_atom                
2 4 'Structure model' chem_comp_bond                
3 4 'Structure model' database_2                    
4 4 'Structure model' pdbx_initial_refinement_model 
5 4 'Structure model' struct_site                   
6 5 'Structure model' pdbx_entry_details            
7 5 'Structure model' pdbx_modification_feature     
# 
loop_
_pdbx_audit_revision_item.ordinal 
_pdbx_audit_revision_item.revision_ordinal 
_pdbx_audit_revision_item.data_content_type 
_pdbx_audit_revision_item.item 
1 4 'Structure model' '_database_2.pdbx_DOI'                
2 4 'Structure model' '_database_2.pdbx_database_accession' 
3 4 'Structure model' '_struct_site.pdbx_auth_asym_id'      
4 4 'Structure model' '_struct_site.pdbx_auth_comp_id'      
5 4 'Structure model' '_struct_site.pdbx_auth_seq_id'       
# 
_pdbx_database_status.status_code                     REL 
_pdbx_database_status.entry_id                        2AOZ 
_pdbx_database_status.recvd_initial_deposition_date   2005-08-15 
_pdbx_database_status.deposit_site                    RCSB 
_pdbx_database_status.process_site                    RCSB 
_pdbx_database_status.status_code_sf                  REL 
_pdbx_database_status.status_code_mr                  ? 
_pdbx_database_status.SG_entry                        ? 
_pdbx_database_status.pdb_format_compatible           Y 
_pdbx_database_status.status_code_cs                  ? 
_pdbx_database_status.status_code_nmr_data            ? 
_pdbx_database_status.methods_development_category    ? 
# 
loop_
_audit_author.name 
_audit_author.pdbx_ordinal 
'Melo, C.C.'     1 
'Murakami, M.T.' 2 
'Angulo, Y.'     3 
'Lomonte, B.'    4 
'Arni, R.K.'     5 
# 
_citation.id                        primary 
_citation.title                     
'Structure of myotoxin II, a catalytically inactive Lys49 phospholipase A2 homologue from Atropoides nummifer venom.' 
_citation.journal_abbrev            'Acta Crystallogr.,Sect.F' 
_citation.journal_volume            62 
_citation.page_first                423 
_citation.page_last                 426 
_citation.year                      2006 
_citation.journal_id_ASTM           ? 
_citation.country                   DK 
_citation.journal_id_ISSN           1744-3091 
_citation.journal_id_CSD            ? 
_citation.book_publisher            ? 
_citation.pdbx_database_id_PubMed   16682766 
_citation.pdbx_database_id_DOI      10.1107/S1744309106010700 
# 
loop_
_citation_author.citation_id 
_citation_author.name 
_citation_author.ordinal 
_citation_author.identifier_ORCID 
primary 'Murakami, M.T.' 1 ? 
primary 'Melo, C.C.'     2 ? 
primary 'Angulo, Y.'     3 ? 
primary 'Lomonte, B.'    4 ? 
primary 'Arni, R.K.'     5 ? 
# 
loop_
_entity.id 
_entity.type 
_entity.src_method 
_entity.pdbx_description 
_entity.formula_weight 
_entity.pdbx_number_of_molecules 
_entity.pdbx_ec 
_entity.pdbx_mutation 
_entity.pdbx_fragment 
_entity.details 
1 polymer     nat 'Phospholipase A2 homolog' 13732.858 1  ? ? ? ? 
2 non-polymer syn 'SULFATE ION'              96.063    1  ? ? ? ? 
3 water       nat water                      18.015    71 ? ? ? ? 
# 
_entity_name_com.entity_id   1 
_entity_name_com.name        'Myotoxin II' 
# 
_entity_poly.entity_id                      1 
_entity_poly.type                           'polypeptide(L)' 
_entity_poly.nstd_linkage                   no 
_entity_poly.nstd_monomer                   no 
_entity_poly.pdbx_seq_one_letter_code       
;NLYQLWKMILQETGKNAAPSYGFYGCNCGVGSRGKPKDATDRCCFVHKCCYKALTDCSPKTDSYSYSWKDKTIVCGKNNP
CLKQECECDKAVAICLRDNLDTYNKNYKIYPKPLCKKADDC
;
_entity_poly.pdbx_seq_one_letter_code_can   
;NLYQLWKMILQETGKNAAPSYGFYGCNCGVGSRGKPKDATDRCCFVHKCCYKALTDCSPKTDSYSYSWKDKTIVCGKNNP
CLKQECECDKAVAICLRDNLDTYNKNYKIYPKPLCKKADDC
;
_entity_poly.pdbx_strand_id                 A 
_entity_poly.pdbx_target_identifier         ? 
# 
loop_
_pdbx_entity_nonpoly.entity_id 
_pdbx_entity_nonpoly.name 
_pdbx_entity_nonpoly.comp_id 
2 'SULFATE ION' SO4 
3 water         HOH 
# 
loop_
_entity_poly_seq.entity_id 
_entity_poly_seq.num 
_entity_poly_seq.mon_id 
_entity_poly_seq.hetero 
1 1   ASN n 
1 2   LEU n 
1 3   TYR n 
1 4   GLN n 
1 5   LEU n 
1 6   TRP n 
1 7   LYS n 
1 8   MET n 
1 9   ILE n 
1 10  LEU n 
1 11  GLN n 
1 12  GLU n 
1 13  THR n 
1 14  GLY n 
1 15  LYS n 
1 16  ASN n 
1 17  ALA n 
1 18  ALA n 
1 19  PRO n 
1 20  SER n 
1 21  TYR n 
1 22  GLY n 
1 23  PHE n 
1 24  TYR n 
1 25  GLY n 
1 26  CYS n 
1 27  ASN n 
1 28  CYS n 
1 29  GLY n 
1 30  VAL n 
1 31  GLY n 
1 32  SER n 
1 33  ARG n 
1 34  GLY n 
1 35  LYS n 
1 36  PRO n 
1 37  LYS n 
1 38  ASP n 
1 39  ALA n 
1 40  THR n 
1 41  ASP n 
1 42  ARG n 
1 43  CYS n 
1 44  CYS n 
1 45  PHE n 
1 46  VAL n 
1 47  HIS n 
1 48  LYS n 
1 49  CYS n 
1 50  CYS n 
1 51  TYR n 
1 52  LYS n 
1 53  ALA n 
1 54  LEU n 
1 55  THR n 
1 56  ASP n 
1 57  CYS n 
1 58  SER n 
1 59  PRO n 
1 60  LYS n 
1 61  THR n 
1 62  ASP n 
1 63  SER n 
1 64  TYR n 
1 65  SER n 
1 66  TYR n 
1 67  SER n 
1 68  TRP n 
1 69  LYS n 
1 70  ASP n 
1 71  LYS n 
1 72  THR n 
1 73  ILE n 
1 74  VAL n 
1 75  CYS n 
1 76  GLY n 
1 77  LYS n 
1 78  ASN n 
1 79  ASN n 
1 80  PRO n 
1 81  CYS n 
1 82  LEU n 
1 83  LYS n 
1 84  GLN n 
1 85  GLU n 
1 86  CYS n 
1 87  GLU n 
1 88  CYS n 
1 89  ASP n 
1 90  LYS n 
1 91  ALA n 
1 92  VAL n 
1 93  ALA n 
1 94  ILE n 
1 95  CYS n 
1 96  LEU n 
1 97  ARG n 
1 98  ASP n 
1 99  ASN n 
1 100 LEU n 
1 101 ASP n 
1 102 THR n 
1 103 TYR n 
1 104 ASN n 
1 105 LYS n 
1 106 ASN n 
1 107 TYR n 
1 108 LYS n 
1 109 ILE n 
1 110 TYR n 
1 111 PRO n 
1 112 LYS n 
1 113 PRO n 
1 114 LEU n 
1 115 CYS n 
1 116 LYS n 
1 117 LYS n 
1 118 ALA n 
1 119 ASP n 
1 120 ASP n 
1 121 CYS n 
# 
_entity_src_nat.entity_id                  1 
_entity_src_nat.pdbx_src_id                1 
_entity_src_nat.pdbx_alt_source_flag       sample 
_entity_src_nat.pdbx_beg_seq_num           ? 
_entity_src_nat.pdbx_end_seq_num           ? 
_entity_src_nat.common_name                ? 
_entity_src_nat.pdbx_organism_scientific   'Atropoides nummifer' 
_entity_src_nat.pdbx_ncbi_taxonomy_id      44730 
_entity_src_nat.genus                      Atropoides 
_entity_src_nat.species                    ? 
_entity_src_nat.strain                     ? 
_entity_src_nat.tissue                     ? 
_entity_src_nat.tissue_fraction            ? 
_entity_src_nat.pdbx_secretion             ? 
_entity_src_nat.pdbx_fragment              ? 
_entity_src_nat.pdbx_variant               ? 
_entity_src_nat.pdbx_cell_line             ? 
_entity_src_nat.pdbx_atcc                  ? 
_entity_src_nat.pdbx_cellular_location     ? 
_entity_src_nat.pdbx_organ                 ? 
_entity_src_nat.pdbx_organelle             ? 
_entity_src_nat.pdbx_cell                  ? 
_entity_src_nat.pdbx_plasmid_name          ? 
_entity_src_nat.pdbx_plasmid_details       ? 
_entity_src_nat.details                    venom 
# 
loop_
_chem_comp.id 
_chem_comp.type 
_chem_comp.mon_nstd_flag 
_chem_comp.name 
_chem_comp.pdbx_synonyms 
_chem_comp.formula 
_chem_comp.formula_weight 
ALA 'L-peptide linking' y ALANINE         ? 'C3 H7 N O2'     89.093  
ARG 'L-peptide linking' y ARGININE        ? 'C6 H15 N4 O2 1' 175.209 
ASN 'L-peptide linking' y ASPARAGINE      ? 'C4 H8 N2 O3'    132.118 
ASP 'L-peptide linking' y 'ASPARTIC ACID' ? 'C4 H7 N O4'     133.103 
CYS 'L-peptide linking' y CYSTEINE        ? 'C3 H7 N O2 S'   121.158 
GLN 'L-peptide linking' y GLUTAMINE       ? 'C5 H10 N2 O3'   146.144 
GLU 'L-peptide linking' y 'GLUTAMIC ACID' ? 'C5 H9 N O4'     147.129 
GLY 'peptide linking'   y GLYCINE         ? 'C2 H5 N O2'     75.067  
HIS 'L-peptide linking' y HISTIDINE       ? 'C6 H10 N3 O2 1' 156.162 
HOH non-polymer         . WATER           ? 'H2 O'           18.015  
ILE 'L-peptide linking' y ISOLEUCINE      ? 'C6 H13 N O2'    131.173 
LEU 'L-peptide linking' y LEUCINE         ? 'C6 H13 N O2'    131.173 
LYS 'L-peptide linking' y LYSINE          ? 'C6 H15 N2 O2 1' 147.195 
MET 'L-peptide linking' y METHIONINE      ? 'C5 H11 N O2 S'  149.211 
PHE 'L-peptide linking' y PHENYLALANINE   ? 'C9 H11 N O2'    165.189 
PRO 'L-peptide linking' y PROLINE         ? 'C5 H9 N O2'     115.130 
SER 'L-peptide linking' y SERINE          ? 'C3 H7 N O3'     105.093 
SO4 non-polymer         . 'SULFATE ION'   ? 'O4 S -2'        96.063  
THR 'L-peptide linking' y THREONINE       ? 'C4 H9 N O3'     119.119 
TRP 'L-peptide linking' y TRYPTOPHAN      ? 'C11 H12 N2 O2'  204.225 
TYR 'L-peptide linking' y TYROSINE        ? 'C9 H11 N O3'    181.189 
VAL 'L-peptide linking' y VALINE          ? 'C5 H11 N O2'    117.146 
# 
loop_
_pdbx_poly_seq_scheme.asym_id 
_pdbx_poly_seq_scheme.entity_id 
_pdbx_poly_seq_scheme.seq_id 
_pdbx_poly_seq_scheme.mon_id 
_pdbx_poly_seq_scheme.ndb_seq_num 
_pdbx_poly_seq_scheme.pdb_seq_num 
_pdbx_poly_seq_scheme.auth_seq_num 
_pdbx_poly_seq_scheme.pdb_mon_id 
_pdbx_poly_seq_scheme.auth_mon_id 
_pdbx_poly_seq_scheme.pdb_strand_id 
_pdbx_poly_seq_scheme.pdb_ins_code 
_pdbx_poly_seq_scheme.hetero 
A 1 1   ASN 1   1   1   ASN ASN A . n 
A 1 2   LEU 2   2   2   LEU LEU A . n 
A 1 3   TYR 3   3   3   TYR TYR A . n 
A 1 4   GLN 4   4   4   GLN GLN A . n 
A 1 5   LEU 5   5   5   LEU LEU A . n 
A 1 6   TRP 6   6   6   TRP TRP A . n 
A 1 7   LYS 7   7   7   LYS LYS A . n 
A 1 8   MET 8   8   8   MET MET A . n 
A 1 9   ILE 9   9   9   ILE ILE A . n 
A 1 10  LEU 10  10  10  LEU LEU A . n 
A 1 11  GLN 11  11  11  GLN GLN A . n 
A 1 12  GLU 12  12  12  GLU GLU A . n 
A 1 13  THR 13  13  13  THR THR A . n 
A 1 14  GLY 14  14  14  GLY GLY A . n 
A 1 15  LYS 15  15  15  LYS LYS A . n 
A 1 16  ASN 16  16  16  ASN ASN A . n 
A 1 17  ALA 17  17  17  ALA ALA A . n 
A 1 18  ALA 18  18  18  ALA ALA A . n 
A 1 19  PRO 19  19  19  PRO PRO A . n 
A 1 20  SER 20  20  20  SER SER A . n 
A 1 21  TYR 21  21  21  TYR TYR A . n 
A 1 22  GLY 22  22  22  GLY GLY A . n 
A 1 23  PHE 23  23  23  PHE PHE A . n 
A 1 24  TYR 24  24  24  TYR TYR A . n 
A 1 25  GLY 25  25  25  GLY GLY A . n 
A 1 26  CYS 26  26  26  CYS CYS A . n 
A 1 27  ASN 27  27  27  ASN ASN A . n 
A 1 28  CYS 28  28  28  CYS CYS A . n 
A 1 29  GLY 29  29  29  GLY GLY A . n 
A 1 30  VAL 30  30  30  VAL VAL A . n 
A 1 31  GLY 31  31  31  GLY GLY A . n 
A 1 32  SER 32  32  32  SER SER A . n 
A 1 33  ARG 33  33  33  ARG ARG A . n 
A 1 34  GLY 34  34  34  GLY GLY A . n 
A 1 35  LYS 35  35  35  LYS LYS A . n 
A 1 36  PRO 36  36  36  PRO PRO A . n 
A 1 37  LYS 37  37  37  LYS LYS A . n 
A 1 38  ASP 38  38  38  ASP ASP A . n 
A 1 39  ALA 39  39  39  ALA ALA A . n 
A 1 40  THR 40  40  40  THR THR A . n 
A 1 41  ASP 41  41  41  ASP ASP A . n 
A 1 42  ARG 42  42  42  ARG ALA A . n 
A 1 43  CYS 43  43  43  CYS CYS A . n 
A 1 44  CYS 44  44  44  CYS CYS A . n 
A 1 45  PHE 45  45  45  PHE PHE A . n 
A 1 46  VAL 46  46  46  VAL VAL A . n 
A 1 47  HIS 47  47  47  HIS HIS A . n 
A 1 48  LYS 48  48  48  LYS LYS A . n 
A 1 49  CYS 49  49  49  CYS CYS A . n 
A 1 50  CYS 50  50  50  CYS CYS A . n 
A 1 51  TYR 51  51  51  TYR TYR A . n 
A 1 52  LYS 52  52  52  LYS LYS A . n 
A 1 53  ALA 53  53  53  ALA ALA A . n 
A 1 54  LEU 54  54  54  LEU LEU A . n 
A 1 55  THR 55  55  55  THR THR A . n 
A 1 56  ASP 56  56  56  ASP ASP A . n 
A 1 57  CYS 57  57  57  CYS CYS A . n 
A 1 58  SER 58  58  58  SER SER A . n 
A 1 59  PRO 59  59  59  PRO PRO A . n 
A 1 60  LYS 60  60  60  LYS LYS A . n 
A 1 61  THR 61  61  61  THR THR A . n 
A 1 62  ASP 62  62  62  ASP ASP A . n 
A 1 63  SER 63  63  63  SER SER A . n 
A 1 64  TYR 64  64  64  TYR TYR A . n 
A 1 65  SER 65  65  65  SER SER A . n 
A 1 66  TYR 66  66  66  TYR TYR A . n 
A 1 67  SER 67  67  67  SER SER A . n 
A 1 68  TRP 68  68  68  TRP TRP A . n 
A 1 69  LYS 69  69  69  LYS LYS A . n 
A 1 70  ASP 70  70  70  ASP ASP A . n 
A 1 71  LYS 71  71  71  LYS LYS A . n 
A 1 72  THR 72  72  72  THR THR A . n 
A 1 73  ILE 73  73  73  ILE ILE A . n 
A 1 74  VAL 74  74  74  VAL VAL A . n 
A 1 75  CYS 75  75  75  CYS CYS A . n 
A 1 76  GLY 76  76  76  GLY GLY A . n 
A 1 77  LYS 77  77  77  LYS LYS A . n 
A 1 78  ASN 78  78  78  ASN ASN A . n 
A 1 79  ASN 79  79  79  ASN ASN A . n 
A 1 80  PRO 80  80  80  PRO PRO A . n 
A 1 81  CYS 81  81  81  CYS CYS A . n 
A 1 82  LEU 82  82  82  LEU LEU A . n 
A 1 83  LYS 83  83  83  LYS LYS A . n 
A 1 84  GLN 84  84  84  GLN GLN A . n 
A 1 85  GLU 85  85  85  GLU GLU A . n 
A 1 86  CYS 86  86  86  CYS CYS A . n 
A 1 87  GLU 87  87  87  GLU GLU A . n 
A 1 88  CYS 88  88  88  CYS CYS A . n 
A 1 89  ASP 89  89  89  ASP ASP A . n 
A 1 90  LYS 90  90  90  LYS LYS A . n 
A 1 91  ALA 91  91  91  ALA ALA A . n 
A 1 92  VAL 92  92  92  VAL VAL A . n 
A 1 93  ALA 93  93  93  ALA ALA A . n 
A 1 94  ILE 94  94  94  ILE ILE A . n 
A 1 95  CYS 95  95  95  CYS CYS A . n 
A 1 96  LEU 96  96  96  LEU LEU A . n 
A 1 97  ARG 97  97  97  ARG ARG A . n 
A 1 98  ASP 98  98  98  ASP ASP A . n 
A 1 99  ASN 99  99  99  ASN ASN A . n 
A 1 100 LEU 100 100 100 LEU LEU A . n 
A 1 101 ASP 101 101 101 ASP ASP A . n 
A 1 102 THR 102 102 102 THR THR A . n 
A 1 103 TYR 103 103 103 TYR TYR A . n 
A 1 104 ASN 104 104 104 ASN ASN A . n 
A 1 105 LYS 105 105 105 LYS LYS A . n 
A 1 106 ASN 106 106 106 ASN ASN A . n 
A 1 107 TYR 107 107 107 TYR TYR A . n 
A 1 108 LYS 108 108 108 LYS LYS A . n 
A 1 109 ILE 109 109 109 ILE ILE A . n 
A 1 110 TYR 110 110 110 TYR TYR A . n 
A 1 111 PRO 111 111 111 PRO PRO A . n 
A 1 112 LYS 112 112 112 LYS LYS A . n 
A 1 113 PRO 113 113 113 PRO PRO A . n 
A 1 114 LEU 114 114 114 LEU LEU A . n 
A 1 115 CYS 115 115 115 CYS CYS A . n 
A 1 116 LYS 116 116 116 LYS LYS A . n 
A 1 117 LYS 117 117 117 LYS LYS A . n 
A 1 118 ALA 118 118 118 ALA ALA A . n 
A 1 119 ASP 119 119 119 ASP ASP A . n 
A 1 120 ASP 120 120 120 ASP ASP A . n 
A 1 121 CYS 121 121 121 CYS CYS A . n 
# 
loop_
_pdbx_nonpoly_scheme.asym_id 
_pdbx_nonpoly_scheme.entity_id 
_pdbx_nonpoly_scheme.mon_id 
_pdbx_nonpoly_scheme.ndb_seq_num 
_pdbx_nonpoly_scheme.pdb_seq_num 
_pdbx_nonpoly_scheme.auth_seq_num 
_pdbx_nonpoly_scheme.pdb_mon_id 
_pdbx_nonpoly_scheme.auth_mon_id 
_pdbx_nonpoly_scheme.pdb_strand_id 
_pdbx_nonpoly_scheme.pdb_ins_code 
B 2 SO4 1  157 157 SO4 SO4 A . 
C 3 HOH 1  158 158 HOH HOH A . 
C 3 HOH 2  159 159 HOH HOH A . 
C 3 HOH 3  160 160 HOH HOH A . 
C 3 HOH 4  161 161 HOH HOH A . 
C 3 HOH 5  162 162 HOH HOH A . 
C 3 HOH 6  163 163 HOH HOH A . 
C 3 HOH 7  164 164 HOH HOH A . 
C 3 HOH 8  165 165 HOH HOH A . 
C 3 HOH 9  166 166 HOH HOH A . 
C 3 HOH 10 167 167 HOH HOH A . 
C 3 HOH 11 168 168 HOH HOH A . 
C 3 HOH 12 169 169 HOH HOH A . 
C 3 HOH 13 171 171 HOH HOH A . 
C 3 HOH 14 172 172 HOH HOH A . 
C 3 HOH 15 173 173 HOH HOH A . 
C 3 HOH 16 174 174 HOH HOH A . 
C 3 HOH 17 176 176 HOH HOH A . 
C 3 HOH 18 177 177 HOH HOH A . 
C 3 HOH 19 178 178 HOH HOH A . 
C 3 HOH 20 179 179 HOH HOH A . 
C 3 HOH 21 180 180 HOH HOH A . 
C 3 HOH 22 181 181 HOH HOH A . 
C 3 HOH 23 183 183 HOH HOH A . 
C 3 HOH 24 184 184 HOH HOH A . 
C 3 HOH 25 185 185 HOH HOH A . 
C 3 HOH 26 186 186 HOH HOH A . 
C 3 HOH 27 187 187 HOH HOH A . 
C 3 HOH 28 188 188 HOH HOH A . 
C 3 HOH 29 190 190 HOH HOH A . 
C 3 HOH 30 191 191 HOH HOH A . 
C 3 HOH 31 192 192 HOH HOH A . 
C 3 HOH 32 193 193 HOH HOH A . 
C 3 HOH 33 194 194 HOH HOH A . 
C 3 HOH 34 195 195 HOH HOH A . 
C 3 HOH 35 197 197 HOH HOH A . 
C 3 HOH 36 198 198 HOH HOH A . 
C 3 HOH 37 199 199 HOH HOH A . 
C 3 HOH 38 200 200 HOH HOH A . 
C 3 HOH 39 202 202 HOH HOH A . 
C 3 HOH 40 203 203 HOH HOH A . 
C 3 HOH 41 205 205 HOH HOH A . 
C 3 HOH 42 207 207 HOH HOH A . 
C 3 HOH 43 208 208 HOH HOH A . 
C 3 HOH 44 209 209 HOH HOH A . 
C 3 HOH 45 211 211 HOH HOH A . 
C 3 HOH 46 213 213 HOH HOH A . 
C 3 HOH 47 214 214 HOH HOH A . 
C 3 HOH 48 215 215 HOH HOH A . 
C 3 HOH 49 216 216 HOH HOH A . 
C 3 HOH 50 218 218 HOH HOH A . 
C 3 HOH 51 219 219 HOH HOH A . 
C 3 HOH 52 220 220 HOH HOH A . 
C 3 HOH 53 222 222 HOH HOH A . 
C 3 HOH 54 223 223 HOH HOH A . 
C 3 HOH 55 224 224 HOH HOH A . 
C 3 HOH 56 225 225 HOH HOH A . 
C 3 HOH 57 226 226 HOH HOH A . 
C 3 HOH 58 227 227 HOH HOH A . 
C 3 HOH 59 228 228 HOH HOH A . 
C 3 HOH 60 229 229 HOH HOH A . 
C 3 HOH 61 230 230 HOH HOH A . 
C 3 HOH 62 231 231 HOH HOH A . 
C 3 HOH 63 232 232 HOH HOH A . 
C 3 HOH 64 233 233 HOH HOH A . 
C 3 HOH 65 234 234 HOH HOH A . 
C 3 HOH 66 235 235 HOH HOH A . 
C 3 HOH 67 236 236 HOH HOH A . 
C 3 HOH 68 237 237 HOH HOH A . 
C 3 HOH 69 238 238 HOH HOH A . 
C 3 HOH 70 239 239 HOH HOH A . 
C 3 HOH 71 240 240 HOH HOH A . 
# 
loop_
_pdbx_unobs_or_zero_occ_atoms.id 
_pdbx_unobs_or_zero_occ_atoms.PDB_model_num 
_pdbx_unobs_or_zero_occ_atoms.polymer_flag 
_pdbx_unobs_or_zero_occ_atoms.occupancy_flag 
_pdbx_unobs_or_zero_occ_atoms.auth_asym_id 
_pdbx_unobs_or_zero_occ_atoms.auth_comp_id 
_pdbx_unobs_or_zero_occ_atoms.auth_seq_id 
_pdbx_unobs_or_zero_occ_atoms.PDB_ins_code 
_pdbx_unobs_or_zero_occ_atoms.auth_atom_id 
_pdbx_unobs_or_zero_occ_atoms.label_alt_id 
_pdbx_unobs_or_zero_occ_atoms.label_asym_id 
_pdbx_unobs_or_zero_occ_atoms.label_comp_id 
_pdbx_unobs_or_zero_occ_atoms.label_seq_id 
_pdbx_unobs_or_zero_occ_atoms.label_atom_id 
1 1 Y 1 A ARG 42 ? CG  ? A ARG 42 CG  
2 1 Y 1 A ARG 42 ? CD  ? A ARG 42 CD  
3 1 Y 1 A ARG 42 ? NE  ? A ARG 42 NE  
4 1 Y 1 A ARG 42 ? CZ  ? A ARG 42 CZ  
5 1 Y 1 A ARG 42 ? NH1 ? A ARG 42 NH1 
6 1 Y 1 A ARG 42 ? NH2 ? A ARG 42 NH2 
# 
loop_
_software.name 
_software.classification 
_software.version 
_software.citation_id 
_software.pdbx_ordinal 
REFMAC    refinement       5.1.24 ? 1 
DENZO     'data reduction' .      ? 2 
SCALEPACK 'data scaling'   .      ? 3 
AMoRE     phasing          .      ? 4 
# 
_cell.entry_id           2AOZ 
_cell.length_a           68.939 
_cell.length_b           68.939 
_cell.length_c           64.069 
_cell.angle_alpha        90.00 
_cell.angle_beta         90.00 
_cell.angle_gamma        90.00 
_cell.Z_PDB              8 
_cell.pdbx_unique_axis   ? 
# 
_symmetry.entry_id                         2AOZ 
_symmetry.space_group_name_H-M             'P 43 21 2' 
_symmetry.pdbx_full_space_group_name_H-M   ? 
_symmetry.cell_setting                     ? 
_symmetry.Int_Tables_number                96 
_symmetry.space_group_name_Hall            ? 
# 
_exptl.entry_id          2AOZ 
_exptl.method            'X-RAY DIFFRACTION' 
_exptl.crystals_number   1 
# 
_exptl_crystal.id                    1 
_exptl_crystal.density_meas          ? 
_exptl_crystal.density_Matthews      2.66 
_exptl_crystal.density_percent_sol   53.4 
_exptl_crystal.description           ? 
_exptl_crystal.F_000                 ? 
_exptl_crystal.preparation           ? 
# 
_exptl_crystal_grow.crystal_id      1 
_exptl_crystal_grow.method          'VAPOR DIFFUSION, HANGING DROP' 
_exptl_crystal_grow.temp            293 
_exptl_crystal_grow.temp_details    ? 
_exptl_crystal_grow.pH              4.6 
_exptl_crystal_grow.pdbx_details    'ammonium sulfate, peg 3350, pH 4.6, VAPOR DIFFUSION, HANGING DROP, temperature 293K' 
_exptl_crystal_grow.pdbx_pH_range   . 
# 
_diffrn.id                     1 
_diffrn.ambient_temp           100 
_diffrn.ambient_temp_details   ? 
_diffrn.crystal_id             1 
# 
_diffrn_detector.diffrn_id              1 
_diffrn_detector.detector               CCD 
_diffrn_detector.type                   MARRESEARCH 
_diffrn_detector.pdbx_collection_date   2004-05-15 
_diffrn_detector.details                ? 
# 
_diffrn_radiation.diffrn_id                        1 
_diffrn_radiation.wavelength_id                    1 
_diffrn_radiation.pdbx_monochromatic_or_laue_m_l   M 
_diffrn_radiation.monochromator                    graphite 
_diffrn_radiation.pdbx_diffrn_protocol             'SINGLE WAVELENGTH' 
_diffrn_radiation.pdbx_scattering_type             x-ray 
# 
_diffrn_radiation_wavelength.id           1 
_diffrn_radiation_wavelength.wavelength   1.427 
_diffrn_radiation_wavelength.wt           1.0 
# 
_diffrn_source.diffrn_id                   1 
_diffrn_source.source                      SYNCHROTRON 
_diffrn_source.type                        'LNLS BEAMLINE D03B-MX1' 
_diffrn_source.pdbx_synchrotron_site       LNLS 
_diffrn_source.pdbx_synchrotron_beamline   D03B-MX1 
_diffrn_source.pdbx_wavelength             ? 
_diffrn_source.pdbx_wavelength_list        1.427 
# 
_reflns.entry_id                     2AOZ 
_reflns.observed_criterion_sigma_F   0.0 
_reflns.observed_criterion_sigma_I   1.0 
_reflns.d_resolution_high            2.08 
_reflns.d_resolution_low             30.36 
_reflns.number_all                   9671 
_reflns.number_obs                   9272 
_reflns.percent_possible_obs         99.1 
_reflns.pdbx_Rmerge_I_obs            ? 
_reflns.pdbx_Rsym_value              ? 
_reflns.pdbx_netI_over_sigmaI        ? 
_reflns.B_iso_Wilson_estimate        ? 
_reflns.pdbx_redundancy              ? 
_reflns.R_free_details               ? 
_reflns.limit_h_max                  ? 
_reflns.limit_h_min                  ? 
_reflns.limit_k_max                  ? 
_reflns.limit_k_min                  ? 
_reflns.limit_l_max                  ? 
_reflns.limit_l_min                  ? 
_reflns.observed_criterion_F_max     ? 
_reflns.observed_criterion_F_min     ? 
_reflns.pdbx_chi_squared             ? 
_reflns.pdbx_scaling_rejects         ? 
_reflns.pdbx_ordinal                 1 
_reflns.pdbx_diffrn_id               1 
# 
_reflns_shell.d_res_high             2.08 
_reflns_shell.d_res_low              2.19 
_reflns_shell.percent_possible_all   94.1 
_reflns_shell.Rmerge_I_obs           ? 
_reflns_shell.pdbx_Rsym_value        ? 
_reflns_shell.meanI_over_sigI_obs    ? 
_reflns_shell.pdbx_redundancy        ? 
_reflns_shell.percent_possible_obs   ? 
_reflns_shell.number_unique_all      ? 
_reflns_shell.number_measured_all    ? 
_reflns_shell.number_measured_obs    ? 
_reflns_shell.number_unique_obs      ? 
_reflns_shell.pdbx_chi_squared       ? 
_reflns_shell.pdbx_ordinal           1 
_reflns_shell.pdbx_diffrn_id         1 
# 
_refine.entry_id                                 2AOZ 
_refine.ls_number_reflns_obs                     9203 
_refine.ls_number_reflns_all                     9671 
_refine.pdbx_ls_sigma_I                          ? 
_refine.pdbx_ls_sigma_F                          0 
_refine.pdbx_data_cutoff_high_absF               ? 
_refine.pdbx_data_cutoff_low_absF                ? 
_refine.pdbx_data_cutoff_high_rms_absF           ? 
_refine.ls_d_res_low                             30.36 
_refine.ls_d_res_high                            2.08 
_refine.ls_percent_reflns_obs                    99.41 
_refine.ls_R_factor_obs                          0.22148 
_refine.ls_R_factor_all                          0.2315 
_refine.ls_R_factor_R_work                       0.21895 
_refine.ls_R_factor_R_free                       0.27502 
_refine.ls_R_factor_R_free_error                 ? 
_refine.ls_R_factor_R_free_error_details         ? 
_refine.ls_percent_reflns_R_free                 4.8 
_refine.ls_number_reflns_R_free                  466 
_refine.ls_number_parameters                     ? 
_refine.ls_number_restraints                     ? 
_refine.occupancy_min                            ? 
_refine.occupancy_max                            ? 
_refine.correlation_coeff_Fo_to_Fc               0.944 
_refine.correlation_coeff_Fo_to_Fc_free          0.903 
_refine.B_iso_mean                               30.485 
_refine.aniso_B[1][1]                            -1.02 
_refine.aniso_B[2][2]                            -1.02 
_refine.aniso_B[3][3]                            2.04 
_refine.aniso_B[1][2]                            0.00 
_refine.aniso_B[1][3]                            0.00 
_refine.aniso_B[2][3]                            0.00 
_refine.solvent_model_details                    'BABINET MODEL WITH MASK' 
_refine.solvent_model_param_ksol                 ? 
_refine.solvent_model_param_bsol                 ? 
_refine.pdbx_solvent_vdw_probe_radii             1.40 
_refine.pdbx_solvent_ion_probe_radii             0.80 
_refine.pdbx_solvent_shrinkage_radii             0.80 
_refine.pdbx_ls_cross_valid_method               THROUGHOUT 
_refine.details                                  ? 
_refine.pdbx_starting_model                      'PDB entry: 1MC2' 
_refine.pdbx_method_to_determine_struct          'MOLECULAR REPLACEMENT' 
_refine.pdbx_isotropic_thermal_model             isotropic 
_refine.pdbx_stereochemistry_target_values       'MAXIMUM LIKELIHOOD' 
_refine.pdbx_stereochem_target_val_spec_case     ? 
_refine.pdbx_R_Free_selection_details            RANDOM 
_refine.pdbx_overall_ESU_R                       0.207 
_refine.pdbx_overall_ESU_R_Free                  0.194 
_refine.overall_SU_ML                            0.161 
_refine.overall_SU_B                             6.342 
_refine.ls_redundancy_reflns_obs                 ? 
_refine.B_iso_min                                ? 
_refine.B_iso_max                                ? 
_refine.overall_SU_R_Cruickshank_DPI             ? 
_refine.overall_SU_R_free                        ? 
_refine.ls_wR_factor_R_free                      ? 
_refine.ls_wR_factor_R_work                      ? 
_refine.overall_FOM_free_R_set                   ? 
_refine.overall_FOM_work_R_set                   ? 
_refine.pdbx_refine_id                           'X-RAY DIFFRACTION' 
_refine.pdbx_TLS_residual_ADP_flag               'LIKELY RESIDUAL' 
_refine.pdbx_diffrn_id                           1 
_refine.pdbx_overall_phase_error                 ? 
_refine.pdbx_overall_SU_R_free_Cruickshank_DPI   ? 
_refine.pdbx_overall_SU_R_Blow_DPI               ? 
_refine.pdbx_overall_SU_R_free_Blow_DPI          ? 
# 
_refine_hist.pdbx_refine_id                   'X-RAY DIFFRACTION' 
_refine_hist.cycle_id                         LAST 
_refine_hist.pdbx_number_atoms_protein        946 
_refine_hist.pdbx_number_atoms_nucleic_acid   0 
_refine_hist.pdbx_number_atoms_ligand         5 
_refine_hist.number_atoms_solvent             71 
_refine_hist.number_atoms_total               1022 
_refine_hist.d_res_high                       2.08 
_refine_hist.d_res_low                        30.36 
# 
loop_
_refine_ls_restr.type 
_refine_ls_restr.dev_ideal 
_refine_ls_restr.dev_ideal_target 
_refine_ls_restr.weight 
_refine_ls_restr.number 
_refine_ls_restr.pdbx_refine_id 
_refine_ls_restr.pdbx_restraint_function 
r_bond_refined_d         0.014 0.021 ? 978  'X-RAY DIFFRACTION' ? 
r_angle_refined_deg      1.398 1.981 ? 1323 'X-RAY DIFFRACTION' ? 
r_dihedral_angle_1_deg   5.960 5.000 ? 120  'X-RAY DIFFRACTION' ? 
r_chiral_restr           0.093 0.200 ? 136  'X-RAY DIFFRACTION' ? 
r_gen_planes_refined     0.005 0.020 ? 726  'X-RAY DIFFRACTION' ? 
r_nbd_refined            0.228 0.300 ? 491  'X-RAY DIFFRACTION' ? 
r_xyhbond_nbd_refined    0.249 0.500 ? 97   'X-RAY DIFFRACTION' ? 
r_symmetry_vdw_refined   0.298 0.300 ? 40   'X-RAY DIFFRACTION' ? 
r_symmetry_hbond_refined 0.320 0.500 ? 9    'X-RAY DIFFRACTION' ? 
r_mcbond_it              0.498 1.500 ? 604  'X-RAY DIFFRACTION' ? 
r_mcangle_it             0.907 2.000 ? 969  'X-RAY DIFFRACTION' ? 
r_scbond_it              1.650 3.000 ? 374  'X-RAY DIFFRACTION' ? 
r_scangle_it             2.471 4.500 ? 354  'X-RAY DIFFRACTION' ? 
# 
_refine_ls_shell.pdbx_total_number_of_bins_used   20 
_refine_ls_shell.d_res_high                       2.08 
_refine_ls_shell.d_res_low                        2.135 
_refine_ls_shell.number_reflns_R_work             616 
_refine_ls_shell.R_factor_R_work                  0.292 
_refine_ls_shell.percent_reflns_obs               ? 
_refine_ls_shell.R_factor_R_free                  0.366 
_refine_ls_shell.R_factor_R_free_error            ? 
_refine_ls_shell.percent_reflns_R_free            ? 
_refine_ls_shell.number_reflns_R_free             35 
_refine_ls_shell.number_reflns_obs                ? 
_refine_ls_shell.redundancy_reflns_obs            ? 
_refine_ls_shell.number_reflns_all                ? 
_refine_ls_shell.pdbx_refine_id                   'X-RAY DIFFRACTION' 
_refine_ls_shell.R_factor_all                     ? 
# 
_struct.entry_id                  2AOZ 
_struct.title                     'Crystal structure of the myotoxin-II from Atropoides nummifer venom' 
_struct.pdbx_model_details        ? 
_struct.pdbx_CASP_flag            ? 
_struct.pdbx_model_type_details   ? 
# 
_struct_keywords.entry_id        2AOZ 
_struct_keywords.pdbx_keywords   TOXIN 
_struct_keywords.text            'X-ray diffration, myotoxicity, phospholipase A2, Atropoides nummifer, TOXIN' 
# 
loop_
_struct_asym.id 
_struct_asym.pdbx_blank_PDB_chainid_flag 
_struct_asym.pdbx_modified 
_struct_asym.entity_id 
_struct_asym.details 
A N N 1 ? 
B N N 2 ? 
C N N 3 ? 
# 
_struct_ref.id                         1 
_struct_ref.db_name                    UNP 
_struct_ref.db_code                    PA2H_ATRNM 
_struct_ref.pdbx_db_accession          P82950 
_struct_ref.entity_id                  1 
_struct_ref.pdbx_align_begin           1 
_struct_ref.pdbx_db_isoform            ? 
_struct_ref.pdbx_seq_one_letter_code   ? 
# 
_struct_ref_seq.align_id                      1 
_struct_ref_seq.ref_id                        1 
_struct_ref_seq.pdbx_PDB_id_code              2AOZ 
_struct_ref_seq.pdbx_strand_id                A 
_struct_ref_seq.seq_align_beg                 1 
_struct_ref_seq.pdbx_seq_align_beg_ins_code   ? 
_struct_ref_seq.seq_align_end                 121 
_struct_ref_seq.pdbx_seq_align_end_ins_code   ? 
_struct_ref_seq.pdbx_db_accession             P82950 
_struct_ref_seq.db_align_beg                  1 
_struct_ref_seq.pdbx_db_align_beg_ins_code    ? 
_struct_ref_seq.db_align_end                  121 
_struct_ref_seq.pdbx_db_align_end_ins_code    ? 
_struct_ref_seq.pdbx_auth_seq_align_beg       1 
_struct_ref_seq.pdbx_auth_seq_align_end       121 
# 
_pdbx_struct_assembly.id                   1 
_pdbx_struct_assembly.details              author_defined_assembly 
_pdbx_struct_assembly.method_details       ? 
_pdbx_struct_assembly.oligomeric_details   monomeric 
_pdbx_struct_assembly.oligomeric_count     1 
# 
_pdbx_struct_assembly_gen.assembly_id       1 
_pdbx_struct_assembly_gen.oper_expression   1 
_pdbx_struct_assembly_gen.asym_id_list      A,B,C 
# 
_pdbx_struct_oper_list.id                   1 
_pdbx_struct_oper_list.type                 'identity operation' 
_pdbx_struct_oper_list.name                 1_555 
_pdbx_struct_oper_list.symmetry_operation   x,y,z 
_pdbx_struct_oper_list.matrix[1][1]         1.0000000000 
_pdbx_struct_oper_list.matrix[1][2]         0.0000000000 
_pdbx_struct_oper_list.matrix[1][3]         0.0000000000 
_pdbx_struct_oper_list.vector[1]            0.0000000000 
_pdbx_struct_oper_list.matrix[2][1]         0.0000000000 
_pdbx_struct_oper_list.matrix[2][2]         1.0000000000 
_pdbx_struct_oper_list.matrix[2][3]         0.0000000000 
_pdbx_struct_oper_list.vector[2]            0.0000000000 
_pdbx_struct_oper_list.matrix[3][1]         0.0000000000 
_pdbx_struct_oper_list.matrix[3][2]         0.0000000000 
_pdbx_struct_oper_list.matrix[3][3]         1.0000000000 
_pdbx_struct_oper_list.vector[3]            0.0000000000 
# 
_struct_biol.id   1 
# 
loop_
_struct_conf.conf_type_id 
_struct_conf.id 
_struct_conf.pdbx_PDB_helix_id 
_struct_conf.beg_label_comp_id 
_struct_conf.beg_label_asym_id 
_struct_conf.beg_label_seq_id 
_struct_conf.pdbx_beg_PDB_ins_code 
_struct_conf.end_label_comp_id 
_struct_conf.end_label_asym_id 
_struct_conf.end_label_seq_id 
_struct_conf.pdbx_end_PDB_ins_code 
_struct_conf.beg_auth_comp_id 
_struct_conf.beg_auth_asym_id 
_struct_conf.beg_auth_seq_id 
_struct_conf.end_auth_comp_id 
_struct_conf.end_auth_asym_id 
_struct_conf.end_auth_seq_id 
_struct_conf.pdbx_PDB_helix_class 
_struct_conf.details 
_struct_conf.pdbx_PDB_helix_length 
HELX_P HELX_P1 1 ASN A 1   ? GLY A 14  ? ASN A 1   GLY A 14  1 ? 14 
HELX_P HELX_P2 2 ASN A 16  ? GLY A 22  ? ASN A 16  GLY A 22  1 ? 7  
HELX_P HELX_P3 3 ASP A 38  ? TYR A 51  ? ASP A 38  TYR A 51  1 ? 14 
HELX_P HELX_P4 4 LYS A 52  ? LEU A 54  ? LYS A 52  LEU A 54  5 ? 3  
HELX_P HELX_P5 5 ASN A 79  ? ASN A 99  ? ASN A 79  ASN A 99  1 ? 21 
HELX_P HELX_P6 6 PRO A 111 ? CYS A 115 ? PRO A 111 CYS A 115 5 ? 5  
# 
_struct_conf_type.id          HELX_P 
_struct_conf_type.criteria    ? 
_struct_conf_type.reference   ? 
# 
loop_
_struct_conn.id 
_struct_conn.conn_type_id 
_struct_conn.pdbx_leaving_atom_flag 
_struct_conn.pdbx_PDB_id 
_struct_conn.ptnr1_label_asym_id 
_struct_conn.ptnr1_label_comp_id 
_struct_conn.ptnr1_label_seq_id 
_struct_conn.ptnr1_label_atom_id 
_struct_conn.pdbx_ptnr1_label_alt_id 
_struct_conn.pdbx_ptnr1_PDB_ins_code 
_struct_conn.pdbx_ptnr1_standard_comp_id 
_struct_conn.ptnr1_symmetry 
_struct_conn.ptnr2_label_asym_id 
_struct_conn.ptnr2_label_comp_id 
_struct_conn.ptnr2_label_seq_id 
_struct_conn.ptnr2_label_atom_id 
_struct_conn.pdbx_ptnr2_label_alt_id 
_struct_conn.pdbx_ptnr2_PDB_ins_code 
_struct_conn.ptnr1_auth_asym_id 
_struct_conn.ptnr1_auth_comp_id 
_struct_conn.ptnr1_auth_seq_id 
_struct_conn.ptnr2_auth_asym_id 
_struct_conn.ptnr2_auth_comp_id 
_struct_conn.ptnr2_auth_seq_id 
_struct_conn.ptnr2_symmetry 
_struct_conn.pdbx_ptnr3_label_atom_id 
_struct_conn.pdbx_ptnr3_label_seq_id 
_struct_conn.pdbx_ptnr3_label_comp_id 
_struct_conn.pdbx_ptnr3_label_asym_id 
_struct_conn.pdbx_ptnr3_label_alt_id 
_struct_conn.pdbx_ptnr3_PDB_ins_code 
_struct_conn.details 
_struct_conn.pdbx_dist_value 
_struct_conn.pdbx_value_order 
_struct_conn.pdbx_role 
disulf1 disulf ? ? A CYS 26 SG ? ? ? 1_555 A CYS 115 SG ? ? A CYS 26 A CYS 115 1_555 ? ? ? ? ? ? ? 2.031 ? ? 
disulf2 disulf ? ? A CYS 28 SG ? ? ? 1_555 A CYS 44  SG ? ? A CYS 28 A CYS 44  1_555 ? ? ? ? ? ? ? 2.034 ? ? 
disulf3 disulf ? ? A CYS 43 SG ? ? ? 1_555 A CYS 95  SG ? ? A CYS 43 A CYS 95  1_555 ? ? ? ? ? ? ? 2.027 ? ? 
disulf4 disulf ? ? A CYS 49 SG ? ? ? 1_555 A CYS 121 SG ? ? A CYS 49 A CYS 121 1_555 ? ? ? ? ? ? ? 2.037 ? ? 
disulf5 disulf ? ? A CYS 50 SG ? ? ? 1_555 A CYS 88  SG ? ? A CYS 50 A CYS 88  1_555 ? ? ? ? ? ? ? 2.046 ? ? 
disulf6 disulf ? ? A CYS 57 SG ? ? ? 1_555 A CYS 81  SG ? ? A CYS 57 A CYS 81  1_555 ? ? ? ? ? ? ? 2.028 ? ? 
disulf7 disulf ? ? A CYS 75 SG ? ? ? 1_555 A CYS 86  SG ? ? A CYS 75 A CYS 86  1_555 ? ? ? ? ? ? ? 2.021 ? ? 
# 
_struct_conn_type.id          disulf 
_struct_conn_type.criteria    ? 
_struct_conn_type.reference   ? 
# 
loop_
_pdbx_modification_feature.ordinal 
_pdbx_modification_feature.label_comp_id 
_pdbx_modification_feature.label_asym_id 
_pdbx_modification_feature.label_seq_id 
_pdbx_modification_feature.label_alt_id 
_pdbx_modification_feature.modified_residue_label_comp_id 
_pdbx_modification_feature.modified_residue_label_asym_id 
_pdbx_modification_feature.modified_residue_label_seq_id 
_pdbx_modification_feature.modified_residue_label_alt_id 
_pdbx_modification_feature.auth_comp_id 
_pdbx_modification_feature.auth_asym_id 
_pdbx_modification_feature.auth_seq_id 
_pdbx_modification_feature.PDB_ins_code 
_pdbx_modification_feature.symmetry 
_pdbx_modification_feature.modified_residue_auth_comp_id 
_pdbx_modification_feature.modified_residue_auth_asym_id 
_pdbx_modification_feature.modified_residue_auth_seq_id 
_pdbx_modification_feature.modified_residue_PDB_ins_code 
_pdbx_modification_feature.modified_residue_symmetry 
_pdbx_modification_feature.comp_id_linking_atom 
_pdbx_modification_feature.modified_residue_id_linking_atom 
_pdbx_modification_feature.modified_residue_id 
_pdbx_modification_feature.ref_pcm_id 
_pdbx_modification_feature.ref_comp_id 
_pdbx_modification_feature.type 
_pdbx_modification_feature.category 
1 CYS A 26 ? CYS A 115 ? CYS A 26 ? 1_555 CYS A 115 ? 1_555 SG SG . . . None 'Disulfide bridge' 
2 CYS A 28 ? CYS A 44  ? CYS A 28 ? 1_555 CYS A 44  ? 1_555 SG SG . . . None 'Disulfide bridge' 
3 CYS A 43 ? CYS A 95  ? CYS A 43 ? 1_555 CYS A 95  ? 1_555 SG SG . . . None 'Disulfide bridge' 
4 CYS A 49 ? CYS A 121 ? CYS A 49 ? 1_555 CYS A 121 ? 1_555 SG SG . . . None 'Disulfide bridge' 
5 CYS A 50 ? CYS A 88  ? CYS A 50 ? 1_555 CYS A 88  ? 1_555 SG SG . . . None 'Disulfide bridge' 
6 CYS A 57 ? CYS A 81  ? CYS A 57 ? 1_555 CYS A 81  ? 1_555 SG SG . . . None 'Disulfide bridge' 
7 CYS A 75 ? CYS A 86  ? CYS A 75 ? 1_555 CYS A 86  ? 1_555 SG SG . . . None 'Disulfide bridge' 
# 
_struct_sheet.id               A 
_struct_sheet.type             ? 
_struct_sheet.number_strands   2 
_struct_sheet.details          ? 
# 
_struct_sheet_order.sheet_id     A 
_struct_sheet_order.range_id_1   1 
_struct_sheet_order.range_id_2   2 
_struct_sheet_order.offset       ? 
_struct_sheet_order.sense        anti-parallel 
# 
loop_
_struct_sheet_range.sheet_id 
_struct_sheet_range.id 
_struct_sheet_range.beg_label_comp_id 
_struct_sheet_range.beg_label_asym_id 
_struct_sheet_range.beg_label_seq_id 
_struct_sheet_range.pdbx_beg_PDB_ins_code 
_struct_sheet_range.end_label_comp_id 
_struct_sheet_range.end_label_asym_id 
_struct_sheet_range.end_label_seq_id 
_struct_sheet_range.pdbx_end_PDB_ins_code 
_struct_sheet_range.beg_auth_comp_id 
_struct_sheet_range.beg_auth_asym_id 
_struct_sheet_range.beg_auth_seq_id 
_struct_sheet_range.end_auth_comp_id 
_struct_sheet_range.end_auth_asym_id 
_struct_sheet_range.end_auth_seq_id 
A 1 TYR A 66 ? TRP A 68 ? TYR A 66 TRP A 68 
A 2 ILE A 73 ? CYS A 75 ? ILE A 73 CYS A 75 
# 
_pdbx_struct_sheet_hbond.sheet_id                A 
_pdbx_struct_sheet_hbond.range_id_1              1 
_pdbx_struct_sheet_hbond.range_id_2              2 
_pdbx_struct_sheet_hbond.range_1_label_atom_id   N 
_pdbx_struct_sheet_hbond.range_1_label_comp_id   SER 
_pdbx_struct_sheet_hbond.range_1_label_asym_id   A 
_pdbx_struct_sheet_hbond.range_1_label_seq_id    67 
_pdbx_struct_sheet_hbond.range_1_PDB_ins_code    ? 
_pdbx_struct_sheet_hbond.range_1_auth_atom_id    N 
_pdbx_struct_sheet_hbond.range_1_auth_comp_id    SER 
_pdbx_struct_sheet_hbond.range_1_auth_asym_id    A 
_pdbx_struct_sheet_hbond.range_1_auth_seq_id     67 
_pdbx_struct_sheet_hbond.range_2_label_atom_id   O 
_pdbx_struct_sheet_hbond.range_2_label_comp_id   VAL 
_pdbx_struct_sheet_hbond.range_2_label_asym_id   A 
_pdbx_struct_sheet_hbond.range_2_label_seq_id    74 
_pdbx_struct_sheet_hbond.range_2_PDB_ins_code    ? 
_pdbx_struct_sheet_hbond.range_2_auth_atom_id    O 
_pdbx_struct_sheet_hbond.range_2_auth_comp_id    VAL 
_pdbx_struct_sheet_hbond.range_2_auth_asym_id    A 
_pdbx_struct_sheet_hbond.range_2_auth_seq_id     74 
# 
_struct_site.id                   AC1 
_struct_site.pdbx_evidence_code   Software 
_struct_site.pdbx_auth_asym_id    A 
_struct_site.pdbx_auth_comp_id    SO4 
_struct_site.pdbx_auth_seq_id     157 
_struct_site.pdbx_auth_ins_code   ? 
_struct_site.pdbx_num_residues    4 
_struct_site.details              'BINDING SITE FOR RESIDUE SO4 A 157' 
# 
loop_
_struct_site_gen.id 
_struct_site_gen.site_id 
_struct_site_gen.pdbx_num_res 
_struct_site_gen.label_comp_id 
_struct_site_gen.label_asym_id 
_struct_site_gen.label_seq_id 
_struct_site_gen.pdbx_auth_ins_code 
_struct_site_gen.auth_comp_id 
_struct_site_gen.auth_asym_id 
_struct_site_gen.auth_seq_id 
_struct_site_gen.label_atom_id 
_struct_site_gen.label_alt_id 
_struct_site_gen.symmetry 
_struct_site_gen.details 
1 AC1 4 SER A 32 ? SER A 32  . ? 1_555 ? 
2 AC1 4 ARG A 33 ? ARG A 33  . ? 1_555 ? 
3 AC1 4 LYS A 52 ? LYS A 52  . ? 1_555 ? 
4 AC1 4 HOH C .  ? HOH A 220 . ? 1_555 ? 
# 
_pdbx_entry_details.entry_id                   2AOZ 
_pdbx_entry_details.compound_details           ? 
_pdbx_entry_details.source_details             ? 
_pdbx_entry_details.nonpolymer_details         ? 
_pdbx_entry_details.sequence_details           ? 
_pdbx_entry_details.has_ligand_of_interest     ? 
_pdbx_entry_details.has_protein_modification   Y 
# 
_pdbx_validate_close_contact.id               1 
_pdbx_validate_close_contact.PDB_model_num    1 
_pdbx_validate_close_contact.auth_atom_id_1   O 
_pdbx_validate_close_contact.auth_asym_id_1   A 
_pdbx_validate_close_contact.auth_comp_id_1   HOH 
_pdbx_validate_close_contact.auth_seq_id_1    161 
_pdbx_validate_close_contact.PDB_ins_code_1   ? 
_pdbx_validate_close_contact.label_alt_id_1   ? 
_pdbx_validate_close_contact.auth_atom_id_2   O 
_pdbx_validate_close_contact.auth_asym_id_2   A 
_pdbx_validate_close_contact.auth_comp_id_2   HOH 
_pdbx_validate_close_contact.auth_seq_id_2    232 
_pdbx_validate_close_contact.PDB_ins_code_2   ? 
_pdbx_validate_close_contact.label_alt_id_2   ? 
_pdbx_validate_close_contact.dist             2.14 
# 
loop_
_pdbx_validate_rmsd_bond.id 
_pdbx_validate_rmsd_bond.PDB_model_num 
_pdbx_validate_rmsd_bond.auth_atom_id_1 
_pdbx_validate_rmsd_bond.auth_asym_id_1 
_pdbx_validate_rmsd_bond.auth_comp_id_1 
_pdbx_validate_rmsd_bond.auth_seq_id_1 
_pdbx_validate_rmsd_bond.PDB_ins_code_1 
_pdbx_validate_rmsd_bond.label_alt_id_1 
_pdbx_validate_rmsd_bond.auth_atom_id_2 
_pdbx_validate_rmsd_bond.auth_asym_id_2 
_pdbx_validate_rmsd_bond.auth_comp_id_2 
_pdbx_validate_rmsd_bond.auth_seq_id_2 
_pdbx_validate_rmsd_bond.PDB_ins_code_2 
_pdbx_validate_rmsd_bond.label_alt_id_2 
_pdbx_validate_rmsd_bond.bond_value 
_pdbx_validate_rmsd_bond.bond_target_value 
_pdbx_validate_rmsd_bond.bond_deviation 
_pdbx_validate_rmsd_bond.bond_standard_deviation 
_pdbx_validate_rmsd_bond.linker_flag 
1 1 CD A GLU 85  ? ? OE2 A GLU 85  ? ? 1.166 1.252 -0.086 0.011 N 
2 1 C  A LEU 100 ? ? O   A LEU 100 ? ? 1.352 1.229 0.123  0.019 N 
# 
loop_
_pdbx_validate_rmsd_angle.id 
_pdbx_validate_rmsd_angle.PDB_model_num 
_pdbx_validate_rmsd_angle.auth_atom_id_1 
_pdbx_validate_rmsd_angle.auth_asym_id_1 
_pdbx_validate_rmsd_angle.auth_comp_id_1 
_pdbx_validate_rmsd_angle.auth_seq_id_1 
_pdbx_validate_rmsd_angle.PDB_ins_code_1 
_pdbx_validate_rmsd_angle.label_alt_id_1 
_pdbx_validate_rmsd_angle.auth_atom_id_2 
_pdbx_validate_rmsd_angle.auth_asym_id_2 
_pdbx_validate_rmsd_angle.auth_comp_id_2 
_pdbx_validate_rmsd_angle.auth_seq_id_2 
_pdbx_validate_rmsd_angle.PDB_ins_code_2 
_pdbx_validate_rmsd_angle.label_alt_id_2 
_pdbx_validate_rmsd_angle.auth_atom_id_3 
_pdbx_validate_rmsd_angle.auth_asym_id_3 
_pdbx_validate_rmsd_angle.auth_comp_id_3 
_pdbx_validate_rmsd_angle.auth_seq_id_3 
_pdbx_validate_rmsd_angle.PDB_ins_code_3 
_pdbx_validate_rmsd_angle.label_alt_id_3 
_pdbx_validate_rmsd_angle.angle_value 
_pdbx_validate_rmsd_angle.angle_target_value 
_pdbx_validate_rmsd_angle.angle_deviation 
_pdbx_validate_rmsd_angle.angle_standard_deviation 
_pdbx_validate_rmsd_angle.linker_flag 
1 1 CB A ASP 56  ? ? CG A ASP 56  ? ? OD2 A ASP 56  ? ? 123.72 118.30 5.42 0.90 N 
2 1 CB A ASP 120 ? ? CG A ASP 120 ? ? OD2 A ASP 120 ? ? 123.89 118.30 5.59 0.90 N 
# 
loop_
_pdbx_validate_torsion.id 
_pdbx_validate_torsion.PDB_model_num 
_pdbx_validate_torsion.auth_comp_id 
_pdbx_validate_torsion.auth_asym_id 
_pdbx_validate_torsion.auth_seq_id 
_pdbx_validate_torsion.PDB_ins_code 
_pdbx_validate_torsion.label_alt_id 
_pdbx_validate_torsion.phi 
_pdbx_validate_torsion.psi 
1 1 PHE A 23 ? ? -140.24 18.51   
2 1 ASN A 27 ? ? -141.89 -29.89  
3 1 ASP A 38 ? ? -170.29 -162.02 
4 1 LYS A 69 ? ? -71.48  -168.02 
5 1 ASP A 70 ? ? -47.76  88.29   
# 
_pdbx_refine_tls.id               1 
_pdbx_refine_tls.details          ? 
_pdbx_refine_tls.method           refined 
_pdbx_refine_tls.origin_x         0.1468 
_pdbx_refine_tls.origin_y         -0.0537 
_pdbx_refine_tls.origin_z         0.2957 
_pdbx_refine_tls.T[1][1]          0.0289 
_pdbx_refine_tls.T[2][2]          0.1617 
_pdbx_refine_tls.T[3][3]          0.2165 
_pdbx_refine_tls.T[1][2]          -0.0669 
_pdbx_refine_tls.T[1][3]          0.0344 
_pdbx_refine_tls.T[2][3]          -0.0443 
_pdbx_refine_tls.L[1][1]          4.1304 
_pdbx_refine_tls.L[2][2]          8.9775 
_pdbx_refine_tls.L[3][3]          5.7783 
_pdbx_refine_tls.L[1][2]          -4.1723 
_pdbx_refine_tls.L[1][3]          -2.3344 
_pdbx_refine_tls.L[2][3]          4.4185 
_pdbx_refine_tls.S[1][1]          -0.0720 
_pdbx_refine_tls.S[1][2]          -0.4088 
_pdbx_refine_tls.S[1][3]          0.5697 
_pdbx_refine_tls.S[2][1]          0.0911 
_pdbx_refine_tls.S[2][2]          0.4440 
_pdbx_refine_tls.S[2][3]          -1.0025 
_pdbx_refine_tls.S[3][1]          -0.2577 
_pdbx_refine_tls.S[3][2]          0.5064 
_pdbx_refine_tls.S[3][3]          -0.3720 
_pdbx_refine_tls.pdbx_refine_id   'X-RAY DIFFRACTION' 
# 
_pdbx_refine_tls_group.id                  1 
_pdbx_refine_tls_group.refine_tls_id       1 
_pdbx_refine_tls_group.beg_auth_asym_id    A 
_pdbx_refine_tls_group.beg_auth_seq_id     1 
_pdbx_refine_tls_group.beg_label_asym_id   A 
_pdbx_refine_tls_group.beg_label_seq_id    1 
_pdbx_refine_tls_group.end_auth_asym_id    A 
_pdbx_refine_tls_group.end_auth_seq_id     121 
_pdbx_refine_tls_group.end_label_asym_id   A 
_pdbx_refine_tls_group.end_label_seq_id    121 
_pdbx_refine_tls_group.selection           ? 
_pdbx_refine_tls_group.pdbx_refine_id      'X-RAY DIFFRACTION' 
_pdbx_refine_tls_group.selection_details   ? 
# 
loop_
_chem_comp_atom.comp_id 
_chem_comp_atom.atom_id 
_chem_comp_atom.type_symbol 
_chem_comp_atom.pdbx_aromatic_flag 
_chem_comp_atom.pdbx_stereo_config 
_chem_comp_atom.pdbx_ordinal 
ALA N    N N N 1   
ALA CA   C N S 2   
ALA C    C N N 3   
ALA O    O N N 4   
ALA CB   C N N 5   
ALA OXT  O N N 6   
ALA H    H N N 7   
ALA H2   H N N 8   
ALA HA   H N N 9   
ALA HB1  H N N 10  
ALA HB2  H N N 11  
ALA HB3  H N N 12  
ALA HXT  H N N 13  
ARG N    N N N 14  
ARG CA   C N S 15  
ARG C    C N N 16  
ARG O    O N N 17  
ARG CB   C N N 18  
ARG CG   C N N 19  
ARG CD   C N N 20  
ARG NE   N N N 21  
ARG CZ   C N N 22  
ARG NH1  N N N 23  
ARG NH2  N N N 24  
ARG OXT  O N N 25  
ARG H    H N N 26  
ARG H2   H N N 27  
ARG HA   H N N 28  
ARG HB2  H N N 29  
ARG HB3  H N N 30  
ARG HG2  H N N 31  
ARG HG3  H N N 32  
ARG HD2  H N N 33  
ARG HD3  H N N 34  
ARG HE   H N N 35  
ARG HH11 H N N 36  
ARG HH12 H N N 37  
ARG HH21 H N N 38  
ARG HH22 H N N 39  
ARG HXT  H N N 40  
ASN N    N N N 41  
ASN CA   C N S 42  
ASN C    C N N 43  
ASN O    O N N 44  
ASN CB   C N N 45  
ASN CG   C N N 46  
ASN OD1  O N N 47  
ASN ND2  N N N 48  
ASN OXT  O N N 49  
ASN H    H N N 50  
ASN H2   H N N 51  
ASN HA   H N N 52  
ASN HB2  H N N 53  
ASN HB3  H N N 54  
ASN HD21 H N N 55  
ASN HD22 H N N 56  
ASN HXT  H N N 57  
ASP N    N N N 58  
ASP CA   C N S 59  
ASP C    C N N 60  
ASP O    O N N 61  
ASP CB   C N N 62  
ASP CG   C N N 63  
ASP OD1  O N N 64  
ASP OD2  O N N 65  
ASP OXT  O N N 66  
ASP H    H N N 67  
ASP H2   H N N 68  
ASP HA   H N N 69  
ASP HB2  H N N 70  
ASP HB3  H N N 71  
ASP HD2  H N N 72  
ASP HXT  H N N 73  
CYS N    N N N 74  
CYS CA   C N R 75  
CYS C    C N N 76  
CYS O    O N N 77  
CYS CB   C N N 78  
CYS SG   S N N 79  
CYS OXT  O N N 80  
CYS H    H N N 81  
CYS H2   H N N 82  
CYS HA   H N N 83  
CYS HB2  H N N 84  
CYS HB3  H N N 85  
CYS HG   H N N 86  
CYS HXT  H N N 87  
GLN N    N N N 88  
GLN CA   C N S 89  
GLN C    C N N 90  
GLN O    O N N 91  
GLN CB   C N N 92  
GLN CG   C N N 93  
GLN CD   C N N 94  
GLN OE1  O N N 95  
GLN NE2  N N N 96  
GLN OXT  O N N 97  
GLN H    H N N 98  
GLN H2   H N N 99  
GLN HA   H N N 100 
GLN HB2  H N N 101 
GLN HB3  H N N 102 
GLN HG2  H N N 103 
GLN HG3  H N N 104 
GLN HE21 H N N 105 
GLN HE22 H N N 106 
GLN HXT  H N N 107 
GLU N    N N N 108 
GLU CA   C N S 109 
GLU C    C N N 110 
GLU O    O N N 111 
GLU CB   C N N 112 
GLU CG   C N N 113 
GLU CD   C N N 114 
GLU OE1  O N N 115 
GLU OE2  O N N 116 
GLU OXT  O N N 117 
GLU H    H N N 118 
GLU H2   H N N 119 
GLU HA   H N N 120 
GLU HB2  H N N 121 
GLU HB3  H N N 122 
GLU HG2  H N N 123 
GLU HG3  H N N 124 
GLU HE2  H N N 125 
GLU HXT  H N N 126 
GLY N    N N N 127 
GLY CA   C N N 128 
GLY C    C N N 129 
GLY O    O N N 130 
GLY OXT  O N N 131 
GLY H    H N N 132 
GLY H2   H N N 133 
GLY HA2  H N N 134 
GLY HA3  H N N 135 
GLY HXT  H N N 136 
HIS N    N N N 137 
HIS CA   C N S 138 
HIS C    C N N 139 
HIS O    O N N 140 
HIS CB   C N N 141 
HIS CG   C Y N 142 
HIS ND1  N Y N 143 
HIS CD2  C Y N 144 
HIS CE1  C Y N 145 
HIS NE2  N Y N 146 
HIS OXT  O N N 147 
HIS H    H N N 148 
HIS H2   H N N 149 
HIS HA   H N N 150 
HIS HB2  H N N 151 
HIS HB3  H N N 152 
HIS HD1  H N N 153 
HIS HD2  H N N 154 
HIS HE1  H N N 155 
HIS HE2  H N N 156 
HIS HXT  H N N 157 
HOH O    O N N 158 
HOH H1   H N N 159 
HOH H2   H N N 160 
ILE N    N N N 161 
ILE CA   C N S 162 
ILE C    C N N 163 
ILE O    O N N 164 
ILE CB   C N S 165 
ILE CG1  C N N 166 
ILE CG2  C N N 167 
ILE CD1  C N N 168 
ILE OXT  O N N 169 
ILE H    H N N 170 
ILE H2   H N N 171 
ILE HA   H N N 172 
ILE HB   H N N 173 
ILE HG12 H N N 174 
ILE HG13 H N N 175 
ILE HG21 H N N 176 
ILE HG22 H N N 177 
ILE HG23 H N N 178 
ILE HD11 H N N 179 
ILE HD12 H N N 180 
ILE HD13 H N N 181 
ILE HXT  H N N 182 
LEU N    N N N 183 
LEU CA   C N S 184 
LEU C    C N N 185 
LEU O    O N N 186 
LEU CB   C N N 187 
LEU CG   C N N 188 
LEU CD1  C N N 189 
LEU CD2  C N N 190 
LEU OXT  O N N 191 
LEU H    H N N 192 
LEU H2   H N N 193 
LEU HA   H N N 194 
LEU HB2  H N N 195 
LEU HB3  H N N 196 
LEU HG   H N N 197 
LEU HD11 H N N 198 
LEU HD12 H N N 199 
LEU HD13 H N N 200 
LEU HD21 H N N 201 
LEU HD22 H N N 202 
LEU HD23 H N N 203 
LEU HXT  H N N 204 
LYS N    N N N 205 
LYS CA   C N S 206 
LYS C    C N N 207 
LYS O    O N N 208 
LYS CB   C N N 209 
LYS CG   C N N 210 
LYS CD   C N N 211 
LYS CE   C N N 212 
LYS NZ   N N N 213 
LYS OXT  O N N 214 
LYS H    H N N 215 
LYS H2   H N N 216 
LYS HA   H N N 217 
LYS HB2  H N N 218 
LYS HB3  H N N 219 
LYS HG2  H N N 220 
LYS HG3  H N N 221 
LYS HD2  H N N 222 
LYS HD3  H N N 223 
LYS HE2  H N N 224 
LYS HE3  H N N 225 
LYS HZ1  H N N 226 
LYS HZ2  H N N 227 
LYS HZ3  H N N 228 
LYS HXT  H N N 229 
MET N    N N N 230 
MET CA   C N S 231 
MET C    C N N 232 
MET O    O N N 233 
MET CB   C N N 234 
MET CG   C N N 235 
MET SD   S N N 236 
MET CE   C N N 237 
MET OXT  O N N 238 
MET H    H N N 239 
MET H2   H N N 240 
MET HA   H N N 241 
MET HB2  H N N 242 
MET HB3  H N N 243 
MET HG2  H N N 244 
MET HG3  H N N 245 
MET HE1  H N N 246 
MET HE2  H N N 247 
MET HE3  H N N 248 
MET HXT  H N N 249 
PHE N    N N N 250 
PHE CA   C N S 251 
PHE C    C N N 252 
PHE O    O N N 253 
PHE CB   C N N 254 
PHE CG   C Y N 255 
PHE CD1  C Y N 256 
PHE CD2  C Y N 257 
PHE CE1  C Y N 258 
PHE CE2  C Y N 259 
PHE CZ   C Y N 260 
PHE OXT  O N N 261 
PHE H    H N N 262 
PHE H2   H N N 263 
PHE HA   H N N 264 
PHE HB2  H N N 265 
PHE HB3  H N N 266 
PHE HD1  H N N 267 
PHE HD2  H N N 268 
PHE HE1  H N N 269 
PHE HE2  H N N 270 
PHE HZ   H N N 271 
PHE HXT  H N N 272 
PRO N    N N N 273 
PRO CA   C N S 274 
PRO C    C N N 275 
PRO O    O N N 276 
PRO CB   C N N 277 
PRO CG   C N N 278 
PRO CD   C N N 279 
PRO OXT  O N N 280 
PRO H    H N N 281 
PRO HA   H N N 282 
PRO HB2  H N N 283 
PRO HB3  H N N 284 
PRO HG2  H N N 285 
PRO HG3  H N N 286 
PRO HD2  H N N 287 
PRO HD3  H N N 288 
PRO HXT  H N N 289 
SER N    N N N 290 
SER CA   C N S 291 
SER C    C N N 292 
SER O    O N N 293 
SER CB   C N N 294 
SER OG   O N N 295 
SER OXT  O N N 296 
SER H    H N N 297 
SER H2   H N N 298 
SER HA   H N N 299 
SER HB2  H N N 300 
SER HB3  H N N 301 
SER HG   H N N 302 
SER HXT  H N N 303 
SO4 S    S N N 304 
SO4 O1   O N N 305 
SO4 O2   O N N 306 
SO4 O3   O N N 307 
SO4 O4   O N N 308 
THR N    N N N 309 
THR CA   C N S 310 
THR C    C N N 311 
THR O    O N N 312 
THR CB   C N R 313 
THR OG1  O N N 314 
THR CG2  C N N 315 
THR OXT  O N N 316 
THR H    H N N 317 
THR H2   H N N 318 
THR HA   H N N 319 
THR HB   H N N 320 
THR HG1  H N N 321 
THR HG21 H N N 322 
THR HG22 H N N 323 
THR HG23 H N N 324 
THR HXT  H N N 325 
TRP N    N N N 326 
TRP CA   C N S 327 
TRP C    C N N 328 
TRP O    O N N 329 
TRP CB   C N N 330 
TRP CG   C Y N 331 
TRP CD1  C Y N 332 
TRP CD2  C Y N 333 
TRP NE1  N Y N 334 
TRP CE2  C Y N 335 
TRP CE3  C Y N 336 
TRP CZ2  C Y N 337 
TRP CZ3  C Y N 338 
TRP CH2  C Y N 339 
TRP OXT  O N N 340 
TRP H    H N N 341 
TRP H2   H N N 342 
TRP HA   H N N 343 
TRP HB2  H N N 344 
TRP HB3  H N N 345 
TRP HD1  H N N 346 
TRP HE1  H N N 347 
TRP HE3  H N N 348 
TRP HZ2  H N N 349 
TRP HZ3  H N N 350 
TRP HH2  H N N 351 
TRP HXT  H N N 352 
TYR N    N N N 353 
TYR CA   C N S 354 
TYR C    C N N 355 
TYR O    O N N 356 
TYR CB   C N N 357 
TYR CG   C Y N 358 
TYR CD1  C Y N 359 
TYR CD2  C Y N 360 
TYR CE1  C Y N 361 
TYR CE2  C Y N 362 
TYR CZ   C Y N 363 
TYR OH   O N N 364 
TYR OXT  O N N 365 
TYR H    H N N 366 
TYR H2   H N N 367 
TYR HA   H N N 368 
TYR HB2  H N N 369 
TYR HB3  H N N 370 
TYR HD1  H N N 371 
TYR HD2  H N N 372 
TYR HE1  H N N 373 
TYR HE2  H N N 374 
TYR HH   H N N 375 
TYR HXT  H N N 376 
VAL N    N N N 377 
VAL CA   C N S 378 
VAL C    C N N 379 
VAL O    O N N 380 
VAL CB   C N N 381 
VAL CG1  C N N 382 
VAL CG2  C N N 383 
VAL OXT  O N N 384 
VAL H    H N N 385 
VAL H2   H N N 386 
VAL HA   H N N 387 
VAL HB   H N N 388 
VAL HG11 H N N 389 
VAL HG12 H N N 390 
VAL HG13 H N N 391 
VAL HG21 H N N 392 
VAL HG22 H N N 393 
VAL HG23 H N N 394 
VAL HXT  H N N 395 
# 
loop_
_chem_comp_bond.comp_id 
_chem_comp_bond.atom_id_1 
_chem_comp_bond.atom_id_2 
_chem_comp_bond.value_order 
_chem_comp_bond.pdbx_aromatic_flag 
_chem_comp_bond.pdbx_stereo_config 
_chem_comp_bond.pdbx_ordinal 
ALA N   CA   sing N N 1   
ALA N   H    sing N N 2   
ALA N   H2   sing N N 3   
ALA CA  C    sing N N 4   
ALA CA  CB   sing N N 5   
ALA CA  HA   sing N N 6   
ALA C   O    doub N N 7   
ALA C   OXT  sing N N 8   
ALA CB  HB1  sing N N 9   
ALA CB  HB2  sing N N 10  
ALA CB  HB3  sing N N 11  
ALA OXT HXT  sing N N 12  
ARG N   CA   sing N N 13  
ARG N   H    sing N N 14  
ARG N   H2   sing N N 15  
ARG CA  C    sing N N 16  
ARG CA  CB   sing N N 17  
ARG CA  HA   sing N N 18  
ARG C   O    doub N N 19  
ARG C   OXT  sing N N 20  
ARG CB  CG   sing N N 21  
ARG CB  HB2  sing N N 22  
ARG CB  HB3  sing N N 23  
ARG CG  CD   sing N N 24  
ARG CG  HG2  sing N N 25  
ARG CG  HG3  sing N N 26  
ARG CD  NE   sing N N 27  
ARG CD  HD2  sing N N 28  
ARG CD  HD3  sing N N 29  
ARG NE  CZ   sing N N 30  
ARG NE  HE   sing N N 31  
ARG CZ  NH1  sing N N 32  
ARG CZ  NH2  doub N N 33  
ARG NH1 HH11 sing N N 34  
ARG NH1 HH12 sing N N 35  
ARG NH2 HH21 sing N N 36  
ARG NH2 HH22 sing N N 37  
ARG OXT HXT  sing N N 38  
ASN N   CA   sing N N 39  
ASN N   H    sing N N 40  
ASN N   H2   sing N N 41  
ASN CA  C    sing N N 42  
ASN CA  CB   sing N N 43  
ASN CA  HA   sing N N 44  
ASN C   O    doub N N 45  
ASN C   OXT  sing N N 46  
ASN CB  CG   sing N N 47  
ASN CB  HB2  sing N N 48  
ASN CB  HB3  sing N N 49  
ASN CG  OD1  doub N N 50  
ASN CG  ND2  sing N N 51  
ASN ND2 HD21 sing N N 52  
ASN ND2 HD22 sing N N 53  
ASN OXT HXT  sing N N 54  
ASP N   CA   sing N N 55  
ASP N   H    sing N N 56  
ASP N   H2   sing N N 57  
ASP CA  C    sing N N 58  
ASP CA  CB   sing N N 59  
ASP CA  HA   sing N N 60  
ASP C   O    doub N N 61  
ASP C   OXT  sing N N 62  
ASP CB  CG   sing N N 63  
ASP CB  HB2  sing N N 64  
ASP CB  HB3  sing N N 65  
ASP CG  OD1  doub N N 66  
ASP CG  OD2  sing N N 67  
ASP OD2 HD2  sing N N 68  
ASP OXT HXT  sing N N 69  
CYS N   CA   sing N N 70  
CYS N   H    sing N N 71  
CYS N   H2   sing N N 72  
CYS CA  C    sing N N 73  
CYS CA  CB   sing N N 74  
CYS CA  HA   sing N N 75  
CYS C   O    doub N N 76  
CYS C   OXT  sing N N 77  
CYS CB  SG   sing N N 78  
CYS CB  HB2  sing N N 79  
CYS CB  HB3  sing N N 80  
CYS SG  HG   sing N N 81  
CYS OXT HXT  sing N N 82  
GLN N   CA   sing N N 83  
GLN N   H    sing N N 84  
GLN N   H2   sing N N 85  
GLN CA  C    sing N N 86  
GLN CA  CB   sing N N 87  
GLN CA  HA   sing N N 88  
GLN C   O    doub N N 89  
GLN C   OXT  sing N N 90  
GLN CB  CG   sing N N 91  
GLN CB  HB2  sing N N 92  
GLN CB  HB3  sing N N 93  
GLN CG  CD   sing N N 94  
GLN CG  HG2  sing N N 95  
GLN CG  HG3  sing N N 96  
GLN CD  OE1  doub N N 97  
GLN CD  NE2  sing N N 98  
GLN NE2 HE21 sing N N 99  
GLN NE2 HE22 sing N N 100 
GLN OXT HXT  sing N N 101 
GLU N   CA   sing N N 102 
GLU N   H    sing N N 103 
GLU N   H2   sing N N 104 
GLU CA  C    sing N N 105 
GLU CA  CB   sing N N 106 
GLU CA  HA   sing N N 107 
GLU C   O    doub N N 108 
GLU C   OXT  sing N N 109 
GLU CB  CG   sing N N 110 
GLU CB  HB2  sing N N 111 
GLU CB  HB3  sing N N 112 
GLU CG  CD   sing N N 113 
GLU CG  HG2  sing N N 114 
GLU CG  HG3  sing N N 115 
GLU CD  OE1  doub N N 116 
GLU CD  OE2  sing N N 117 
GLU OE2 HE2  sing N N 118 
GLU OXT HXT  sing N N 119 
GLY N   CA   sing N N 120 
GLY N   H    sing N N 121 
GLY N   H2   sing N N 122 
GLY CA  C    sing N N 123 
GLY CA  HA2  sing N N 124 
GLY CA  HA3  sing N N 125 
GLY C   O    doub N N 126 
GLY C   OXT  sing N N 127 
GLY OXT HXT  sing N N 128 
HIS N   CA   sing N N 129 
HIS N   H    sing N N 130 
HIS N   H2   sing N N 131 
HIS CA  C    sing N N 132 
HIS CA  CB   sing N N 133 
HIS CA  HA   sing N N 134 
HIS C   O    doub N N 135 
HIS C   OXT  sing N N 136 
HIS CB  CG   sing N N 137 
HIS CB  HB2  sing N N 138 
HIS CB  HB3  sing N N 139 
HIS CG  ND1  sing Y N 140 
HIS CG  CD2  doub Y N 141 
HIS ND1 CE1  doub Y N 142 
HIS ND1 HD1  sing N N 143 
HIS CD2 NE2  sing Y N 144 
HIS CD2 HD2  sing N N 145 
HIS CE1 NE2  sing Y N 146 
HIS CE1 HE1  sing N N 147 
HIS NE2 HE2  sing N N 148 
HIS OXT HXT  sing N N 149 
HOH O   H1   sing N N 150 
HOH O   H2   sing N N 151 
ILE N   CA   sing N N 152 
ILE N   H    sing N N 153 
ILE N   H2   sing N N 154 
ILE CA  C    sing N N 155 
ILE CA  CB   sing N N 156 
ILE CA  HA   sing N N 157 
ILE C   O    doub N N 158 
ILE C   OXT  sing N N 159 
ILE CB  CG1  sing N N 160 
ILE CB  CG2  sing N N 161 
ILE CB  HB   sing N N 162 
ILE CG1 CD1  sing N N 163 
ILE CG1 HG12 sing N N 164 
ILE CG1 HG13 sing N N 165 
ILE CG2 HG21 sing N N 166 
ILE CG2 HG22 sing N N 167 
ILE CG2 HG23 sing N N 168 
ILE CD1 HD11 sing N N 169 
ILE CD1 HD12 sing N N 170 
ILE CD1 HD13 sing N N 171 
ILE OXT HXT  sing N N 172 
LEU N   CA   sing N N 173 
LEU N   H    sing N N 174 
LEU N   H2   sing N N 175 
LEU CA  C    sing N N 176 
LEU CA  CB   sing N N 177 
LEU CA  HA   sing N N 178 
LEU C   O    doub N N 179 
LEU C   OXT  sing N N 180 
LEU CB  CG   sing N N 181 
LEU CB  HB2  sing N N 182 
LEU CB  HB3  sing N N 183 
LEU CG  CD1  sing N N 184 
LEU CG  CD2  sing N N 185 
LEU CG  HG   sing N N 186 
LEU CD1 HD11 sing N N 187 
LEU CD1 HD12 sing N N 188 
LEU CD1 HD13 sing N N 189 
LEU CD2 HD21 sing N N 190 
LEU CD2 HD22 sing N N 191 
LEU CD2 HD23 sing N N 192 
LEU OXT HXT  sing N N 193 
LYS N   CA   sing N N 194 
LYS N   H    sing N N 195 
LYS N   H2   sing N N 196 
LYS CA  C    sing N N 197 
LYS CA  CB   sing N N 198 
LYS CA  HA   sing N N 199 
LYS C   O    doub N N 200 
LYS C   OXT  sing N N 201 
LYS CB  CG   sing N N 202 
LYS CB  HB2  sing N N 203 
LYS CB  HB3  sing N N 204 
LYS CG  CD   sing N N 205 
LYS CG  HG2  sing N N 206 
LYS CG  HG3  sing N N 207 
LYS CD  CE   sing N N 208 
LYS CD  HD2  sing N N 209 
LYS CD  HD3  sing N N 210 
LYS CE  NZ   sing N N 211 
LYS CE  HE2  sing N N 212 
LYS CE  HE3  sing N N 213 
LYS NZ  HZ1  sing N N 214 
LYS NZ  HZ2  sing N N 215 
LYS NZ  HZ3  sing N N 216 
LYS OXT HXT  sing N N 217 
MET N   CA   sing N N 218 
MET N   H    sing N N 219 
MET N   H2   sing N N 220 
MET CA  C    sing N N 221 
MET CA  CB   sing N N 222 
MET CA  HA   sing N N 223 
MET C   O    doub N N 224 
MET C   OXT  sing N N 225 
MET CB  CG   sing N N 226 
MET CB  HB2  sing N N 227 
MET CB  HB3  sing N N 228 
MET CG  SD   sing N N 229 
MET CG  HG2  sing N N 230 
MET CG  HG3  sing N N 231 
MET SD  CE   sing N N 232 
MET CE  HE1  sing N N 233 
MET CE  HE2  sing N N 234 
MET CE  HE3  sing N N 235 
MET OXT HXT  sing N N 236 
PHE N   CA   sing N N 237 
PHE N   H    sing N N 238 
PHE N   H2   sing N N 239 
PHE CA  C    sing N N 240 
PHE CA  CB   sing N N 241 
PHE CA  HA   sing N N 242 
PHE C   O    doub N N 243 
PHE C   OXT  sing N N 244 
PHE CB  CG   sing N N 245 
PHE CB  HB2  sing N N 246 
PHE CB  HB3  sing N N 247 
PHE CG  CD1  doub Y N 248 
PHE CG  CD2  sing Y N 249 
PHE CD1 CE1  sing Y N 250 
PHE CD1 HD1  sing N N 251 
PHE CD2 CE2  doub Y N 252 
PHE CD2 HD2  sing N N 253 
PHE CE1 CZ   doub Y N 254 
PHE CE1 HE1  sing N N 255 
PHE CE2 CZ   sing Y N 256 
PHE CE2 HE2  sing N N 257 
PHE CZ  HZ   sing N N 258 
PHE OXT HXT  sing N N 259 
PRO N   CA   sing N N 260 
PRO N   CD   sing N N 261 
PRO N   H    sing N N 262 
PRO CA  C    sing N N 263 
PRO CA  CB   sing N N 264 
PRO CA  HA   sing N N 265 
PRO C   O    doub N N 266 
PRO C   OXT  sing N N 267 
PRO CB  CG   sing N N 268 
PRO CB  HB2  sing N N 269 
PRO CB  HB3  sing N N 270 
PRO CG  CD   sing N N 271 
PRO CG  HG2  sing N N 272 
PRO CG  HG3  sing N N 273 
PRO CD  HD2  sing N N 274 
PRO CD  HD3  sing N N 275 
PRO OXT HXT  sing N N 276 
SER N   CA   sing N N 277 
SER N   H    sing N N 278 
SER N   H2   sing N N 279 
SER CA  C    sing N N 280 
SER CA  CB   sing N N 281 
SER CA  HA   sing N N 282 
SER C   O    doub N N 283 
SER C   OXT  sing N N 284 
SER CB  OG   sing N N 285 
SER CB  HB2  sing N N 286 
SER CB  HB3  sing N N 287 
SER OG  HG   sing N N 288 
SER OXT HXT  sing N N 289 
SO4 S   O1   doub N N 290 
SO4 S   O2   doub N N 291 
SO4 S   O3   sing N N 292 
SO4 S   O4   sing N N 293 
THR N   CA   sing N N 294 
THR N   H    sing N N 295 
THR N   H2   sing N N 296 
THR CA  C    sing N N 297 
THR CA  CB   sing N N 298 
THR CA  HA   sing N N 299 
THR C   O    doub N N 300 
THR C   OXT  sing N N 301 
THR CB  OG1  sing N N 302 
THR CB  CG2  sing N N 303 
THR CB  HB   sing N N 304 
THR OG1 HG1  sing N N 305 
THR CG2 HG21 sing N N 306 
THR CG2 HG22 sing N N 307 
THR CG2 HG23 sing N N 308 
THR OXT HXT  sing N N 309 
TRP N   CA   sing N N 310 
TRP N   H    sing N N 311 
TRP N   H2   sing N N 312 
TRP CA  C    sing N N 313 
TRP CA  CB   sing N N 314 
TRP CA  HA   sing N N 315 
TRP C   O    doub N N 316 
TRP C   OXT  sing N N 317 
TRP CB  CG   sing N N 318 
TRP CB  HB2  sing N N 319 
TRP CB  HB3  sing N N 320 
TRP CG  CD1  doub Y N 321 
TRP CG  CD2  sing Y N 322 
TRP CD1 NE1  sing Y N 323 
TRP CD1 HD1  sing N N 324 
TRP CD2 CE2  doub Y N 325 
TRP CD2 CE3  sing Y N 326 
TRP NE1 CE2  sing Y N 327 
TRP NE1 HE1  sing N N 328 
TRP CE2 CZ2  sing Y N 329 
TRP CE3 CZ3  doub Y N 330 
TRP CE3 HE3  sing N N 331 
TRP CZ2 CH2  doub Y N 332 
TRP CZ2 HZ2  sing N N 333 
TRP CZ3 CH2  sing Y N 334 
TRP CZ3 HZ3  sing N N 335 
TRP CH2 HH2  sing N N 336 
TRP OXT HXT  sing N N 337 
TYR N   CA   sing N N 338 
TYR N   H    sing N N 339 
TYR N   H2   sing N N 340 
TYR CA  C    sing N N 341 
TYR CA  CB   sing N N 342 
TYR CA  HA   sing N N 343 
TYR C   O    doub N N 344 
TYR C   OXT  sing N N 345 
TYR CB  CG   sing N N 346 
TYR CB  HB2  sing N N 347 
TYR CB  HB3  sing N N 348 
TYR CG  CD1  doub Y N 349 
TYR CG  CD2  sing Y N 350 
TYR CD1 CE1  sing Y N 351 
TYR CD1 HD1  sing N N 352 
TYR CD2 CE2  doub Y N 353 
TYR CD2 HD2  sing N N 354 
TYR CE1 CZ   doub Y N 355 
TYR CE1 HE1  sing N N 356 
TYR CE2 CZ   sing Y N 357 
TYR CE2 HE2  sing N N 358 
TYR CZ  OH   sing N N 359 
TYR OH  HH   sing N N 360 
TYR OXT HXT  sing N N 361 
VAL N   CA   sing N N 362 
VAL N   H    sing N N 363 
VAL N   H2   sing N N 364 
VAL CA  C    sing N N 365 
VAL CA  CB   sing N N 366 
VAL CA  HA   sing N N 367 
VAL C   O    doub N N 368 
VAL C   OXT  sing N N 369 
VAL CB  CG1  sing N N 370 
VAL CB  CG2  sing N N 371 
VAL CB  HB   sing N N 372 
VAL CG1 HG11 sing N N 373 
VAL CG1 HG12 sing N N 374 
VAL CG1 HG13 sing N N 375 
VAL CG2 HG21 sing N N 376 
VAL CG2 HG22 sing N N 377 
VAL CG2 HG23 sing N N 378 
VAL OXT HXT  sing N N 379 
# 
_pdbx_initial_refinement_model.id               1 
_pdbx_initial_refinement_model.entity_id_list   ? 
_pdbx_initial_refinement_model.type             'experimental model' 
_pdbx_initial_refinement_model.source_name      PDB 
_pdbx_initial_refinement_model.accession_code   1MC2 
_pdbx_initial_refinement_model.details          'PDB entry: 1MC2' 
# 
_atom_sites.entry_id                    2AOZ 
_atom_sites.fract_transf_matrix[1][1]   -0.00616687 
_atom_sites.fract_transf_matrix[1][2]   0.00830602 
_atom_sites.fract_transf_matrix[1][3]   -0.01016876 
_atom_sites.fract_transf_matrix[2][1]   -0.00072432 
_atom_sites.fract_transf_matrix[2][2]   0.01100222 
_atom_sites.fract_transf_matrix[2][3]   0.00942606 
_atom_sites.fract_transf_matrix[3][1]   0.01410582 
_atom_sites.fract_transf_matrix[3][2]   0.00485801 
_atom_sites.fract_transf_matrix[3][3]   -0.00458641 
_atom_sites.fract_transf_vector[1]      0.101174 
_atom_sites.fract_transf_vector[2]      0.738873 
_atom_sites.fract_transf_vector[3]      0.433514 
# 
loop_
_atom_type.symbol 
C 
N 
O 
S 
# 
loop_
_atom_site.group_PDB 
_atom_site.id 
_atom_site.type_symbol 
_atom_site.label_atom_id 
_atom_site.label_alt_id 
_atom_site.label_comp_id 
_atom_site.label_asym_id 
_atom_site.label_entity_id 
_atom_site.label_seq_id 
_atom_site.pdbx_PDB_ins_code 
_atom_site.Cartn_x 
_atom_site.Cartn_y 
_atom_site.Cartn_z 
_atom_site.occupancy 
_atom_site.B_iso_or_equiv 
_atom_site.pdbx_formal_charge 
_atom_site.auth_seq_id 
_atom_site.auth_comp_id 
_atom_site.auth_asym_id 
_atom_site.auth_atom_id 
_atom_site.pdbx_PDB_model_num 
ATOM   1    N N   . ASN A 1 1   ? -2.767  -10.826 -2.686  1.00 26.98 ? 1   ASN A N   1 
ATOM   2    C CA  . ASN A 1 1   ? -4.039  -10.545 -1.959  1.00 27.69 ? 1   ASN A CA  1 
ATOM   3    C C   . ASN A 1 1   ? -3.807  -9.610  -0.777  1.00 27.79 ? 1   ASN A C   1 
ATOM   4    O O   . ASN A 1 1   ? -2.665  -9.223  -0.500  1.00 27.38 ? 1   ASN A O   1 
ATOM   5    C CB  . ASN A 1 1   ? -4.798  -11.826 -1.554  1.00 27.77 ? 1   ASN A CB  1 
ATOM   6    C CG  . ASN A 1 1   ? -3.985  -12.766 -0.630  1.00 28.78 ? 1   ASN A CG  1 
ATOM   7    O OD1 . ASN A 1 1   ? -3.000  -12.363 -0.017  1.00 29.38 ? 1   ASN A OD1 1 
ATOM   8    N ND2 . ASN A 1 1   ? -4.447  -14.022 -0.507  1.00 25.84 ? 1   ASN A ND2 1 
ATOM   9    N N   . LEU A 1 2   ? -4.885  -9.235  -0.098  1.00 27.08 ? 2   LEU A N   1 
ATOM   10   C CA  . LEU A 1 2   ? -4.779  -8.334  1.036   1.00 27.41 ? 2   LEU A CA  1 
ATOM   11   C C   . LEU A 1 2   ? -3.840  -8.881  2.135   1.00 27.32 ? 2   LEU A C   1 
ATOM   12   O O   . LEU A 1 2   ? -3.051  -8.118  2.720   1.00 27.52 ? 2   LEU A O   1 
ATOM   13   C CB  . LEU A 1 2   ? -6.181  -8.082  1.635   1.00 27.64 ? 2   LEU A CB  1 
ATOM   14   C CG  . LEU A 1 2   ? -6.257  -6.958  2.661   1.00 27.29 ? 2   LEU A CG  1 
ATOM   15   C CD1 . LEU A 1 2   ? -5.680  -5.712  2.055   1.00 28.63 ? 2   LEU A CD1 1 
ATOM   16   C CD2 . LEU A 1 2   ? -7.712  -6.751  3.112   1.00 29.05 ? 2   LEU A CD2 1 
ATOM   17   N N   . TYR A 1 3   ? -3.957  -10.177 2.425   1.00 26.56 ? 3   TYR A N   1 
ATOM   18   C CA  . TYR A 1 3   ? -3.099  -10.860 3.408   1.00 27.63 ? 3   TYR A CA  1 
ATOM   19   C C   . TYR A 1 3   ? -1.607  -10.628 3.095   1.00 27.32 ? 3   TYR A C   1 
ATOM   20   O O   . TYR A 1 3   ? -0.833  -10.282 3.975   1.00 27.38 ? 3   TYR A O   1 
ATOM   21   C CB  . TYR A 1 3   ? -3.393  -12.370 3.467   1.00 26.75 ? 3   TYR A CB  1 
ATOM   22   C CG  . TYR A 1 3   ? -2.457  -13.124 4.384   1.00 28.42 ? 3   TYR A CG  1 
ATOM   23   C CD1 . TYR A 1 3   ? -1.302  -13.751 3.894   1.00 29.56 ? 3   TYR A CD1 1 
ATOM   24   C CD2 . TYR A 1 3   ? -2.722  -13.213 5.756   1.00 28.67 ? 3   TYR A CD2 1 
ATOM   25   C CE1 . TYR A 1 3   ? -0.445  -14.442 4.762   1.00 31.64 ? 3   TYR A CE1 1 
ATOM   26   C CE2 . TYR A 1 3   ? -1.879  -13.898 6.617   1.00 30.14 ? 3   TYR A CE2 1 
ATOM   27   C CZ  . TYR A 1 3   ? -0.743  -14.497 6.123   1.00 31.84 ? 3   TYR A CZ  1 
ATOM   28   O OH  . TYR A 1 3   ? 0.078   -15.160 6.998   1.00 32.91 ? 3   TYR A OH  1 
ATOM   29   N N   . GLN A 1 4   ? -1.213  -10.832 1.846   1.00 27.35 ? 4   GLN A N   1 
ATOM   30   C CA  . GLN A 1 4   ? 0.163   -10.569 1.440   1.00 27.71 ? 4   GLN A CA  1 
ATOM   31   C C   . GLN A 1 4   ? 0.562   -9.092  1.604   1.00 27.87 ? 4   GLN A C   1 
ATOM   32   O O   . GLN A 1 4   ? 1.633   -8.797  2.129   1.00 27.80 ? 4   GLN A O   1 
ATOM   33   C CB  . GLN A 1 4   ? 0.397   -11.052 0.004   1.00 27.31 ? 4   GLN A CB  1 
ATOM   34   C CG  . GLN A 1 4   ? 0.654   -12.549 -0.101  1.00 28.37 ? 4   GLN A CG  1 
ATOM   35   C CD  . GLN A 1 4   ? -0.285  -13.259 -1.064  1.00 29.88 ? 4   GLN A CD  1 
ATOM   36   O OE1 . GLN A 1 4   ? -0.789  -12.661 -2.022  1.00 25.60 ? 4   GLN A OE1 1 
ATOM   37   N NE2 . GLN A 1 4   ? -0.523  -14.545 -0.808  1.00 30.34 ? 4   GLN A NE2 1 
ATOM   38   N N   . LEU A 1 5   ? -0.286  -8.172  1.140   1.00 27.91 ? 5   LEU A N   1 
ATOM   39   C CA  . LEU A 1 5   ? -0.020  -6.745  1.316   1.00 28.52 ? 5   LEU A CA  1 
ATOM   40   C C   . LEU A 1 5   ? 0.200   -6.435  2.799   1.00 28.60 ? 5   LEU A C   1 
ATOM   41   O O   . LEU A 1 5   ? 1.198   -5.799  3.185   1.00 29.26 ? 5   LEU A O   1 
ATOM   42   C CB  . LEU A 1 5   ? -1.169  -5.871  0.727   1.00 28.79 ? 5   LEU A CB  1 
ATOM   43   C CG  . LEU A 1 5   ? -1.169  -4.373  1.098   1.00 28.36 ? 5   LEU A CG  1 
ATOM   44   C CD1 . LEU A 1 5   ? 0.046   -3.649  0.487   1.00 27.43 ? 5   LEU A CD1 1 
ATOM   45   C CD2 . LEU A 1 5   ? -2.501  -3.692  0.719   1.00 27.37 ? 5   LEU A CD2 1 
ATOM   46   N N   . TRP A 1 6   ? -0.711  -6.913  3.635   1.00 27.93 ? 6   TRP A N   1 
ATOM   47   C CA  . TRP A 1 6   ? -0.642  -6.613  5.048   1.00 28.30 ? 6   TRP A CA  1 
ATOM   48   C C   . TRP A 1 6   ? 0.599   -7.201  5.696   1.00 28.19 ? 6   TRP A C   1 
ATOM   49   O O   . TRP A 1 6   ? 1.231   -6.560  6.533   1.00 28.06 ? 6   TRP A O   1 
ATOM   50   C CB  . TRP A 1 6   ? -1.907  -7.083  5.758   1.00 28.32 ? 6   TRP A CB  1 
ATOM   51   C CG  . TRP A 1 6   ? -2.993  -6.118  5.553   1.00 29.58 ? 6   TRP A CG  1 
ATOM   52   C CD1 . TRP A 1 6   ? -2.939  -4.974  4.811   1.00 31.20 ? 6   TRP A CD1 1 
ATOM   53   C CD2 . TRP A 1 6   ? -4.306  -6.191  6.079   1.00 31.00 ? 6   TRP A CD2 1 
ATOM   54   N NE1 . TRP A 1 6   ? -4.147  -4.326  4.857   1.00 29.47 ? 6   TRP A NE1 1 
ATOM   55   C CE2 . TRP A 1 6   ? -4.999  -5.050  5.641   1.00 30.48 ? 6   TRP A CE2 1 
ATOM   56   C CE3 . TRP A 1 6   ? -4.971  -7.104  6.902   1.00 33.79 ? 6   TRP A CE3 1 
ATOM   57   C CZ2 . TRP A 1 6   ? -6.318  -4.803  5.980   1.00 32.79 ? 6   TRP A CZ2 1 
ATOM   58   C CZ3 . TRP A 1 6   ? -6.282  -6.852  7.254   1.00 34.55 ? 6   TRP A CZ3 1 
ATOM   59   C CH2 . TRP A 1 6   ? -6.946  -5.713  6.785   1.00 33.55 ? 6   TRP A CH2 1 
ATOM   60   N N   . LYS A 1 7   ? 0.947   -8.416  5.293   1.00 28.22 ? 7   LYS A N   1 
ATOM   61   C CA  . LYS A 1 7   ? 2.141   -9.063  5.809   1.00 28.16 ? 7   LYS A CA  1 
ATOM   62   C C   . LYS A 1 7   ? 3.422   -8.308  5.432   1.00 27.36 ? 7   LYS A C   1 
ATOM   63   O O   . LYS A 1 7   ? 4.317   -8.194  6.235   1.00 27.48 ? 7   LYS A O   1 
ATOM   64   C CB  . LYS A 1 7   ? 2.213   -10.527 5.355   1.00 28.67 ? 7   LYS A CB  1 
ATOM   65   C CG  . LYS A 1 7   ? 3.193   -11.378 6.175   1.00 30.56 ? 7   LYS A CG  1 
ATOM   66   C CD  . LYS A 1 7   ? 2.974   -12.865 5.934   1.00 34.46 ? 7   LYS A CD  1 
ATOM   67   C CE  . LYS A 1 7   ? 2.598   -13.122 4.478   1.00 36.71 ? 7   LYS A CE  1 
ATOM   68   N NZ  . LYS A 1 7   ? 2.977   -14.487 4.040   1.00 39.56 ? 7   LYS A NZ  1 
ATOM   69   N N   . MET A 1 8   ? 3.499   -7.808  4.207   1.00 27.19 ? 8   MET A N   1 
ATOM   70   C CA  . MET A 1 8   ? 4.653   -7.051  3.743   1.00 26.83 ? 8   MET A CA  1 
ATOM   71   C C   . MET A 1 8   ? 4.815   -5.778  4.592   1.00 26.77 ? 8   MET A C   1 
ATOM   72   O O   . MET A 1 8   ? 5.919   -5.414  4.994   1.00 25.96 ? 8   MET A O   1 
ATOM   73   C CB  . MET A 1 8   ? 4.455   -6.646  2.273   1.00 26.91 ? 8   MET A CB  1 
ATOM   74   C CG  . MET A 1 8   ? 4.795   -7.706  1.246   1.00 27.54 ? 8   MET A CG  1 
ATOM   75   S SD  . MET A 1 8   ? 4.676   -7.088  -0.465  1.00 27.20 ? 8   MET A SD  1 
ATOM   76   C CE  . MET A 1 8   ? 4.938   -8.584  -1.411  1.00 26.61 ? 8   MET A CE  1 
ATOM   77   N N   . ILE A 1 9   ? 3.696   -5.098  4.829   1.00 26.98 ? 9   ILE A N   1 
ATOM   78   C CA  . ILE A 1 9   ? 3.686   -3.841  5.565   1.00 27.33 ? 9   ILE A CA  1 
ATOM   79   C C   . ILE A 1 9   ? 4.158   -4.052  7.010   1.00 27.71 ? 9   ILE A C   1 
ATOM   80   O O   . ILE A 1 9   ? 4.933   -3.256  7.547   1.00 27.54 ? 9   ILE A O   1 
ATOM   81   C CB  . ILE A 1 9   ? 2.283   -3.191  5.513   1.00 27.23 ? 9   ILE A CB  1 
ATOM   82   C CG1 . ILE A 1 9   ? 1.947   -2.724  4.091   1.00 25.85 ? 9   ILE A CG1 1 
ATOM   83   C CG2 . ILE A 1 9   ? 2.181   -2.010  6.496   1.00 28.15 ? 9   ILE A CG2 1 
ATOM   84   C CD1 . ILE A 1 9   ? 0.442   -2.277  3.899   1.00 25.84 ? 9   ILE A CD1 1 
ATOM   85   N N   . LEU A 1 10  ? 3.696   -5.140  7.622   1.00 28.01 ? 10  LEU A N   1 
ATOM   86   C CA  . LEU A 1 10  ? 4.155   -5.557  8.945   1.00 28.09 ? 10  LEU A CA  1 
ATOM   87   C C   . LEU A 1 10  ? 5.647   -5.890  8.919   1.00 28.02 ? 10  LEU A C   1 
ATOM   88   O O   . LEU A 1 10  ? 6.396   -5.458  9.798   1.00 27.68 ? 10  LEU A O   1 
ATOM   89   C CB  . LEU A 1 10  ? 3.354   -6.777  9.426   1.00 28.26 ? 10  LEU A CB  1 
ATOM   90   C CG  . LEU A 1 10  ? 3.760   -7.425  10.752  1.00 28.97 ? 10  LEU A CG  1 
ATOM   91   C CD1 . LEU A 1 10  ? 3.465   -6.495  11.920  1.00 29.56 ? 10  LEU A CD1 1 
ATOM   92   C CD2 . LEU A 1 10  ? 3.050   -8.765  10.925  1.00 29.84 ? 10  LEU A CD2 1 
ATOM   93   N N   . GLN A 1 11  ? 6.058   -6.662  7.913   1.00 27.81 ? 11  GLN A N   1 
ATOM   94   C CA  . GLN A 1 11  ? 7.452   -7.057  7.744   1.00 27.96 ? 11  GLN A CA  1 
ATOM   95   C C   . GLN A 1 11  ? 8.377   -5.847  7.569   1.00 27.88 ? 11  GLN A C   1 
ATOM   96   O O   . GLN A 1 11  ? 9.457   -5.795  8.154   1.00 27.84 ? 11  GLN A O   1 
ATOM   97   C CB  . GLN A 1 11  ? 7.604   -8.028  6.556   1.00 27.63 ? 11  GLN A CB  1 
ATOM   98   C CG  . GLN A 1 11  ? 7.150   -9.463  6.852   1.00 27.71 ? 11  GLN A CG  1 
ATOM   99   C CD  . GLN A 1 11  ? 6.954   -10.329 5.597   1.00 28.99 ? 11  GLN A CD  1 
ATOM   100  O OE1 . GLN A 1 11  ? 6.854   -11.560 5.698   1.00 28.35 ? 11  GLN A OE1 1 
ATOM   101  N NE2 . GLN A 1 11  ? 6.881   -9.691  4.427   1.00 27.39 ? 11  GLN A NE2 1 
ATOM   102  N N   . GLU A 1 12  ? 7.948   -4.878  6.765   1.00 27.99 ? 12  GLU A N   1 
ATOM   103  C CA  . GLU A 1 12  ? 8.813   -3.759  6.403   1.00 28.12 ? 12  GLU A CA  1 
ATOM   104  C C   . GLU A 1 12  ? 8.766   -2.602  7.380   1.00 28.34 ? 12  GLU A C   1 
ATOM   105  O O   . GLU A 1 12  ? 9.773   -1.944  7.594   1.00 28.06 ? 12  GLU A O   1 
ATOM   106  C CB  . GLU A 1 12  ? 8.472   -3.236  5.013   1.00 28.03 ? 12  GLU A CB  1 
ATOM   107  C CG  . GLU A 1 12  ? 8.911   -4.147  3.884   1.00 28.69 ? 12  GLU A CG  1 
ATOM   108  C CD  . GLU A 1 12  ? 10.405  -4.065  3.609   1.00 30.14 ? 12  GLU A CD  1 
ATOM   109  O OE1 . GLU A 1 12  ? 10.874  -4.757  2.684   1.00 30.76 ? 12  GLU A OE1 1 
ATOM   110  O OE2 . GLU A 1 12  ? 11.113  -3.318  4.315   1.00 28.91 ? 12  GLU A OE2 1 
ATOM   111  N N   . THR A 1 13  ? 7.593   -2.339  7.952   1.00 28.44 ? 13  THR A N   1 
ATOM   112  C CA  . THR A 1 13  ? 7.421   -1.174  8.818   1.00 28.41 ? 13  THR A CA  1 
ATOM   113  C C   . THR A 1 13  ? 7.354   -1.522  10.300  1.00 28.82 ? 13  THR A C   1 
ATOM   114  O O   . THR A 1 13  ? 7.516   -0.649  11.145  1.00 29.41 ? 13  THR A O   1 
ATOM   115  C CB  . THR A 1 13  ? 6.139   -0.363  8.432   1.00 28.53 ? 13  THR A CB  1 
ATOM   116  O OG1 . THR A 1 13  ? 4.965   -1.067  8.867   1.00 26.54 ? 13  THR A OG1 1 
ATOM   117  C CG2 . THR A 1 13  ? 5.972   -0.269  6.921   1.00 28.05 ? 13  THR A CG2 1 
ATOM   118  N N   . GLY A 1 14  ? 7.089   -2.782  10.626  1.00 28.94 ? 14  GLY A N   1 
ATOM   119  C CA  . GLY A 1 14  ? 6.917   -3.161  12.021  1.00 29.01 ? 14  GLY A CA  1 
ATOM   120  C C   . GLY A 1 14  ? 5.558   -2.777  12.610  1.00 29.25 ? 14  GLY A C   1 
ATOM   121  O O   . GLY A 1 14  ? 5.348   -2.916  13.816  1.00 28.70 ? 14  GLY A O   1 
ATOM   122  N N   . LYS A 1 15  ? 4.625   -2.289  11.789  1.00 29.53 ? 15  LYS A N   1 
ATOM   123  C CA  . LYS A 1 15  ? 3.279   -2.016  12.323  1.00 29.85 ? 15  LYS A CA  1 
ATOM   124  C C   . LYS A 1 15  ? 2.198   -2.855  11.693  1.00 29.62 ? 15  LYS A C   1 
ATOM   125  O O   . LYS A 1 15  ? 2.313   -3.275  10.548  1.00 30.32 ? 15  LYS A O   1 
ATOM   126  C CB  . LYS A 1 15  ? 2.888   -0.533  12.263  1.00 30.19 ? 15  LYS A CB  1 
ATOM   127  C CG  . LYS A 1 15  ? 3.745   0.336   11.382  1.00 30.78 ? 15  LYS A CG  1 
ATOM   128  C CD  . LYS A 1 15  ? 4.389   1.418   12.199  1.00 30.37 ? 15  LYS A CD  1 
ATOM   129  C CE  . LYS A 1 15  ? 3.572   2.692   12.146  1.00 30.08 ? 15  LYS A CE  1 
ATOM   130  N NZ  . LYS A 1 15  ? 3.896   3.540   13.356  1.00 29.47 ? 15  LYS A NZ  1 
ATOM   131  N N   . ASN A 1 16  ? 1.143   -3.103  12.458  1.00 29.31 ? 16  ASN A N   1 
ATOM   132  C CA  . ASN A 1 16  ? -0.010  -3.811  11.934  1.00 29.16 ? 16  ASN A CA  1 
ATOM   133  C C   . ASN A 1 16  ? -0.751  -2.917  10.956  1.00 28.85 ? 16  ASN A C   1 
ATOM   134  O O   . ASN A 1 16  ? -1.180  -1.815  11.298  1.00 28.55 ? 16  ASN A O   1 
ATOM   135  C CB  . ASN A 1 16  ? -0.907  -4.276  13.075  1.00 29.18 ? 16  ASN A CB  1 
ATOM   136  C CG  . ASN A 1 16  ? -0.212  -5.282  13.969  1.00 30.34 ? 16  ASN A CG  1 
ATOM   137  O OD1 . ASN A 1 16  ? 0.433   -6.218  13.484  1.00 30.66 ? 16  ASN A OD1 1 
ATOM   138  N ND2 . ASN A 1 16  ? -0.323  -5.093  15.271  1.00 30.55 ? 16  ASN A ND2 1 
ATOM   139  N N   . ALA A 1 17  ? -0.879  -3.393  9.728   1.00 28.79 ? 17  ALA A N   1 
ATOM   140  C CA  . ALA A 1 17  ? -1.403  -2.574  8.640   1.00 28.36 ? 17  ALA A CA  1 
ATOM   141  C C   . ALA A 1 17  ? -2.860  -2.116  8.836   1.00 28.05 ? 17  ALA A C   1 
ATOM   142  O O   . ALA A 1 17  ? -3.197  -0.982  8.542   1.00 27.96 ? 17  ALA A O   1 
ATOM   143  C CB  . ALA A 1 17  ? -1.249  -3.312  7.341   1.00 28.48 ? 17  ALA A CB  1 
ATOM   144  N N   . ALA A 1 18  ? -3.730  -2.986  9.321   1.00 27.67 ? 18  ALA A N   1 
ATOM   145  C CA  . ALA A 1 18  ? -5.099  -2.551  9.566   1.00 28.37 ? 18  ALA A CA  1 
ATOM   146  C C   . ALA A 1 18  ? -5.215  -1.284  10.472  1.00 28.81 ? 18  ALA A C   1 
ATOM   147  O O   . ALA A 1 18  ? -5.672  -0.235  10.001  1.00 29.56 ? 18  ALA A O   1 
ATOM   148  C CB  . ALA A 1 18  ? -5.953  -3.710  10.090  1.00 28.40 ? 18  ALA A CB  1 
ATOM   149  N N   . PRO A 1 19  ? -4.811  -1.349  11.748  1.00 28.32 ? 19  PRO A N   1 
ATOM   150  C CA  . PRO A 1 19  ? -4.924  -0.160  12.616  1.00 27.82 ? 19  PRO A CA  1 
ATOM   151  C C   . PRO A 1 19  ? -4.043  1.023   12.172  1.00 27.20 ? 19  PRO A C   1 
ATOM   152  O O   . PRO A 1 19  ? -4.473  2.161   12.288  1.00 27.04 ? 19  PRO A O   1 
ATOM   153  C CB  . PRO A 1 19  ? -4.496  -0.673  14.003  1.00 27.24 ? 19  PRO A CB  1 
ATOM   154  C CG  . PRO A 1 19  ? -3.702  -1.908  13.732  1.00 27.97 ? 19  PRO A CG  1 
ATOM   155  C CD  . PRO A 1 19  ? -4.261  -2.512  12.474  1.00 27.98 ? 19  PRO A CD  1 
ATOM   156  N N   . SER A 1 20  ? -2.848  0.757   11.657  1.00 26.25 ? 20  SER A N   1 
ATOM   157  C CA  . SER A 1 20  ? -1.882  1.823   11.432  1.00 25.47 ? 20  SER A CA  1 
ATOM   158  C C   . SER A 1 20  ? -2.042  2.523   10.086  1.00 25.06 ? 20  SER A C   1 
ATOM   159  O O   . SER A 1 20  ? -1.700  3.693   9.950   1.00 24.33 ? 20  SER A O   1 
ATOM   160  C CB  . SER A 1 20  ? -0.452  1.287   11.581  1.00 25.50 ? 20  SER A CB  1 
ATOM   161  O OG  . SER A 1 20  ? -0.180  0.961   12.934  1.00 26.78 ? 20  SER A OG  1 
ATOM   162  N N   . TYR A 1 21  ? -2.557  1.808   9.088   1.00 24.75 ? 21  TYR A N   1 
ATOM   163  C CA  . TYR A 1 21  ? -2.613  2.359   7.735   1.00 24.69 ? 21  TYR A CA  1 
ATOM   164  C C   . TYR A 1 21  ? -3.974  2.155   7.033   1.00 24.69 ? 21  TYR A C   1 
ATOM   165  O O   . TYR A 1 21  ? -4.162  2.629   5.928   1.00 24.67 ? 21  TYR A O   1 
ATOM   166  C CB  . TYR A 1 21  ? -1.499  1.783   6.861   1.00 24.49 ? 21  TYR A CB  1 
ATOM   167  C CG  . TYR A 1 21  ? -0.067  2.105   7.263   1.00 25.64 ? 21  TYR A CG  1 
ATOM   168  C CD1 . TYR A 1 21  ? 0.488   3.361   7.031   1.00 24.30 ? 21  TYR A CD1 1 
ATOM   169  C CD2 . TYR A 1 21  ? 0.746   1.130   7.832   1.00 25.21 ? 21  TYR A CD2 1 
ATOM   170  C CE1 . TYR A 1 21  ? 1.810   3.633   7.380   1.00 23.95 ? 21  TYR A CE1 1 
ATOM   171  C CE2 . TYR A 1 21  ? 2.061   1.402   8.184   1.00 25.29 ? 21  TYR A CE2 1 
ATOM   172  C CZ  . TYR A 1 21  ? 2.592   2.651   7.945   1.00 23.96 ? 21  TYR A CZ  1 
ATOM   173  O OH  . TYR A 1 21  ? 3.914   2.910   8.294   1.00 24.20 ? 21  TYR A OH  1 
ATOM   174  N N   . GLY A 1 22  ? -4.910  1.472   7.688   1.00 24.72 ? 22  GLY A N   1 
ATOM   175  C CA  . GLY A 1 22  ? -6.215  1.215   7.094   1.00 24.89 ? 22  GLY A CA  1 
ATOM   176  C C   . GLY A 1 22  ? -7.129  2.420   6.894   1.00 24.71 ? 22  GLY A C   1 
ATOM   177  O O   . GLY A 1 22  ? -8.087  2.344   6.134   1.00 24.63 ? 22  GLY A O   1 
ATOM   178  N N   . PHE A 1 23  ? -6.849  3.523   7.586   1.00 25.41 ? 23  PHE A N   1 
ATOM   179  C CA  . PHE A 1 23  ? -7.671  4.730   7.518   1.00 25.66 ? 23  PHE A CA  1 
ATOM   180  C C   . PHE A 1 23  ? -6.808  5.976   7.509   1.00 25.00 ? 23  PHE A C   1 
ATOM   181  O O   . PHE A 1 23  ? -7.279  7.073   7.787   1.00 24.40 ? 23  PHE A O   1 
ATOM   182  C CB  . PHE A 1 23  ? -8.632  4.831   8.713   1.00 26.85 ? 23  PHE A CB  1 
ATOM   183  C CG  . PHE A 1 23  ? -9.184  3.517   9.185   1.00 29.70 ? 23  PHE A CG  1 
ATOM   184  C CD1 . PHE A 1 23  ? -8.359  2.579   9.822   1.00 33.94 ? 23  PHE A CD1 1 
ATOM   185  C CD2 . PHE A 1 23  ? -10.525 3.234   9.031   1.00 32.67 ? 23  PHE A CD2 1 
ATOM   186  C CE1 . PHE A 1 23  ? -8.869  1.361   10.273  1.00 35.37 ? 23  PHE A CE1 1 
ATOM   187  C CE2 . PHE A 1 23  ? -11.059 2.038   9.474   1.00 32.89 ? 23  PHE A CE2 1 
ATOM   188  C CZ  . PHE A 1 23  ? -10.230 1.090   10.094  1.00 36.25 ? 23  PHE A CZ  1 
ATOM   189  N N   . TYR A 1 24  ? -5.535  5.800   7.181   1.00 24.76 ? 24  TYR A N   1 
ATOM   190  C CA  . TYR A 1 24  ? -4.568  6.866   7.303   1.00 24.33 ? 24  TYR A CA  1 
ATOM   191  C C   . TYR A 1 24  ? -4.627  7.851   6.137   1.00 24.13 ? 24  TYR A C   1 
ATOM   192  O O   . TYR A 1 24  ? -4.620  7.443   4.988   1.00 24.24 ? 24  TYR A O   1 
ATOM   193  C CB  . TYR A 1 24  ? -3.185  6.247   7.406   1.00 24.12 ? 24  TYR A CB  1 
ATOM   194  C CG  . TYR A 1 24  ? -2.072  7.224   7.629   1.00 22.83 ? 24  TYR A CG  1 
ATOM   195  C CD1 . TYR A 1 24  ? -1.707  8.125   6.651   1.00 22.63 ? 24  TYR A CD1 1 
ATOM   196  C CD2 . TYR A 1 24  ? -1.362  7.217   8.810   1.00 23.37 ? 24  TYR A CD2 1 
ATOM   197  C CE1 . TYR A 1 24  ? -0.661  9.011   6.860   1.00 24.17 ? 24  TYR A CE1 1 
ATOM   198  C CE2 . TYR A 1 24  ? -0.331  8.087   9.028   1.00 23.67 ? 24  TYR A CE2 1 
ATOM   199  C CZ  . TYR A 1 24  ? 0.018   8.976   8.048   1.00 23.18 ? 24  TYR A CZ  1 
ATOM   200  O OH  . TYR A 1 24  ? 1.053   9.833   8.276   1.00 24.74 ? 24  TYR A OH  1 
ATOM   201  N N   . GLY A 1 25  ? -4.677  9.147   6.446   1.00 23.95 ? 25  GLY A N   1 
ATOM   202  C CA  . GLY A 1 25  ? -4.609  10.193  5.431   1.00 23.32 ? 25  GLY A CA  1 
ATOM   203  C C   . GLY A 1 25  ? -5.703  10.087  4.384   1.00 23.56 ? 25  GLY A C   1 
ATOM   204  O O   . GLY A 1 25  ? -6.786  9.557   4.646   1.00 23.09 ? 25  GLY A O   1 
ATOM   205  N N   . CYS A 1 26  ? -5.411  10.577  3.185   1.00 23.56 ? 26  CYS A N   1 
ATOM   206  C CA  . CYS A 1 26  ? -6.400  10.669  2.108   1.00 23.99 ? 26  CYS A CA  1 
ATOM   207  C C   . CYS A 1 26  ? -6.368  9.479   1.123   1.00 24.39 ? 26  CYS A C   1 
ATOM   208  O O   . CYS A 1 26  ? -7.166  9.411   0.194   1.00 24.97 ? 26  CYS A O   1 
ATOM   209  C CB  . CYS A 1 26  ? -6.189  11.985  1.350   1.00 23.84 ? 26  CYS A CB  1 
ATOM   210  S SG  . CYS A 1 26  ? -6.815  13.448  2.235   1.00 23.98 ? 26  CYS A SG  1 
ATOM   211  N N   . ASN A 1 27  ? -5.463  8.535   1.356   1.00 24.57 ? 27  ASN A N   1 
ATOM   212  C CA  . ASN A 1 27  ? -5.129  7.508   0.369   1.00 24.15 ? 27  ASN A CA  1 
ATOM   213  C C   . ASN A 1 27  ? -4.873  6.133   0.937   1.00 23.81 ? 27  ASN A C   1 
ATOM   214  O O   . ASN A 1 27  ? -5.011  5.155   0.212   1.00 23.98 ? 27  ASN A O   1 
ATOM   215  C CB  . ASN A 1 27  ? -3.857  7.891   -0.391  1.00 23.71 ? 27  ASN A CB  1 
ATOM   216  C CG  . ASN A 1 27  ? -4.062  9.062   -1.294  1.00 25.03 ? 27  ASN A CG  1 
ATOM   217  O OD1 . ASN A 1 27  ? -4.574  8.902   -2.400  1.00 26.49 ? 27  ASN A OD1 1 
ATOM   218  N ND2 . ASN A 1 27  ? -3.675  10.259  -0.831  1.00 21.94 ? 27  ASN A ND2 1 
ATOM   219  N N   . CYS A 1 28  ? -4.374  6.053   2.167   1.00 23.67 ? 28  CYS A N   1 
ATOM   220  C CA  . CYS A 1 28  ? -4.070  4.749   2.738   1.00 24.37 ? 28  CYS A CA  1 
ATOM   221  C C   . CYS A 1 28  ? -5.310  4.007   3.142   1.00 24.46 ? 28  CYS A C   1 
ATOM   222  O O   . CYS A 1 28  ? -6.189  4.577   3.810   1.00 24.78 ? 28  CYS A O   1 
ATOM   223  C CB  . CYS A 1 28  ? -3.143  4.860   3.954   1.00 24.27 ? 28  CYS A CB  1 
ATOM   224  S SG  . CYS A 1 28  ? -1.524  5.534   3.575   1.00 25.80 ? 28  CYS A SG  1 
ATOM   225  N N   . GLY A 1 29  ? -5.363  2.728   2.764   1.00 24.66 ? 29  GLY A N   1 
ATOM   226  C CA  . GLY A 1 29  ? -6.351  1.798   3.281   1.00 24.54 ? 29  GLY A CA  1 
ATOM   227  C C   . GLY A 1 29  ? -7.656  1.905   2.554   1.00 25.53 ? 29  GLY A C   1 
ATOM   228  O O   . GLY A 1 29  ? -7.675  1.919   1.316   1.00 25.64 ? 29  GLY A O   1 
ATOM   229  N N   . VAL A 1 30  ? -8.755  1.982   3.295   1.00 26.33 ? 30  VAL A N   1 
ATOM   230  C CA  . VAL A 1 30  ? -10.078 2.085   2.670   1.00 27.98 ? 30  VAL A CA  1 
ATOM   231  C C   . VAL A 1 30  ? -10.270 3.400   1.885   1.00 28.41 ? 30  VAL A C   1 
ATOM   232  O O   . VAL A 1 30  ? -9.579  4.383   2.135   1.00 28.66 ? 30  VAL A O   1 
ATOM   233  C CB  . VAL A 1 30  ? -11.242 1.909   3.699   1.00 28.20 ? 30  VAL A CB  1 
ATOM   234  C CG1 . VAL A 1 30  ? -11.047 0.683   4.549   1.00 28.30 ? 30  VAL A CG1 1 
ATOM   235  C CG2 . VAL A 1 30  ? -11.335 3.110   4.589   1.00 32.26 ? 30  VAL A CG2 1 
ATOM   236  N N   . GLY A 1 31  ? -11.157 3.384   0.891   1.00 29.43 ? 31  GLY A N   1 
ATOM   237  C CA  . GLY A 1 31  ? -11.632 4.590   0.216   1.00 29.62 ? 31  GLY A CA  1 
ATOM   238  C C   . GLY A 1 31  ? -10.874 4.843   -1.073  1.00 30.18 ? 31  GLY A C   1 
ATOM   239  O O   . GLY A 1 31  ? -10.116 4.002   -1.508  1.00 30.94 ? 31  GLY A O   1 
ATOM   240  N N   . SER A 1 32  ? -11.107 5.979   -1.711  1.00 30.87 ? 32  SER A N   1 
ATOM   241  C CA  . SER A 1 32  ? -10.368 6.338   -2.927  1.00 31.67 ? 32  SER A CA  1 
ATOM   242  C C   . SER A 1 32  ? -9.106  7.146   -2.645  1.00 31.06 ? 32  SER A C   1 
ATOM   243  O O   . SER A 1 32  ? -8.722  7.360   -1.498  1.00 31.70 ? 32  SER A O   1 
ATOM   244  C CB  . SER A 1 32  ? -11.237 7.165   -3.884  1.00 31.87 ? 32  SER A CB  1 
ATOM   245  O OG  . SER A 1 32  ? -12.527 6.606   -4.063  1.00 35.47 ? 32  SER A OG  1 
ATOM   246  N N   . ARG A 1 33  ? -8.473  7.604   -3.719  1.00 30.32 ? 33  ARG A N   1 
ATOM   247  C CA  . ARG A 1 33  ? -7.335  8.485   -3.607  1.00 29.78 ? 33  ARG A CA  1 
ATOM   248  C C   . ARG A 1 33  ? -7.801  9.902   -3.277  1.00 29.70 ? 33  ARG A C   1 
ATOM   249  O O   . ARG A 1 33  ? -8.977  10.219  -3.365  1.00 29.09 ? 33  ARG A O   1 
ATOM   250  C CB  . ARG A 1 33  ? -6.531  8.471   -4.906  1.00 29.96 ? 33  ARG A CB  1 
ATOM   251  C CG  . ARG A 1 33  ? -5.776  7.172   -5.134  1.00 29.06 ? 33  ARG A CG  1 
ATOM   252  C CD  . ARG A 1 33  ? -5.224  7.001   -6.529  1.00 29.83 ? 33  ARG A CD  1 
ATOM   253  N NE  . ARG A 1 33  ? -6.144  7.476   -7.557  1.00 28.32 ? 33  ARG A NE  1 
ATOM   254  C CZ  . ARG A 1 33  ? -5.915  8.519   -8.341  1.00 26.33 ? 33  ARG A CZ  1 
ATOM   255  N NH1 . ARG A 1 33  ? -4.790  9.215   -8.224  1.00 25.25 ? 33  ARG A NH1 1 
ATOM   256  N NH2 . ARG A 1 33  ? -6.823  8.867   -9.236  1.00 25.58 ? 33  ARG A NH2 1 
ATOM   257  N N   . GLY A 1 34  ? -6.856  10.740  -2.874  1.00 29.72 ? 34  GLY A N   1 
ATOM   258  C CA  . GLY A 1 34  ? -7.115  12.133  -2.588  1.00 29.49 ? 34  GLY A CA  1 
ATOM   259  C C   . GLY A 1 34  ? -5.768  12.810  -2.640  1.00 29.60 ? 34  GLY A C   1 
ATOM   260  O O   . GLY A 1 34  ? -4.741  12.142  -2.758  1.00 29.00 ? 34  GLY A O   1 
ATOM   261  N N   . LYS A 1 35  ? -5.755  14.134  -2.569  1.00 29.58 ? 35  LYS A N   1 
ATOM   262  C CA  . LYS A 1 35  ? -4.483  14.825  -2.480  1.00 29.65 ? 35  LYS A CA  1 
ATOM   263  C C   . LYS A 1 35  ? -3.827  14.410  -1.165  1.00 29.65 ? 35  LYS A C   1 
ATOM   264  O O   . LYS A 1 35  ? -4.431  14.530  -0.101  1.00 29.94 ? 35  LYS A O   1 
ATOM   265  C CB  . LYS A 1 35  ? -4.668  16.337  -2.577  1.00 29.44 ? 35  LYS A CB  1 
ATOM   266  C CG  . LYS A 1 35  ? -3.993  16.950  -3.790  1.00 30.08 ? 35  LYS A CG  1 
ATOM   267  C CD  . LYS A 1 35  ? -4.320  18.424  -3.920  1.00 29.44 ? 35  LYS A CD  1 
ATOM   268  C CE  . LYS A 1 35  ? -5.173  18.680  -5.155  1.00 30.17 ? 35  LYS A CE  1 
ATOM   269  N NZ  . LYS A 1 35  ? -5.118  20.125  -5.569  1.00 29.44 ? 35  LYS A NZ  1 
ATOM   270  N N   . PRO A 1 36  ? -2.610  13.881  -1.255  1.00 29.63 ? 36  PRO A N   1 
ATOM   271  C CA  . PRO A 1 36  ? -1.867  13.380  -0.091  1.00 29.75 ? 36  PRO A CA  1 
ATOM   272  C C   . PRO A 1 36  ? -1.547  14.393  1.025   1.00 29.72 ? 36  PRO A C   1 
ATOM   273  O O   . PRO A 1 36  ? -1.054  15.498  0.791   1.00 29.54 ? 36  PRO A O   1 
ATOM   274  C CB  . PRO A 1 36  ? -0.580  12.828  -0.711  1.00 30.10 ? 36  PRO A CB  1 
ATOM   275  C CG  . PRO A 1 36  ? -0.943  12.559  -2.143  1.00 30.15 ? 36  PRO A CG  1 
ATOM   276  C CD  . PRO A 1 36  ? -1.874  13.679  -2.515  1.00 30.12 ? 36  PRO A CD  1 
ATOM   277  N N   . LYS A 1 37  ? -1.826  13.964  2.255   1.00 29.76 ? 37  LYS A N   1 
ATOM   278  C CA  . LYS A 1 37  ? -1.529  14.729  3.466   1.00 29.45 ? 37  LYS A CA  1 
ATOM   279  C C   . LYS A 1 37  ? -0.031  14.781  3.827   1.00 29.40 ? 37  LYS A C   1 
ATOM   280  O O   . LYS A 1 37  ? 0.407   15.700  4.527   1.00 29.26 ? 37  LYS A O   1 
ATOM   281  C CB  . LYS A 1 37  ? -2.313  14.151  4.650   1.00 29.13 ? 37  LYS A CB  1 
ATOM   282  C CG  . LYS A 1 37  ? -3.792  14.003  4.396   1.00 28.77 ? 37  LYS A CG  1 
ATOM   283  C CD  . LYS A 1 37  ? -4.458  15.374  4.266   1.00 28.72 ? 37  LYS A CD  1 
ATOM   284  C CE  . LYS A 1 37  ? -4.081  16.299  5.413   1.00 27.69 ? 37  LYS A CE  1 
ATOM   285  N NZ  . LYS A 1 37  ? -5.001  17.480  5.480   1.00 27.48 ? 37  LYS A NZ  1 
ATOM   286  N N   . ASP A 1 38  ? 0.745   13.794  3.377   1.00 28.96 ? 38  ASP A N   1 
ATOM   287  C CA  . ASP A 1 38  ? 2.183   13.765  3.654   1.00 28.85 ? 38  ASP A CA  1 
ATOM   288  C C   . ASP A 1 38  ? 2.854   12.677  2.833   1.00 29.05 ? 38  ASP A C   1 
ATOM   289  O O   . ASP A 1 38  ? 2.280   12.160  1.864   1.00 29.87 ? 38  ASP A O   1 
ATOM   290  C CB  . ASP A 1 38  ? 2.442   13.505  5.136   1.00 28.33 ? 38  ASP A CB  1 
ATOM   291  C CG  . ASP A 1 38  ? 1.822   12.208  5.608   1.00 28.23 ? 38  ASP A CG  1 
ATOM   292  O OD1 . ASP A 1 38  ? 1.756   11.979  6.836   1.00 26.34 ? 38  ASP A OD1 1 
ATOM   293  O OD2 . ASP A 1 38  ? 1.366   11.349  4.813   1.00 28.18 ? 38  ASP A OD2 1 
ATOM   294  N N   . ALA A 1 39  ? 4.057   12.301  3.253   1.00 28.93 ? 39  ALA A N   1 
ATOM   295  C CA  . ALA A 1 39  ? 4.852   11.310  2.543   1.00 28.81 ? 39  ALA A CA  1 
ATOM   296  C C   . ALA A 1 39  ? 4.302   9.889   2.735   1.00 28.93 ? 39  ALA A C   1 
ATOM   297  O O   . ALA A 1 39  ? 4.208   9.115   1.776   1.00 29.33 ? 39  ALA A O   1 
ATOM   298  C CB  . ALA A 1 39  ? 6.300   11.404  2.977   1.00 28.74 ? 39  ALA A CB  1 
ATOM   299  N N   . THR A 1 40  ? 3.914   9.539   3.956   1.00 28.75 ? 40  THR A N   1 
ATOM   300  C CA  . THR A 1 40  ? 3.283   8.239   4.175   1.00 28.57 ? 40  THR A CA  1 
ATOM   301  C C   . THR A 1 40  ? 2.054   8.070   3.271   1.00 28.61 ? 40  THR A C   1 
ATOM   302  O O   . THR A 1 40  ? 1.889   7.047   2.599   1.00 28.21 ? 40  THR A O   1 
ATOM   303  C CB  . THR A 1 40  ? 2.923   8.050   5.664   1.00 28.52 ? 40  THR A CB  1 
ATOM   304  O OG1 . THR A 1 40  ? 4.105   7.651   6.381   1.00 28.96 ? 40  THR A OG1 1 
ATOM   305  C CG2 . THR A 1 40  ? 1.973   6.862   5.853   1.00 27.30 ? 40  THR A CG2 1 
ATOM   306  N N   . ASP A 1 41  ? 1.213   9.098   3.253   1.00 28.96 ? 41  ASP A N   1 
ATOM   307  C CA  . ASP A 1 41  ? 0.014   9.129   2.430   1.00 28.84 ? 41  ASP A CA  1 
ATOM   308  C C   . ASP A 1 41  ? 0.359   8.979   0.943   1.00 29.00 ? 41  ASP A C   1 
ATOM   309  O O   . ASP A 1 41  ? -0.351  8.299   0.196   1.00 29.36 ? 41  ASP A O   1 
ATOM   310  C CB  . ASP A 1 41  ? -0.758  10.425  2.682   1.00 28.02 ? 41  ASP A CB  1 
ATOM   311  C CG  . ASP A 1 41  ? -2.246  10.293  2.406   1.00 28.71 ? 41  ASP A CG  1 
ATOM   312  O OD1 . ASP A 1 41  ? -2.751  9.140   2.336   1.00 26.20 ? 41  ASP A OD1 1 
ATOM   313  O OD2 . ASP A 1 41  ? -2.990  11.297  2.251   1.00 26.62 ? 41  ASP A OD2 1 
ATOM   314  N N   . ARG A 1 42  ? 1.442   9.624   0.521   1.00 29.74 ? 42  ARG A N   1 
ATOM   315  C CA  . ARG A 1 42  ? 1.875   9.573   -0.879  1.00 29.44 ? 42  ARG A CA  1 
ATOM   316  C C   . ARG A 1 42  ? 2.196   8.150   -1.335  1.00 29.47 ? 42  ARG A C   1 
ATOM   317  O O   . ARG A 1 42  ? 1.863   7.757   -2.455  1.00 29.86 ? 42  ARG A O   1 
ATOM   318  C CB  . ARG A 1 42  ? 3.061   10.518  -1.110  1.00 29.65 ? 42  ARG A CB  1 
ATOM   319  N N   . CYS A 1 43  ? 2.817   7.365   -0.459  1.00 29.20 ? 43  CYS A N   1 
ATOM   320  C CA  . CYS A 1 43  ? 3.094   5.970   -0.765  1.00 28.59 ? 43  CYS A CA  1 
ATOM   321  C C   . CYS A 1 43  ? 1.811   5.279   -1.159  1.00 28.29 ? 43  CYS A C   1 
ATOM   322  O O   . CYS A 1 43  ? 1.802   4.456   -2.072  1.00 27.85 ? 43  CYS A O   1 
ATOM   323  C CB  . CYS A 1 43  ? 3.693   5.257   0.444   1.00 28.27 ? 43  CYS A CB  1 
ATOM   324  S SG  . CYS A 1 43  ? 5.214   6.003   1.022   1.00 28.58 ? 43  CYS A SG  1 
ATOM   325  N N   . CYS A 1 44  ? 0.735   5.629   -0.464  1.00 27.86 ? 44  CYS A N   1 
ATOM   326  C CA  . CYS A 1 44  ? -0.558  4.998   -0.668  1.00 27.66 ? 44  CYS A CA  1 
ATOM   327  C C   . CYS A 1 44  ? -1.286  5.474   -1.943  1.00 27.70 ? 44  CYS A C   1 
ATOM   328  O O   . CYS A 1 44  ? -2.056  4.704   -2.541  1.00 26.76 ? 44  CYS A O   1 
ATOM   329  C CB  . CYS A 1 44  ? -1.425  5.202   0.572   1.00 27.45 ? 44  CYS A CB  1 
ATOM   330  S SG  . CYS A 1 44  ? -0.789  4.387   2.065   1.00 27.86 ? 44  CYS A SG  1 
ATOM   331  N N   . PHE A 1 45  ? -1.040  6.736   -2.337  1.00 26.87 ? 45  PHE A N   1 
ATOM   332  C CA  . PHE A 1 45  ? -1.546  7.320   -3.587  1.00 26.83 ? 45  PHE A CA  1 
ATOM   333  C C   . PHE A 1 45  ? -0.961  6.556   -4.771  1.00 26.72 ? 45  PHE A C   1 
ATOM   334  O O   . PHE A 1 45  ? -1.670  6.168   -5.698  1.00 26.48 ? 45  PHE A O   1 
ATOM   335  C CB  . PHE A 1 45  ? -1.098  8.799   -3.681  1.00 27.06 ? 45  PHE A CB  1 
ATOM   336  C CG  . PHE A 1 45  ? -1.656  9.563   -4.871  1.00 27.42 ? 45  PHE A CG  1 
ATOM   337  C CD1 . PHE A 1 45  ? -2.760  10.393  -4.731  1.00 29.30 ? 45  PHE A CD1 1 
ATOM   338  C CD2 . PHE A 1 45  ? -1.029  9.509   -6.117  1.00 30.41 ? 45  PHE A CD2 1 
ATOM   339  C CE1 . PHE A 1 45  ? -3.251  11.146  -5.820  1.00 29.30 ? 45  PHE A CE1 1 
ATOM   340  C CE2 . PHE A 1 45  ? -1.513  10.250  -7.214  1.00 29.74 ? 45  PHE A CE2 1 
ATOM   341  C CZ  . PHE A 1 45  ? -2.625  11.063  -7.062  1.00 30.17 ? 45  PHE A CZ  1 
ATOM   342  N N   . VAL A 1 46  ? 0.348   6.356   -4.727  1.00 27.04 ? 46  VAL A N   1 
ATOM   343  C CA  . VAL A 1 46  ? 1.078   5.693   -5.795  1.00 27.41 ? 46  VAL A CA  1 
ATOM   344  C C   . VAL A 1 46  ? 0.647   4.230   -5.903  1.00 27.54 ? 46  VAL A C   1 
ATOM   345  O O   . VAL A 1 46  ? 0.401   3.724   -7.001  1.00 27.80 ? 46  VAL A O   1 
ATOM   346  C CB  . VAL A 1 46  ? 2.606   5.806   -5.569  1.00 27.52 ? 46  VAL A CB  1 
ATOM   347  C CG1 . VAL A 1 46  ? 3.383   4.860   -6.506  1.00 28.88 ? 46  VAL A CG1 1 
ATOM   348  C CG2 . VAL A 1 46  ? 3.065   7.250   -5.785  1.00 28.02 ? 46  VAL A CG2 1 
ATOM   349  N N   . HIS A 1 47  ? 0.548   3.574   -4.751  1.00 26.83 ? 47  HIS A N   1 
ATOM   350  C CA  . HIS A 1 47  ? 0.036   2.220   -4.654  1.00 27.72 ? 47  HIS A CA  1 
ATOM   351  C C   . HIS A 1 47  ? -1.356  2.005   -5.293  1.00 27.68 ? 47  HIS A C   1 
ATOM   352  O O   . HIS A 1 47  ? -1.550  1.029   -6.016  1.00 27.32 ? 47  HIS A O   1 
ATOM   353  C CB  . HIS A 1 47  ? -0.042  1.806   -3.179  1.00 27.04 ? 47  HIS A CB  1 
ATOM   354  C CG  . HIS A 1 47  ? -0.414  0.369   -2.986  1.00 27.40 ? 47  HIS A CG  1 
ATOM   355  N ND1 . HIS A 1 47  ? -1.573  -0.018  -2.343  1.00 26.55 ? 47  HIS A ND1 1 
ATOM   356  C CD2 . HIS A 1 47  ? 0.213   -0.775  -3.364  1.00 23.19 ? 47  HIS A CD2 1 
ATOM   357  C CE1 . HIS A 1 47  ? -1.642  -1.340  -2.324  1.00 26.05 ? 47  HIS A CE1 1 
ATOM   358  N NE2 . HIS A 1 47  ? -0.569  -1.822  -2.931  1.00 25.98 ? 47  HIS A NE2 1 
ATOM   359  N N   . LYS A 1 48  ? -2.325  2.887   -5.000  1.00 27.48 ? 48  LYS A N   1 
ATOM   360  C CA  . LYS A 1 48  ? -3.660  2.805   -5.617  1.00 27.58 ? 48  LYS A CA  1 
ATOM   361  C C   . LYS A 1 48  ? -3.636  3.098   -7.134  1.00 27.34 ? 48  LYS A C   1 
ATOM   362  O O   . LYS A 1 48  ? -4.407  2.515   -7.917  1.00 26.77 ? 48  LYS A O   1 
ATOM   363  C CB  . LYS A 1 48  ? -4.676  3.707   -4.903  1.00 27.52 ? 48  LYS A CB  1 
ATOM   364  C CG  . LYS A 1 48  ? -5.110  3.172   -3.535  1.00 28.14 ? 48  LYS A CG  1 
ATOM   365  C CD  . LYS A 1 48  ? -6.123  4.070   -2.871  1.00 32.06 ? 48  LYS A CD  1 
ATOM   366  C CE  . LYS A 1 48  ? -6.954  3.326   -1.807  1.00 33.06 ? 48  LYS A CE  1 
ATOM   367  N NZ  . LYS A 1 48  ? -6.121  3.040   -0.639  1.00 31.93 ? 48  LYS A NZ  1 
ATOM   368  N N   . CYS A 1 49  ? -2.731  3.978   -7.546  1.00 27.11 ? 49  CYS A N   1 
ATOM   369  C CA  . CYS A 1 49  ? -2.479  4.178   -8.967  1.00 27.03 ? 49  CYS A CA  1 
ATOM   370  C C   . CYS A 1 49  ? -1.866  2.913   -9.581  1.00 27.35 ? 49  CYS A C   1 
ATOM   371  O O   . CYS A 1 49  ? -2.187  2.544   -10.707 1.00 26.36 ? 49  CYS A O   1 
ATOM   372  C CB  . CYS A 1 49  ? -1.541  5.374   -9.181  1.00 27.11 ? 49  CYS A CB  1 
ATOM   373  S SG  . CYS A 1 49  ? -2.406  6.968   -9.138  1.00 28.07 ? 49  CYS A SG  1 
ATOM   374  N N   . CYS A 1 50  ? -0.996  2.242   -8.822  1.00 27.39 ? 50  CYS A N   1 
ATOM   375  C CA  . CYS A 1 50  ? -0.296  1.054   -9.327  1.00 27.64 ? 50  CYS A CA  1 
ATOM   376  C C   . CYS A 1 50  ? -1.290  -0.081  -9.582  1.00 27.81 ? 50  CYS A C   1 
ATOM   377  O O   . CYS A 1 50  ? -1.149  -0.868  -10.524 1.00 28.18 ? 50  CYS A O   1 
ATOM   378  C CB  . CYS A 1 50  ? 0.790   0.627   -8.337  1.00 27.10 ? 50  CYS A CB  1 
ATOM   379  S SG  . CYS A 1 50  ? 1.917   -0.668  -8.927  1.00 26.64 ? 50  CYS A SG  1 
ATOM   380  N N   . TYR A 1 51  ? -2.314  -0.130  -8.742  1.00 28.37 ? 51  TYR A N   1 
ATOM   381  C CA  . TYR A 1 51  ? -3.375  -1.127  -8.816  1.00 28.37 ? 51  TYR A CA  1 
ATOM   382  C C   . TYR A 1 51  ? -4.248  -0.901  -10.042 1.00 28.17 ? 51  TYR A C   1 
ATOM   383  O O   . TYR A 1 51  ? -4.979  -1.787  -10.462 1.00 28.13 ? 51  TYR A O   1 
ATOM   384  C CB  . TYR A 1 51  ? -4.253  -1.044  -7.573  1.00 27.73 ? 51  TYR A CB  1 
ATOM   385  C CG  . TYR A 1 51  ? -3.837  -1.905  -6.407  1.00 29.25 ? 51  TYR A CG  1 
ATOM   386  C CD1 . TYR A 1 51  ? -4.644  -1.986  -5.268  1.00 28.16 ? 51  TYR A CD1 1 
ATOM   387  C CD2 . TYR A 1 51  ? -2.650  -2.637  -6.429  1.00 28.71 ? 51  TYR A CD2 1 
ATOM   388  C CE1 . TYR A 1 51  ? -4.265  -2.791  -4.181  1.00 29.26 ? 51  TYR A CE1 1 
ATOM   389  C CE2 . TYR A 1 51  ? -2.268  -3.450  -5.345  1.00 28.32 ? 51  TYR A CE2 1 
ATOM   390  C CZ  . TYR A 1 51  ? -3.074  -3.528  -4.237  1.00 27.91 ? 51  TYR A CZ  1 
ATOM   391  O OH  . TYR A 1 51  ? -2.705  -4.323  -3.164  1.00 26.10 ? 51  TYR A OH  1 
ATOM   392  N N   . LYS A 1 52  ? -4.188  0.291   -10.614 1.00 28.54 ? 52  LYS A N   1 
ATOM   393  C CA  . LYS A 1 52  ? -4.952  0.554   -11.829 1.00 28.99 ? 52  LYS A CA  1 
ATOM   394  C C   . LYS A 1 52  ? -4.482  -0.281  -13.040 1.00 28.76 ? 52  LYS A C   1 
ATOM   395  O O   . LYS A 1 52  ? -5.252  -0.508  -13.966 1.00 28.89 ? 52  LYS A O   1 
ATOM   396  C CB  . LYS A 1 52  ? -4.974  2.050   -12.148 1.00 29.15 ? 52  LYS A CB  1 
ATOM   397  C CG  . LYS A 1 52  ? -5.809  2.857   -11.151 1.00 28.86 ? 52  LYS A CG  1 
ATOM   398  C CD  . LYS A 1 52  ? -6.596  3.944   -11.861 1.00 30.32 ? 52  LYS A CD  1 
ATOM   399  C CE  . LYS A 1 52  ? -7.049  5.029   -10.886 1.00 30.18 ? 52  LYS A CE  1 
ATOM   400  N NZ  . LYS A 1 52  ? -8.184  4.567   -10.068 1.00 29.42 ? 52  LYS A NZ  1 
ATOM   401  N N   . ALA A 1 53  ? -3.240  -0.758  -13.004 1.00 28.82 ? 53  ALA A N   1 
ATOM   402  C CA  . ALA A 1 53  ? -2.702  -1.632  -14.046 1.00 28.93 ? 53  ALA A CA  1 
ATOM   403  C C   . ALA A 1 53  ? -3.203  -3.088  -14.010 1.00 28.93 ? 53  ALA A C   1 
ATOM   404  O O   . ALA A 1 53  ? -2.957  -3.861  -14.944 1.00 28.57 ? 53  ALA A O   1 
ATOM   405  C CB  . ALA A 1 53  ? -1.155  -1.591  -14.039 1.00 29.55 ? 53  ALA A CB  1 
ATOM   406  N N   . LEU A 1 54  ? -3.903  -3.464  -12.941 1.00 28.71 ? 54  LEU A N   1 
ATOM   407  C CA  . LEU A 1 54  ? -4.335  -4.850  -12.763 1.00 28.51 ? 54  LEU A CA  1 
ATOM   408  C C   . LEU A 1 54  ? -5.617  -5.140  -13.550 1.00 28.54 ? 54  LEU A C   1 
ATOM   409  O O   . LEU A 1 54  ? -6.715  -5.091  -13.002 1.00 29.38 ? 54  LEU A O   1 
ATOM   410  C CB  . LEU A 1 54  ? -4.508  -5.170  -11.269 1.00 28.35 ? 54  LEU A CB  1 
ATOM   411  C CG  . LEU A 1 54  ? -3.264  -4.752  -10.467 1.00 27.80 ? 54  LEU A CG  1 
ATOM   412  C CD1 . LEU A 1 54  ? -3.310  -5.232  -9.053  1.00 25.42 ? 54  LEU A CD1 1 
ATOM   413  C CD2 . LEU A 1 54  ? -1.961  -5.252  -11.159 1.00 29.83 ? 54  LEU A CD2 1 
ATOM   414  N N   . THR A 1 55  ? -5.469  -5.443  -14.833 1.00 28.05 ? 55  THR A N   1 
ATOM   415  C CA  . THR A 1 55  ? -6.610  -5.609  -15.709 1.00 27.56 ? 55  THR A CA  1 
ATOM   416  C C   . THR A 1 55  ? -7.325  -6.931  -15.467 1.00 27.72 ? 55  THR A C   1 
ATOM   417  O O   . THR A 1 55  ? -8.546  -7.009  -15.602 1.00 28.42 ? 55  THR A O   1 
ATOM   418  C CB  . THR A 1 55  ? -6.168  -5.520  -17.182 1.00 27.83 ? 55  THR A CB  1 
ATOM   419  O OG1 . THR A 1 55  ? -5.113  -6.470  -17.439 1.00 26.72 ? 55  THR A OG1 1 
ATOM   420  C CG2 . THR A 1 55  ? -5.524  -4.167  -17.466 1.00 27.66 ? 55  THR A CG2 1 
ATOM   421  N N   . ASP A 1 56  ? -6.573  -7.965  -15.112 1.00 27.09 ? 56  ASP A N   1 
ATOM   422  C CA  . ASP A 1 56  ? -7.119  -9.320  -15.049 1.00 27.28 ? 56  ASP A CA  1 
ATOM   423  C C   . ASP A 1 56  ? -6.850  -10.033 -13.722 1.00 26.68 ? 56  ASP A C   1 
ATOM   424  O O   . ASP A 1 56  ? -6.704  -11.251 -13.693 1.00 25.80 ? 56  ASP A O   1 
ATOM   425  C CB  . ASP A 1 56  ? -6.548  -10.171 -16.193 1.00 27.45 ? 56  ASP A CB  1 
ATOM   426  C CG  . ASP A 1 56  ? -6.727  -9.521  -17.531 1.00 29.48 ? 56  ASP A CG  1 
ATOM   427  O OD1 . ASP A 1 56  ? -7.786  -9.745  -18.140 1.00 30.74 ? 56  ASP A OD1 1 
ATOM   428  O OD2 . ASP A 1 56  ? -5.886  -8.747  -18.046 1.00 32.13 ? 56  ASP A OD2 1 
ATOM   429  N N   . CYS A 1 57  ? -6.783  -9.274  -12.631 1.00 26.27 ? 57  CYS A N   1 
ATOM   430  C CA  . CYS A 1 57  ? -6.582  -9.866  -11.314 1.00 26.70 ? 57  CYS A CA  1 
ATOM   431  C C   . CYS A 1 57  ? -7.039  -8.912  -10.211 1.00 27.04 ? 57  CYS A C   1 
ATOM   432  O O   . CYS A 1 57  ? -7.124  -7.697  -10.413 1.00 26.37 ? 57  CYS A O   1 
ATOM   433  C CB  . CYS A 1 57  ? -5.128  -10.323 -11.102 1.00 25.90 ? 57  CYS A CB  1 
ATOM   434  S SG  . CYS A 1 57  ? -3.808  -9.078  -11.295 1.00 26.63 ? 57  CYS A SG  1 
ATOM   435  N N   . SER A 1 58  ? -7.360  -9.472  -9.052  1.00 27.37 ? 58  SER A N   1 
ATOM   436  C CA  . SER A 1 58  ? -7.932  -8.681  -7.979  1.00 28.26 ? 58  SER A CA  1 
ATOM   437  C C   . SER A 1 58  ? -6.924  -8.589  -6.844  1.00 28.25 ? 58  SER A C   1 
ATOM   438  O O   . SER A 1 58  ? -6.614  -9.607  -6.226  1.00 28.17 ? 58  SER A O   1 
ATOM   439  C CB  . SER A 1 58  ? -9.201  -9.348  -7.487  1.00 29.34 ? 58  SER A CB  1 
ATOM   440  O OG  . SER A 1 58  ? -9.490  -8.948  -6.151  1.00 33.69 ? 58  SER A OG  1 
ATOM   441  N N   . PRO A 1 59  ? -6.409  -7.386  -6.569  1.00 27.90 ? 59  PRO A N   1 
ATOM   442  C CA  . PRO A 1 59  ? -5.407  -7.193  -5.513  1.00 28.47 ? 59  PRO A CA  1 
ATOM   443  C C   . PRO A 1 59  ? -5.957  -7.591  -4.146  1.00 29.31 ? 59  PRO A C   1 
ATOM   444  O O   . PRO A 1 59  ? -5.215  -7.906  -3.225  1.00 29.99 ? 59  PRO A O   1 
ATOM   445  C CB  . PRO A 1 59  ? -5.149  -5.690  -5.550  1.00 28.13 ? 59  PRO A CB  1 
ATOM   446  C CG  . PRO A 1 59  ? -6.377  -5.098  -6.200  1.00 27.16 ? 59  PRO A CG  1 
ATOM   447  C CD  . PRO A 1 59  ? -6.783  -6.116  -7.214  1.00 27.84 ? 59  PRO A CD  1 
ATOM   448  N N   . LYS A 1 60  ? -7.272  -7.624  -4.019  1.00 29.80 ? 60  LYS A N   1 
ATOM   449  C CA  . LYS A 1 60  ? -7.846  -7.991  -2.743  1.00 30.67 ? 60  LYS A CA  1 
ATOM   450  C C   . LYS A 1 60  ? -7.850  -9.509  -2.499  1.00 30.15 ? 60  LYS A C   1 
ATOM   451  O O   . LYS A 1 60  ? -7.550  -9.950  -1.390  1.00 29.54 ? 60  LYS A O   1 
ATOM   452  C CB  . LYS A 1 60  ? -9.242  -7.377  -2.597  1.00 31.31 ? 60  LYS A CB  1 
ATOM   453  C CG  . LYS A 1 60  ? -9.972  -7.770  -1.336  1.00 35.65 ? 60  LYS A CG  1 
ATOM   454  C CD  . LYS A 1 60  ? -11.138 -6.829  -1.049  1.00 43.04 ? 60  LYS A CD  1 
ATOM   455  C CE  . LYS A 1 60  ? -12.348 -7.184  -1.911  1.00 46.56 ? 60  LYS A CE  1 
ATOM   456  N NZ  . LYS A 1 60  ? -12.238 -6.501  -3.251  1.00 49.78 ? 60  LYS A NZ  1 
ATOM   457  N N   . THR A 1 61  ? -8.194  -10.307 -3.512  1.00 29.66 ? 61  THR A N   1 
ATOM   458  C CA  . THR A 1 61  ? -8.470  -11.721 -3.273  1.00 28.92 ? 61  THR A CA  1 
ATOM   459  C C   . THR A 1 61  ? -7.546  -12.700 -3.969  1.00 28.52 ? 61  THR A C   1 
ATOM   460  O O   . THR A 1 61  ? -7.568  -13.881 -3.638  1.00 28.86 ? 61  THR A O   1 
ATOM   461  C CB  . THR A 1 61  ? -9.907  -12.080 -3.669  1.00 29.74 ? 61  THR A CB  1 
ATOM   462  O OG1 . THR A 1 61  ? -10.097 -11.778 -5.053  1.00 31.40 ? 61  THR A OG1 1 
ATOM   463  C CG2 . THR A 1 61  ? -10.948 -11.217 -2.948  1.00 29.25 ? 61  THR A CG2 1 
ATOM   464  N N   . ASP A 1 62  ? -6.800  -12.244 -4.975  1.00 27.96 ? 62  ASP A N   1 
ATOM   465  C CA  . ASP A 1 62  ? -5.883  -13.109 -5.700  1.00 28.12 ? 62  ASP A CA  1 
ATOM   466  C C   . ASP A 1 62  ? -4.524  -13.145 -5.039  1.00 27.71 ? 62  ASP A C   1 
ATOM   467  O O   . ASP A 1 62  ? -3.853  -12.119 -4.881  1.00 28.02 ? 62  ASP A O   1 
ATOM   468  C CB  . ASP A 1 62  ? -5.715  -12.692 -7.167  1.00 28.18 ? 62  ASP A CB  1 
ATOM   469  C CG  . ASP A 1 62  ? -6.947  -12.959 -7.991  1.00 28.69 ? 62  ASP A CG  1 
ATOM   470  O OD1 . ASP A 1 62  ? -7.601  -13.999 -7.778  1.00 30.57 ? 62  ASP A OD1 1 
ATOM   471  O OD2 . ASP A 1 62  ? -7.332  -12.181 -8.873  1.00 29.15 ? 62  ASP A OD2 1 
ATOM   472  N N   . SER A 1 63  ? -4.124  -14.367 -4.704  1.00 27.77 ? 63  SER A N   1 
ATOM   473  C CA  . SER A 1 63  ? -2.889  -14.647 -4.010  1.00 27.72 ? 63  SER A CA  1 
ATOM   474  C C   . SER A 1 63  ? -1.743  -14.684 -5.006  1.00 27.25 ? 63  SER A C   1 
ATOM   475  O O   . SER A 1 63  ? -1.896  -15.180 -6.116  1.00 27.67 ? 63  SER A O   1 
ATOM   476  C CB  . SER A 1 63  ? -3.029  -15.993 -3.305  1.00 28.27 ? 63  SER A CB  1 
ATOM   477  O OG  . SER A 1 63  ? -1.788  -16.426 -2.802  1.00 29.12 ? 63  SER A OG  1 
ATOM   478  N N   . TYR A 1 64  ? -0.613  -14.103 -4.644  1.00 27.04 ? 64  TYR A N   1 
ATOM   479  C CA  . TYR A 1 64  ? 0.601   -14.272 -5.429  1.00 26.68 ? 64  TYR A CA  1 
ATOM   480  C C   . TYR A 1 64  ? 1.649   -14.907 -4.509  1.00 27.31 ? 64  TYR A C   1 
ATOM   481  O O   . TYR A 1 64  ? 1.460   -14.993 -3.305  1.00 26.81 ? 64  TYR A O   1 
ATOM   482  C CB  . TYR A 1 64  ? 1.114   -12.950 -6.009  1.00 25.42 ? 64  TYR A CB  1 
ATOM   483  C CG  . TYR A 1 64  ? 1.246   -11.860 -4.987  1.00 26.30 ? 64  TYR A CG  1 
ATOM   484  C CD1 . TYR A 1 64  ? 2.322   -11.834 -4.103  1.00 26.15 ? 64  TYR A CD1 1 
ATOM   485  C CD2 . TYR A 1 64  ? 0.289   -10.833 -4.900  1.00 26.29 ? 64  TYR A CD2 1 
ATOM   486  C CE1 . TYR A 1 64  ? 2.439   -10.830 -3.137  1.00 26.15 ? 64  TYR A CE1 1 
ATOM   487  C CE2 . TYR A 1 64  ? 0.411   -9.813  -3.941  1.00 25.26 ? 64  TYR A CE2 1 
ATOM   488  C CZ  . TYR A 1 64  ? 1.480   -9.834  -3.063  1.00 23.16 ? 64  TYR A CZ  1 
ATOM   489  O OH  . TYR A 1 64  ? 1.605   -8.842  -2.111  1.00 23.27 ? 64  TYR A OH  1 
ATOM   490  N N   . SER A 1 65  ? 2.766   -15.344 -5.064  1.00 28.09 ? 65  SER A N   1 
ATOM   491  C CA  . SER A 1 65  ? 3.794   -15.883 -4.202  1.00 29.27 ? 65  SER A CA  1 
ATOM   492  C C   . SER A 1 65  ? 4.962   -14.905 -4.148  1.00 29.08 ? 65  SER A C   1 
ATOM   493  O O   . SER A 1 65  ? 5.327   -14.283 -5.153  1.00 28.76 ? 65  SER A O   1 
ATOM   494  C CB  . SER A 1 65  ? 4.226   -17.256 -4.680  1.00 29.21 ? 65  SER A CB  1 
ATOM   495  O OG  . SER A 1 65  ? 4.963   -17.103 -5.852  1.00 32.66 ? 65  SER A OG  1 
ATOM   496  N N   . TYR A 1 66  ? 5.493   -14.728 -2.945  1.00 29.19 ? 66  TYR A N   1 
ATOM   497  C CA  . TYR A 1 66  ? 6.700   -13.946 -2.742  1.00 29.45 ? 66  TYR A CA  1 
ATOM   498  C C   . TYR A 1 66  ? 7.493   -14.530 -1.591  1.00 29.86 ? 66  TYR A C   1 
ATOM   499  O O   . TYR A 1 66  ? 6.986   -15.348 -0.831  1.00 30.24 ? 66  TYR A O   1 
ATOM   500  C CB  . TYR A 1 66  ? 6.363   -12.475 -2.481  1.00 28.76 ? 66  TYR A CB  1 
ATOM   501  C CG  . TYR A 1 66  ? 5.955   -12.153 -1.057  1.00 28.20 ? 66  TYR A CG  1 
ATOM   502  C CD1 . TYR A 1 66  ? 4.623   -12.252 -0.656  1.00 29.40 ? 66  TYR A CD1 1 
ATOM   503  C CD2 . TYR A 1 66  ? 6.896   -11.722 -0.116  1.00 28.38 ? 66  TYR A CD2 1 
ATOM   504  C CE1 . TYR A 1 66  ? 4.238   -11.949 0.646   1.00 29.24 ? 66  TYR A CE1 1 
ATOM   505  C CE2 . TYR A 1 66  ? 6.523   -11.413 1.199   1.00 27.31 ? 66  TYR A CE2 1 
ATOM   506  C CZ  . TYR A 1 66  ? 5.199   -11.523 1.567   1.00 30.17 ? 66  TYR A CZ  1 
ATOM   507  O OH  . TYR A 1 66  ? 4.816   -11.216 2.849   1.00 31.64 ? 66  TYR A OH  1 
ATOM   508  N N   . SER A 1 67  ? 8.743   -14.116 -1.460  1.00 30.81 ? 67  SER A N   1 
ATOM   509  C CA  . SER A 1 67  ? 9.553   -14.576 -0.347  1.00 31.77 ? 67  SER A CA  1 
ATOM   510  C C   . SER A 1 67  ? 10.054  -13.376 0.444   1.00 32.69 ? 67  SER A C   1 
ATOM   511  O O   . SER A 1 67  ? 10.156  -12.270 -0.080  1.00 33.01 ? 67  SER A O   1 
ATOM   512  C CB  . SER A 1 67  ? 10.717  -15.432 -0.844  1.00 31.50 ? 67  SER A CB  1 
ATOM   513  O OG  . SER A 1 67  ? 11.712  -14.613 -1.427  1.00 32.42 ? 67  SER A OG  1 
ATOM   514  N N   . TRP A 1 68  ? 10.343  -13.593 1.719   1.00 33.61 ? 68  TRP A N   1 
ATOM   515  C CA  . TRP A 1 68  ? 10.827  -12.529 2.576   1.00 34.63 ? 68  TRP A CA  1 
ATOM   516  C C   . TRP A 1 68  ? 12.190  -12.999 3.090   1.00 35.00 ? 68  TRP A C   1 
ATOM   517  O O   . TRP A 1 68  ? 12.272  -13.698 4.096   1.00 35.16 ? 68  TRP A O   1 
ATOM   518  C CB  . TRP A 1 68  ? 9.786   -12.247 3.683   1.00 34.80 ? 68  TRP A CB  1 
ATOM   519  C CG  . TRP A 1 68  ? 10.266  -11.463 4.887   1.00 35.92 ? 68  TRP A CG  1 
ATOM   520  C CD1 . TRP A 1 68  ? 10.544  -11.961 6.140   1.00 36.79 ? 68  TRP A CD1 1 
ATOM   521  C CD2 . TRP A 1 68  ? 10.495  -10.046 4.966   1.00 35.99 ? 68  TRP A CD2 1 
ATOM   522  N NE1 . TRP A 1 68  ? 10.950  -10.946 6.976   1.00 37.30 ? 68  TRP A NE1 1 
ATOM   523  C CE2 . TRP A 1 68  ? 10.931  -9.760  6.283   1.00 36.80 ? 68  TRP A CE2 1 
ATOM   524  C CE3 . TRP A 1 68  ? 10.403  -8.991  4.050   1.00 34.51 ? 68  TRP A CE3 1 
ATOM   525  C CZ2 . TRP A 1 68  ? 11.260  -8.462  6.703   1.00 36.48 ? 68  TRP A CZ2 1 
ATOM   526  C CZ3 . TRP A 1 68  ? 10.732  -7.710  4.466   1.00 35.64 ? 68  TRP A CZ3 1 
ATOM   527  C CH2 . TRP A 1 68  ? 11.156  -7.455  5.782   1.00 35.84 ? 68  TRP A CH2 1 
ATOM   528  N N   . LYS A 1 69  ? 13.248  -12.658 2.345   1.00 35.44 ? 69  LYS A N   1 
ATOM   529  C CA  . LYS A 1 69  ? 14.631  -13.040 2.681   1.00 35.93 ? 69  LYS A CA  1 
ATOM   530  C C   . LYS A 1 69  ? 15.152  -12.270 3.888   1.00 35.97 ? 69  LYS A C   1 
ATOM   531  O O   . LYS A 1 69  ? 14.387  -11.597 4.592   1.00 36.47 ? 69  LYS A O   1 
ATOM   532  C CB  . LYS A 1 69  ? 15.578  -12.753 1.508   1.00 36.00 ? 69  LYS A CB  1 
ATOM   533  C CG  . LYS A 1 69  ? 15.286  -13.506 0.215   1.00 36.43 ? 69  LYS A CG  1 
ATOM   534  C CD  . LYS A 1 69  ? 16.494  -13.429 -0.740  1.00 36.47 ? 69  LYS A CD  1 
ATOM   535  C CE  . LYS A 1 69  ? 16.967  -11.981 -0.953  1.00 36.13 ? 69  LYS A CE  1 
ATOM   536  N NZ  . LYS A 1 69  ? 18.297  -11.698 -0.309  1.00 36.08 ? 69  LYS A NZ  1 
ATOM   537  N N   . ASP A 1 70  ? 16.457  -12.351 4.127   1.00 35.80 ? 70  ASP A N   1 
ATOM   538  C CA  . ASP A 1 70  ? 17.045  -11.488 5.139   1.00 35.59 ? 70  ASP A CA  1 
ATOM   539  C C   . ASP A 1 70  ? 16.550  -10.045 4.912   1.00 35.29 ? 70  ASP A C   1 
ATOM   540  O O   . ASP A 1 70  ? 17.179  -9.241  4.174   1.00 35.23 ? 70  ASP A O   1 
ATOM   541  C CB  . ASP A 1 70  ? 18.582  -11.557 5.138   1.00 35.96 ? 70  ASP A CB  1 
ATOM   542  C CG  . ASP A 1 70  ? 19.124  -12.350 3.949   1.00 36.28 ? 70  ASP A CG  1 
ATOM   543  O OD1 . ASP A 1 70  ? 18.324  -12.733 3.064   1.00 36.36 ? 70  ASP A OD1 1 
ATOM   544  O OD2 . ASP A 1 70  ? 20.335  -12.627 3.817   1.00 35.20 ? 70  ASP A OD2 1 
ATOM   545  N N   . LYS A 1 71  ? 15.396  -9.739  5.535   1.00 34.78 ? 71  LYS A N   1 
ATOM   546  C CA  . LYS A 1 71  ? 14.857  -8.382  5.529   1.00 34.39 ? 71  LYS A CA  1 
ATOM   547  C C   . LYS A 1 71  ? 14.480  -7.883  4.127   1.00 34.07 ? 71  LYS A C   1 
ATOM   548  O O   . LYS A 1 71  ? 14.169  -6.700  3.951   1.00 34.39 ? 71  LYS A O   1 
ATOM   549  C CB  . LYS A 1 71  ? 15.849  -7.409  6.193   1.00 34.57 ? 71  LYS A CB  1 
ATOM   550  C CG  . LYS A 1 71  ? 15.595  -7.144  7.681   1.00 34.34 ? 71  LYS A CG  1 
ATOM   551  C CD  . LYS A 1 71  ? 14.149  -6.723  7.937   1.00 34.21 ? 71  LYS A CD  1 
ATOM   552  C CE  . LYS A 1 71  ? 14.045  -5.309  8.523   1.00 33.69 ? 71  LYS A CE  1 
ATOM   553  N NZ  . LYS A 1 71  ? 12.829  -4.579  8.019   1.00 33.01 ? 71  LYS A NZ  1 
ATOM   554  N N   . THR A 1 72  ? 14.476  -8.786  3.144   1.00 33.46 ? 72  THR A N   1 
ATOM   555  C CA  . THR A 1 72  ? 14.253  -8.419  1.738   1.00 32.38 ? 72  THR A CA  1 
ATOM   556  C C   . THR A 1 72  ? 13.017  -9.066  1.111   1.00 31.52 ? 72  THR A C   1 
ATOM   557  O O   . THR A 1 72  ? 12.772  -10.262 1.290   1.00 31.74 ? 72  THR A O   1 
ATOM   558  C CB  . THR A 1 72  ? 15.504  -8.779  0.901   1.00 32.44 ? 72  THR A CB  1 
ATOM   559  O OG1 . THR A 1 72  ? 16.687  -8.480  1.653   1.00 32.33 ? 72  THR A OG1 1 
ATOM   560  C CG2 . THR A 1 72  ? 15.619  -7.864  -0.305  1.00 32.50 ? 72  THR A CG2 1 
ATOM   561  N N   . ILE A 1 73  ? 12.240  -8.288  0.362   1.00 30.32 ? 73  ILE A N   1 
ATOM   562  C CA  . ILE A 1 73  ? 11.114  -8.871  -0.369  1.00 28.97 ? 73  ILE A CA  1 
ATOM   563  C C   . ILE A 1 73  ? 11.545  -9.207  -1.810  1.00 28.50 ? 73  ILE A C   1 
ATOM   564  O O   . ILE A 1 73  ? 12.183  -8.374  -2.525  1.00 28.32 ? 73  ILE A O   1 
ATOM   565  C CB  . ILE A 1 73  ? 9.869   -7.950  -0.378  1.00 28.15 ? 73  ILE A CB  1 
ATOM   566  C CG1 . ILE A 1 73  ? 9.329   -7.732  1.047   1.00 27.89 ? 73  ILE A CG1 1 
ATOM   567  C CG2 . ILE A 1 73  ? 8.790   -8.553  -1.279  1.00 28.04 ? 73  ILE A CG2 1 
ATOM   568  C CD1 . ILE A 1 73  ? 8.368   -6.515  1.194   1.00 24.20 ? 73  ILE A CD1 1 
ATOM   569  N N   . VAL A 1 74  ? 11.171  -10.430 -2.215  1.00 27.51 ? 74  VAL A N   1 
ATOM   570  C CA  . VAL A 1 74  ? 11.377  -10.926 -3.575  1.00 27.43 ? 74  VAL A CA  1 
ATOM   571  C C   . VAL A 1 74  ? 10.068  -11.556 -4.122  1.00 26.90 ? 74  VAL A C   1 
ATOM   572  O O   . VAL A 1 74  ? 9.580   -12.556 -3.591  1.00 26.50 ? 74  VAL A O   1 
ATOM   573  C CB  . VAL A 1 74  ? 12.481  -11.987 -3.593  1.00 26.96 ? 74  VAL A CB  1 
ATOM   574  C CG1 . VAL A 1 74  ? 12.637  -12.594 -5.001  1.00 28.24 ? 74  VAL A CG1 1 
ATOM   575  C CG2 . VAL A 1 74  ? 13.816  -11.408 -3.084  1.00 27.60 ? 74  VAL A CG2 1 
ATOM   576  N N   . CYS A 1 75  ? 9.499   -10.961 -5.166  1.00 26.71 ? 75  CYS A N   1 
ATOM   577  C CA  . CYS A 1 75  ? 8.247   -11.453 -5.752  1.00 26.56 ? 75  CYS A CA  1 
ATOM   578  C C   . CYS A 1 75  ? 8.543   -12.740 -6.514  1.00 26.76 ? 75  CYS A C   1 
ATOM   579  O O   . CYS A 1 75  ? 9.539   -12.824 -7.212  1.00 26.22 ? 75  CYS A O   1 
ATOM   580  C CB  . CYS A 1 75  ? 7.667   -10.404 -6.677  1.00 26.00 ? 75  CYS A CB  1 
ATOM   581  S SG  . CYS A 1 75  ? 6.942   -9.049  -5.753  1.00 25.95 ? 75  CYS A SG  1 
ATOM   582  N N   . GLY A 1 76  ? 7.698   -13.752 -6.367  1.00 27.03 ? 76  GLY A N   1 
ATOM   583  C CA  . GLY A 1 76  ? 8.077   -15.064 -6.882  1.00 27.58 ? 76  GLY A CA  1 
ATOM   584  C C   . GLY A 1 76  ? 7.732   -15.404 -8.328  1.00 27.52 ? 76  GLY A C   1 
ATOM   585  O O   . GLY A 1 76  ? 7.694   -14.557 -9.199  1.00 27.14 ? 76  GLY A O   1 
ATOM   586  N N   . LYS A 1 77  ? 7.491   -16.683 -8.577  1.00 27.74 ? 77  LYS A N   1 
ATOM   587  C CA  . LYS A 1 77  ? 7.006   -17.124 -9.869  1.00 27.60 ? 77  LYS A CA  1 
ATOM   588  C C   . LYS A 1 77  ? 5.485   -16.895 -9.898  1.00 26.98 ? 77  LYS A C   1 
ATOM   589  O O   . LYS A 1 77  ? 4.720   -17.555 -9.183  1.00 26.15 ? 77  LYS A O   1 
ATOM   590  C CB  . LYS A 1 77  ? 7.375   -18.598 -10.080 1.00 26.91 ? 77  LYS A CB  1 
ATOM   591  C CG  . LYS A 1 77  ? 7.181   -19.142 -11.490 1.00 28.55 ? 77  LYS A CG  1 
ATOM   592  C CD  . LYS A 1 77  ? 7.002   -20.682 -11.444 1.00 29.42 ? 77  LYS A CD  1 
ATOM   593  C CE  . LYS A 1 77  ? 7.342   -21.389 -12.747 1.00 32.99 ? 77  LYS A CE  1 
ATOM   594  N NZ  . LYS A 1 77  ? 7.283   -20.568 -14.006 1.00 35.09 ? 77  LYS A NZ  1 
ATOM   595  N N   . ASN A 1 78  ? 5.056   -15.946 -10.723 1.00 26.80 ? 78  ASN A N   1 
ATOM   596  C CA  . ASN A 1 78  ? 3.636   -15.569 -10.800 1.00 26.71 ? 78  ASN A CA  1 
ATOM   597  C C   . ASN A 1 78  ? 3.268   -15.323 -12.252 1.00 26.62 ? 78  ASN A C   1 
ATOM   598  O O   . ASN A 1 78  ? 4.146   -15.088 -13.097 1.00 25.52 ? 78  ASN A O   1 
ATOM   599  C CB  . ASN A 1 78  ? 3.376   -14.254 -10.048 1.00 26.79 ? 78  ASN A CB  1 
ATOM   600  C CG  . ASN A 1 78  ? 3.624   -14.355 -8.552  1.00 27.69 ? 78  ASN A CG  1 
ATOM   601  O OD1 . ASN A 1 78  ? 4.384   -13.555 -7.981  1.00 27.47 ? 78  ASN A OD1 1 
ATOM   602  N ND2 . ASN A 1 78  ? 2.989   -15.325 -7.906  1.00 27.75 ? 78  ASN A ND2 1 
ATOM   603  N N   . ASN A 1 79  ? 1.972   -15.314 -12.550 1.00 26.19 ? 79  ASN A N   1 
ATOM   604  C CA  . ASN A 1 79  ? 1.556   -14.912 -13.901 1.00 26.34 ? 79  ASN A CA  1 
ATOM   605  C C   . ASN A 1 79  ? 1.706   -13.400 -13.993 1.00 25.19 ? 79  ASN A C   1 
ATOM   606  O O   . ASN A 1 79  ? 1.827   -12.730 -12.966 1.00 24.77 ? 79  ASN A O   1 
ATOM   607  C CB  . ASN A 1 79  ? 0.129   -15.375 -14.225 1.00 27.11 ? 79  ASN A CB  1 
ATOM   608  C CG  . ASN A 1 79  ? -0.900  -14.641 -13.427 1.00 29.02 ? 79  ASN A CG  1 
ATOM   609  O OD1 . ASN A 1 79  ? -1.267  -13.510 -13.739 1.00 32.91 ? 79  ASN A OD1 1 
ATOM   610  N ND2 . ASN A 1 79  ? -1.389  -15.285 -12.388 1.00 36.50 ? 79  ASN A ND2 1 
ATOM   611  N N   . PRO A 1 80  ? 1.772   -12.862 -15.203 1.00 24.54 ? 80  PRO A N   1 
ATOM   612  C CA  . PRO A 1 80  ? 2.040   -11.429 -15.376 1.00 24.40 ? 80  PRO A CA  1 
ATOM   613  C C   . PRO A 1 80  ? 1.176   -10.475 -14.549 1.00 24.34 ? 80  PRO A C   1 
ATOM   614  O O   . PRO A 1 80  ? 1.713   -9.515  -14.015 1.00 23.75 ? 80  PRO A O   1 
ATOM   615  C CB  . PRO A 1 80  ? 1.862   -11.231 -16.874 1.00 23.75 ? 80  PRO A CB  1 
ATOM   616  C CG  . PRO A 1 80  ? 2.337   -12.535 -17.410 1.00 24.03 ? 80  PRO A CG  1 
ATOM   617  C CD  . PRO A 1 80  ? 1.705   -13.561 -16.497 1.00 24.54 ? 80  PRO A CD  1 
ATOM   618  N N   . CYS A 1 81  ? -0.120  -10.728 -14.406 1.00 24.59 ? 81  CYS A N   1 
ATOM   619  C CA  . CYS A 1 81  ? -0.934  -9.782  -13.651 1.00 25.01 ? 81  CYS A CA  1 
ATOM   620  C C   . CYS A 1 81  ? -0.561  -9.831  -12.154 1.00 25.37 ? 81  CYS A C   1 
ATOM   621  O O   . CYS A 1 81  ? -0.576  -8.810  -11.453 1.00 24.96 ? 81  CYS A O   1 
ATOM   622  C CB  . CYS A 1 81  ? -2.441  -10.022 -13.897 1.00 24.78 ? 81  CYS A CB  1 
ATOM   623  S SG  . CYS A 1 81  ? -3.526  -8.710  -13.269 1.00 27.22 ? 81  CYS A SG  1 
ATOM   624  N N   . LEU A 1 82  ? -0.227  -11.018 -11.661 1.00 25.27 ? 82  LEU A N   1 
ATOM   625  C CA  . LEU A 1 82  ? 0.122   -11.180 -10.256 1.00 26.33 ? 82  LEU A CA  1 
ATOM   626  C C   . LEU A 1 82  ? 1.526   -10.658 -9.974  1.00 26.60 ? 82  LEU A C   1 
ATOM   627  O O   . LEU A 1 82  ? 1.821   -10.198 -8.871  1.00 26.63 ? 82  LEU A O   1 
ATOM   628  C CB  . LEU A 1 82  ? 0.034   -12.649 -9.863  1.00 26.61 ? 82  LEU A CB  1 
ATOM   629  C CG  . LEU A 1 82  ? -1.373  -13.251 -9.876  1.00 29.76 ? 82  LEU A CG  1 
ATOM   630  C CD1 . LEU A 1 82  ? -1.311  -14.685 -9.313  1.00 31.32 ? 82  LEU A CD1 1 
ATOM   631  C CD2 . LEU A 1 82  ? -2.302  -12.385 -9.081  1.00 28.10 ? 82  LEU A CD2 1 
ATOM   632  N N   . LYS A 1 83  ? 2.398   -10.752 -10.974 1.00 26.83 ? 83  LYS A N   1 
ATOM   633  C CA  . LYS A 1 83  ? 3.700   -10.102 -10.910 1.00 27.21 ? 83  LYS A CA  1 
ATOM   634  C C   . LYS A 1 83  ? 3.532   -8.612  -10.611 1.00 27.68 ? 83  LYS A C   1 
ATOM   635  O O   . LYS A 1 83  ? 4.155   -8.074  -9.680  1.00 28.23 ? 83  LYS A O   1 
ATOM   636  C CB  . LYS A 1 83  ? 4.455   -10.291 -12.227 1.00 27.42 ? 83  LYS A CB  1 
ATOM   637  C CG  . LYS A 1 83  ? 4.964   -11.710 -12.430 1.00 27.25 ? 83  LYS A CG  1 
ATOM   638  C CD  . LYS A 1 83  ? 5.260   -12.050 -13.894 1.00 26.85 ? 83  LYS A CD  1 
ATOM   639  C CE  . LYS A 1 83  ? 5.972   -10.932 -14.539 1.00 27.37 ? 83  LYS A CE  1 
ATOM   640  N NZ  . LYS A 1 83  ? 5.137   -10.350 -15.585 1.00 32.28 ? 83  LYS A NZ  1 
ATOM   641  N N   . GLN A 1 84  ? 2.704   -7.942  -11.407 1.00 27.67 ? 84  GLN A N   1 
ATOM   642  C CA  . GLN A 1 84  ? 2.481   -6.504  -11.249 1.00 27.27 ? 84  GLN A CA  1 
ATOM   643  C C   . GLN A 1 84  ? 1.961   -6.186  -9.850  1.00 26.81 ? 84  GLN A C   1 
ATOM   644  O O   . GLN A 1 84  ? 2.413   -5.246  -9.192  1.00 25.87 ? 84  GLN A O   1 
ATOM   645  C CB  . GLN A 1 84  ? 1.454   -6.018  -12.271 1.00 27.65 ? 84  GLN A CB  1 
ATOM   646  C CG  . GLN A 1 84  ? 1.854   -6.290  -13.719 1.00 29.99 ? 84  GLN A CG  1 
ATOM   647  C CD  . GLN A 1 84  ? 2.415   -5.056  -14.398 1.00 33.76 ? 84  GLN A CD  1 
ATOM   648  O OE1 . GLN A 1 84  ? 2.775   -5.094  -15.585 1.00 36.32 ? 84  GLN A OE1 1 
ATOM   649  N NE2 . GLN A 1 84  ? 2.521   -3.963  -13.644 1.00 33.35 ? 84  GLN A NE2 1 
ATOM   650  N N   . GLU A 1 85  ? 0.976   -6.966  -9.431  1.00 25.49 ? 85  GLU A N   1 
ATOM   651  C CA  . GLU A 1 85  ? 0.345   -6.819  -8.145  1.00 25.90 ? 85  GLU A CA  1 
ATOM   652  C C   . GLU A 1 85  ? 1.351   -6.920  -6.987  1.00 26.09 ? 85  GLU A C   1 
ATOM   653  O O   . GLU A 1 85  ? 1.349   -6.095  -6.065  1.00 26.47 ? 85  GLU A O   1 
ATOM   654  C CB  . GLU A 1 85  ? -0.706  -7.917  -8.006  1.00 25.17 ? 85  GLU A CB  1 
ATOM   655  C CG  . GLU A 1 85  ? -1.724  -7.674  -6.915  1.00 29.34 ? 85  GLU A CG  1 
ATOM   656  C CD  . GLU A 1 85  ? -2.637  -8.870  -6.715  1.00 28.88 ? 85  GLU A CD  1 
ATOM   657  O OE1 . GLU A 1 85  ? -3.515  -9.227  -7.536  1.00 35.15 ? 85  GLU A OE1 1 
ATOM   658  O OE2 . GLU A 1 85  ? -2.492  -9.460  -5.720  1.00 30.75 ? 85  GLU A OE2 1 
ATOM   659  N N   . CYS A 1 86  ? 2.181   -7.957  -7.015  1.00 25.72 ? 86  CYS A N   1 
ATOM   660  C CA  . CYS A 1 86  ? 3.171   -8.158  -5.971  1.00 25.98 ? 86  CYS A CA  1 
ATOM   661  C C   . CYS A 1 86  ? 4.155   -6.974  -5.939  1.00 26.06 ? 86  CYS A C   1 
ATOM   662  O O   . CYS A 1 86  ? 4.527   -6.482  -4.865  1.00 25.26 ? 86  CYS A O   1 
ATOM   663  C CB  . CYS A 1 86  ? 3.913   -9.482  -6.218  1.00 26.42 ? 86  CYS A CB  1 
ATOM   664  S SG  . CYS A 1 86  ? 5.237   -9.874  -5.048  1.00 26.03 ? 86  CYS A SG  1 
ATOM   665  N N   . GLU A 1 87  ? 4.551   -6.505  -7.118  1.00 25.38 ? 87  GLU A N   1 
ATOM   666  C CA  . GLU A 1 87  ? 5.504   -5.419  -7.184  1.00 26.02 ? 87  GLU A CA  1 
ATOM   667  C C   . GLU A 1 87  ? 4.867   -4.115  -6.681  1.00 26.91 ? 87  GLU A C   1 
ATOM   668  O O   . GLU A 1 87  ? 5.551   -3.300  -6.083  1.00 27.25 ? 87  GLU A O   1 
ATOM   669  C CB  . GLU A 1 87  ? 6.082   -5.281  -8.592  1.00 25.91 ? 87  GLU A CB  1 
ATOM   670  C CG  . GLU A 1 87  ? 6.929   -6.474  -9.023  1.00 25.23 ? 87  GLU A CG  1 
ATOM   671  C CD  . GLU A 1 87  ? 8.374   -6.473  -8.418  1.00 27.44 ? 87  GLU A CD  1 
ATOM   672  O OE1 . GLU A 1 87  ? 8.806   -5.500  -7.740  1.00 28.13 ? 87  GLU A OE1 1 
ATOM   673  O OE2 . GLU A 1 87  ? 9.083   -7.482  -8.597  1.00 25.65 ? 87  GLU A OE2 1 
ATOM   674  N N   . CYS A 1 88  ? 3.565   -3.929  -6.910  1.00 27.15 ? 88  CYS A N   1 
ATOM   675  C CA  . CYS A 1 88  ? 2.830   -2.802  -6.325  1.00 27.73 ? 88  CYS A CA  1 
ATOM   676  C C   . CYS A 1 88  ? 2.926   -2.850  -4.800  1.00 27.34 ? 88  CYS A C   1 
ATOM   677  O O   . CYS A 1 88  ? 3.372   -1.900  -4.172  1.00 27.62 ? 88  CYS A O   1 
ATOM   678  C CB  . CYS A 1 88  ? 1.336   -2.875  -6.703  1.00 28.18 ? 88  CYS A CB  1 
ATOM   679  S SG  . CYS A 1 88  ? 1.007   -2.432  -8.433  1.00 27.94 ? 88  CYS A SG  1 
ATOM   680  N N   . ASP A 1 89  ? 2.494   -3.965  -4.217  1.00 26.32 ? 89  ASP A N   1 
ATOM   681  C CA  . ASP A 1 89  ? 2.543   -4.165  -2.764  1.00 26.00 ? 89  ASP A CA  1 
ATOM   682  C C   . ASP A 1 89  ? 3.946   -4.016  -2.173  1.00 26.05 ? 89  ASP A C   1 
ATOM   683  O O   . ASP A 1 89  ? 4.112   -3.462  -1.083  1.00 25.82 ? 89  ASP A O   1 
ATOM   684  C CB  . ASP A 1 89  ? 2.029   -5.545  -2.402  1.00 25.78 ? 89  ASP A CB  1 
ATOM   685  C CG  . ASP A 1 89  ? 0.570   -5.691  -2.672  1.00 25.12 ? 89  ASP A CG  1 
ATOM   686  O OD1 . ASP A 1 89  ? -0.046  -4.669  -3.042  1.00 24.73 ? 89  ASP A OD1 1 
ATOM   687  O OD2 . ASP A 1 89  ? -0.049  -6.778  -2.543  1.00 29.12 ? 89  ASP A OD2 1 
ATOM   688  N N   . LYS A 1 90  ? 4.939   -4.551  -2.866  1.00 24.80 ? 90  LYS A N   1 
ATOM   689  C CA  . LYS A 1 90  ? 6.320   -4.443  -2.424  1.00 25.59 ? 90  LYS A CA  1 
ATOM   690  C C   . LYS A 1 90  ? 6.751   -2.987  -2.319  1.00 25.81 ? 90  LYS A C   1 
ATOM   691  O O   . LYS A 1 90  ? 7.330   -2.566  -1.310  1.00 26.24 ? 90  LYS A O   1 
ATOM   692  C CB  . LYS A 1 90  ? 7.279   -5.145  -3.389  1.00 25.38 ? 90  LYS A CB  1 
ATOM   693  C CG  . LYS A 1 90  ? 8.746   -4.782  -3.128  1.00 23.83 ? 90  LYS A CG  1 
ATOM   694  C CD  . LYS A 1 90  ? 9.691   -5.798  -3.745  1.00 22.29 ? 90  LYS A CD  1 
ATOM   695  C CE  . LYS A 1 90  ? 11.134  -5.303  -3.719  1.00 23.88 ? 90  LYS A CE  1 
ATOM   696  N NZ  . LYS A 1 90  ? 11.953  -6.025  -4.760  1.00 25.58 ? 90  LYS A NZ  1 
ATOM   697  N N   . ALA A 1 91  ? 6.477   -2.227  -3.375  1.00 25.92 ? 91  ALA A N   1 
ATOM   698  C CA  . ALA A 1 91  ? 6.852   -0.819  -3.403  1.00 25.70 ? 91  ALA A CA  1 
ATOM   699  C C   . ALA A 1 91  ? 6.119   -0.041  -2.301  1.00 25.56 ? 91  ALA A C   1 
ATOM   700  O O   . ALA A 1 91  ? 6.719   0.825   -1.690  1.00 25.35 ? 91  ALA A O   1 
ATOM   701  C CB  . ALA A 1 91  ? 6.578   -0.213  -4.766  1.00 25.62 ? 91  ALA A CB  1 
ATOM   702  N N   . VAL A 1 92  ? 4.845   -0.332  -2.016  1.00 24.81 ? 92  VAL A N   1 
ATOM   703  C CA  . VAL A 1 92  ? 4.211   0.423   -0.922  1.00 24.93 ? 92  VAL A CA  1 
ATOM   704  C C   . VAL A 1 92  ? 4.775   0.100   0.477   1.00 25.81 ? 92  VAL A C   1 
ATOM   705  O O   . VAL A 1 92  ? 4.906   0.992   1.328   1.00 25.97 ? 92  VAL A O   1 
ATOM   706  C CB  . VAL A 1 92  ? 2.681   0.333   -0.922  1.00 24.63 ? 92  VAL A CB  1 
ATOM   707  C CG1 . VAL A 1 92  ? 2.211   -1.025  -0.425  1.00 23.02 ? 92  VAL A CG1 1 
ATOM   708  C CG2 . VAL A 1 92  ? 2.092   1.498   -0.094  1.00 24.50 ? 92  VAL A CG2 1 
ATOM   709  N N   . ALA A 1 93  ? 5.115   -1.169  0.703   1.00 26.05 ? 93  ALA A N   1 
ATOM   710  C CA  . ALA A 1 93  ? 5.660   -1.602  1.982   1.00 26.17 ? 93  ALA A CA  1 
ATOM   711  C C   . ALA A 1 93  ? 7.043   -0.973  2.211   1.00 26.59 ? 93  ALA A C   1 
ATOM   712  O O   . ALA A 1 93  ? 7.362   -0.539  3.331   1.00 26.42 ? 93  ALA A O   1 
ATOM   713  C CB  . ALA A 1 93  ? 5.742   -3.124  2.037   1.00 25.89 ? 93  ALA A CB  1 
ATOM   714  N N   . ILE A 1 94  ? 7.855   -0.920  1.153   1.00 26.70 ? 94  ILE A N   1 
ATOM   715  C CA  . ILE A 1 94  ? 9.169   -0.264  1.222   1.00 26.65 ? 94  ILE A CA  1 
ATOM   716  C C   . ILE A 1 94  ? 9.019   1.254   1.377   1.00 27.15 ? 94  ILE A C   1 
ATOM   717  O O   . ILE A 1 94  ? 9.759   1.892   2.144   1.00 26.96 ? 94  ILE A O   1 
ATOM   718  C CB  . ILE A 1 94  ? 10.049  -0.596  -0.023  1.00 26.99 ? 94  ILE A CB  1 
ATOM   719  C CG1 . ILE A 1 94  ? 10.614  -2.050  0.038   1.00 27.20 ? 94  ILE A CG1 1 
ATOM   720  C CG2 . ILE A 1 94  ? 11.240  0.355   -0.123  1.00 26.68 ? 94  ILE A CG2 1 
ATOM   721  C CD1 . ILE A 1 94  ? 11.441  -2.440  -1.190  1.00 27.24 ? 94  ILE A CD1 1 
ATOM   722  N N   . CYS A 1 95  ? 8.070   1.836   0.651   1.00 27.26 ? 95  CYS A N   1 
ATOM   723  C CA  . CYS A 1 95  ? 7.819   3.276   0.735   1.00 27.88 ? 95  CYS A CA  1 
ATOM   724  C C   . CYS A 1 95  ? 7.361   3.721   2.145   1.00 27.86 ? 95  CYS A C   1 
ATOM   725  O O   . CYS A 1 95  ? 7.944   4.634   2.750   1.00 26.77 ? 95  CYS A O   1 
ATOM   726  C CB  . CYS A 1 95  ? 6.803   3.720   -0.323  1.00 26.92 ? 95  CYS A CB  1 
ATOM   727  S SG  . CYS A 1 95  ? 6.608   5.507   -0.364  1.00 28.29 ? 95  CYS A SG  1 
ATOM   728  N N   . LEU A 1 96  ? 6.333   3.050   2.661   1.00 27.97 ? 96  LEU A N   1 
ATOM   729  C CA  . LEU A 1 96  ? 5.833   3.311   4.009   1.00 28.63 ? 96  LEU A CA  1 
ATOM   730  C C   . LEU A 1 96  ? 7.010   3.266   5.025   1.00 29.71 ? 96  LEU A C   1 
ATOM   731  O O   . LEU A 1 96  ? 7.275   4.233   5.781   1.00 29.03 ? 96  LEU A O   1 
ATOM   732  C CB  . LEU A 1 96  ? 4.729   2.299   4.358   1.00 28.50 ? 96  LEU A CB  1 
ATOM   733  C CG  . LEU A 1 96  ? 3.226   2.662   4.206   1.00 28.75 ? 96  LEU A CG  1 
ATOM   734  C CD1 . LEU A 1 96  ? 2.933   3.840   3.288   1.00 26.84 ? 96  LEU A CD1 1 
ATOM   735  C CD2 . LEU A 1 96  ? 2.350   1.459   3.839   1.00 27.97 ? 96  LEU A CD2 1 
ATOM   736  N N   . ARG A 1 97  ? 7.718   2.139   5.023   1.00 31.03 ? 97  ARG A N   1 
ATOM   737  C CA  . ARG A 1 97  ? 8.919   1.955   5.837   1.00 32.35 ? 97  ARG A CA  1 
ATOM   738  C C   . ARG A 1 97  ? 9.878   3.139   5.726   1.00 33.14 ? 97  ARG A C   1 
ATOM   739  O O   . ARG A 1 97  ? 10.444  3.595   6.730   1.00 32.52 ? 97  ARG A O   1 
ATOM   740  C CB  . ARG A 1 97  ? 9.662   0.671   5.427   1.00 32.26 ? 97  ARG A CB  1 
ATOM   741  C CG  . ARG A 1 97  ? 11.180  0.709   5.690   1.00 33.42 ? 97  ARG A CG  1 
ATOM   742  C CD  . ARG A 1 97  ? 12.040  0.195   4.509   1.00 36.34 ? 97  ARG A CD  1 
ATOM   743  N NE  . ARG A 1 97  ? 13.257  -0.484  4.938   1.00 37.80 ? 97  ARG A NE  1 
ATOM   744  C CZ  . ARG A 1 97  ? 13.407  -1.099  6.119   1.00 39.72 ? 97  ARG A CZ  1 
ATOM   745  N NH1 . ARG A 1 97  ? 14.561  -1.681  6.421   1.00 40.50 ? 97  ARG A NH1 1 
ATOM   746  N NH2 . ARG A 1 97  ? 12.410  -1.136  7.005   1.00 40.09 ? 97  ARG A NH2 1 
ATOM   747  N N   . ASP A 1 98  ? 10.035  3.635   4.496   1.00 34.42 ? 98  ASP A N   1 
ATOM   748  C CA  . ASP A 1 98  ? 11.056  4.648   4.223   1.00 35.83 ? 98  ASP A CA  1 
ATOM   749  C C   . ASP A 1 98  ? 10.827  6.021   4.949   1.00 36.65 ? 98  ASP A C   1 
ATOM   750  O O   . ASP A 1 98  ? 11.830  6.718   5.311   1.00 37.19 ? 98  ASP A O   1 
ATOM   751  C CB  . ASP A 1 98  ? 11.157  4.844   2.701   1.00 35.83 ? 98  ASP A CB  1 
ATOM   752  C CG  . ASP A 1 98  ? 12.026  3.782   2.025   1.00 36.92 ? 98  ASP A CG  1 
ATOM   753  O OD1 . ASP A 1 98  ? 12.869  3.153   2.738   1.00 39.99 ? 98  ASP A OD1 1 
ATOM   754  O OD2 . ASP A 1 98  ? 11.959  3.520   0.806   1.00 38.21 ? 98  ASP A OD2 1 
ATOM   755  N N   . ASN A 1 99  ? 9.520   6.414   5.190   1.00 37.90 ? 99  ASN A N   1 
ATOM   756  C CA  . ASN A 1 99  ? 9.166   7.798   5.724   1.00 38.64 ? 99  ASN A CA  1 
ATOM   757  C C   . ASN A 1 99  ? 8.640   7.751   7.180   1.00 38.98 ? 99  ASN A C   1 
ATOM   758  O O   . ASN A 1 99  ? 7.603   8.376   7.510   1.00 40.15 ? 99  ASN A O   1 
ATOM   759  C CB  . ASN A 1 99  ? 8.050   8.323   4.795   1.00 39.09 ? 99  ASN A CB  1 
ATOM   760  C CG  . ASN A 1 99  ? 8.571   8.376   3.278   1.00 39.09 ? 99  ASN A CG  1 
ATOM   761  O OD1 . ASN A 1 99  ? 8.411   7.381   2.439   1.00 41.66 ? 99  ASN A OD1 1 
ATOM   762  N ND2 . ASN A 1 99  ? 9.180   9.533   2.899   1.00 37.24 ? 99  ASN A ND2 1 
ATOM   763  N N   . LEU A 1 100 ? 9.317   6.969   8.026   1.00 37.85 ? 100 LEU A N   1 
ATOM   764  C CA  . LEU A 1 100 ? 8.660   6.422   9.269   1.00 37.00 ? 100 LEU A CA  1 
ATOM   765  C C   . LEU A 1 100 ? 8.931   7.404   10.411  1.00 36.78 ? 100 LEU A C   1 
ATOM   766  O O   . LEU A 1 100 ? 8.341   7.345   11.627  1.00 37.45 ? 100 LEU A O   1 
ATOM   767  C CB  . LEU A 1 100 ? 9.219   5.024   9.674   1.00 36.70 ? 100 LEU A CB  1 
ATOM   768  C CG  . LEU A 1 100 ? 8.317   3.747   9.790   1.00 36.62 ? 100 LEU A CG  1 
ATOM   769  C CD1 . LEU A 1 100 ? 9.114   2.706   10.608  1.00 37.01 ? 100 LEU A CD1 1 
ATOM   770  C CD2 . LEU A 1 100 ? 6.947   4.030   10.489  1.00 35.83 ? 100 LEU A CD2 1 
ATOM   771  N N   . ASP A 1 101 ? 9.882   8.326   10.000  1.00 35.85 ? 101 ASP A N   1 
ATOM   772  C CA  . ASP A 1 101 ? 10.216  9.440   10.851  1.00 35.32 ? 101 ASP A CA  1 
ATOM   773  C C   . ASP A 1 101 ? 9.303   10.626  10.498  1.00 34.70 ? 101 ASP A C   1 
ATOM   774  O O   . ASP A 1 101 ? 9.551   11.751  10.978  1.00 34.06 ? 101 ASP A O   1 
ATOM   775  C CB  . ASP A 1 101 ? 11.685  9.821   10.638  1.00 35.29 ? 101 ASP A CB  1 
ATOM   776  C CG  . ASP A 1 101 ? 12.013  9.848   9.135   1.00 36.02 ? 101 ASP A CG  1 
ATOM   777  O OD1 . ASP A 1 101 ? 11.392  9.056   8.333   1.00 36.71 ? 101 ASP A OD1 1 
ATOM   778  O OD2 . ASP A 1 101 ? 12.861  10.639  8.669   1.00 35.21 ? 101 ASP A OD2 1 
ATOM   779  N N   . THR A 1 102 ? 8.250   10.367  9.674   1.00 33.59 ? 102 THR A N   1 
ATOM   780  C CA  . THR A 1 102 ? 7.299   11.426  9.267   1.00 32.77 ? 102 THR A CA  1 
ATOM   781  C C   . THR A 1 102 ? 5.826   10.994  9.446   1.00 32.27 ? 102 THR A C   1 
ATOM   782  O O   . THR A 1 102 ? 4.915   11.828  9.406   1.00 31.99 ? 102 THR A O   1 
ATOM   783  C CB  . THR A 1 102 ? 7.606   11.906  7.814   1.00 32.75 ? 102 THR A CB  1 
ATOM   784  O OG1 . THR A 1 102 ? 8.721   12.817  7.840   1.00 33.33 ? 102 THR A OG1 1 
ATOM   785  C CG2 . THR A 1 102 ? 6.490   12.771  7.260   1.00 32.92 ? 102 THR A CG2 1 
ATOM   786  N N   . TYR A 1 103 ? 5.616   9.686   9.658   1.00 31.49 ? 103 TYR A N   1 
ATOM   787  C CA  . TYR A 1 103 ? 4.307   9.129   9.991   1.00 30.97 ? 103 TYR A CA  1 
ATOM   788  C C   . TYR A 1 103 ? 3.631   10.026  11.025  1.00 30.86 ? 103 TYR A C   1 
ATOM   789  O O   . TYR A 1 103 ? 4.257   10.474  11.977  1.00 30.70 ? 103 TYR A O   1 
ATOM   790  C CB  . TYR A 1 103 ? 4.457   7.702   10.533  1.00 30.46 ? 103 TYR A CB  1 
ATOM   791  C CG  . TYR A 1 103 ? 3.143   7.025   10.864  1.00 29.47 ? 103 TYR A CG  1 
ATOM   792  C CD1 . TYR A 1 103 ? 2.482   7.301   12.053  1.00 28.44 ? 103 TYR A CD1 1 
ATOM   793  C CD2 . TYR A 1 103 ? 2.570   6.107   9.994   1.00 28.04 ? 103 TYR A CD2 1 
ATOM   794  C CE1 . TYR A 1 103 ? 1.285   6.688   12.367  1.00 27.89 ? 103 TYR A CE1 1 
ATOM   795  C CE2 . TYR A 1 103 ? 1.372   5.486   10.299  1.00 28.03 ? 103 TYR A CE2 1 
ATOM   796  C CZ  . TYR A 1 103 ? 0.728   5.785   11.488  1.00 27.59 ? 103 TYR A CZ  1 
ATOM   797  O OH  . TYR A 1 103 ? -0.472  5.191   11.814  1.00 24.74 ? 103 TYR A OH  1 
ATOM   798  N N   . ASN A 1 104 ? 2.345   10.287  10.832  1.00 30.85 ? 104 ASN A N   1 
ATOM   799  C CA  . ASN A 1 104 ? 1.638   11.255  11.658  1.00 30.75 ? 104 ASN A CA  1 
ATOM   800  C C   . ASN A 1 104 ? 0.433   10.620  12.340  1.00 30.23 ? 104 ASN A C   1 
ATOM   801  O O   . ASN A 1 104 ? -0.607  10.473  11.725  1.00 30.16 ? 104 ASN A O   1 
ATOM   802  C CB  . ASN A 1 104 ? 1.198   12.441  10.786  1.00 30.79 ? 104 ASN A CB  1 
ATOM   803  C CG  . ASN A 1 104 ? 0.563   13.571  11.596  1.00 31.85 ? 104 ASN A CG  1 
ATOM   804  O OD1 . ASN A 1 104 ? -0.032  13.335  12.652  1.00 33.92 ? 104 ASN A OD1 1 
ATOM   805  N ND2 . ASN A 1 104 ? 0.716   14.817  11.128  1.00 33.45 ? 104 ASN A ND2 1 
ATOM   806  N N   . LYS A 1 105 ? 0.573   10.257  13.614  1.00 30.07 ? 105 LYS A N   1 
ATOM   807  C CA  . LYS A 1 105 ? -0.511  9.606   14.352  1.00 29.88 ? 105 LYS A CA  1 
ATOM   808  C C   . LYS A 1 105 ? -1.809  10.422  14.338  1.00 29.66 ? 105 LYS A C   1 
ATOM   809  O O   . LYS A 1 105 ? -2.875  9.908   14.702  1.00 29.67 ? 105 LYS A O   1 
ATOM   810  C CB  . LYS A 1 105 ? -0.087  9.296   15.793  1.00 30.20 ? 105 LYS A CB  1 
ATOM   811  C CG  . LYS A 1 105 ? -0.392  10.408  16.810  1.00 31.11 ? 105 LYS A CG  1 
ATOM   812  C CD  . LYS A 1 105 ? -0.214  9.936   18.257  1.00 33.09 ? 105 LYS A CD  1 
ATOM   813  C CE  . LYS A 1 105 ? -0.931  8.608   18.500  1.00 33.38 ? 105 LYS A CE  1 
ATOM   814  N NZ  . LYS A 1 105 ? -0.494  7.970   19.770  1.00 34.36 ? 105 LYS A NZ  1 
ATOM   815  N N   . ASN A 1 106 ? -1.717  11.689  13.931  1.00 29.19 ? 106 ASN A N   1 
ATOM   816  C CA  . ASN A 1 106 ? -2.904  12.534  13.806  1.00 28.99 ? 106 ASN A CA  1 
ATOM   817  C C   . ASN A 1 106 ? -3.666  12.166  12.558  1.00 28.88 ? 106 ASN A C   1 
ATOM   818  O O   . ASN A 1 106 ? -4.874  12.371  12.468  1.00 29.34 ? 106 ASN A O   1 
ATOM   819  C CB  . ASN A 1 106 ? -2.540  14.015  13.749  1.00 28.63 ? 106 ASN A CB  1 
ATOM   820  C CG  . ASN A 1 106 ? -2.193  14.571  15.099  1.00 28.51 ? 106 ASN A CG  1 
ATOM   821  O OD1 . ASN A 1 106 ? -2.783  14.182  16.110  1.00 27.62 ? 106 ASN A OD1 1 
ATOM   822  N ND2 . ASN A 1 106 ? -1.214  15.479  15.133  1.00 26.76 ? 106 ASN A ND2 1 
ATOM   823  N N   . TYR A 1 107 ? -2.947  11.604  11.595  1.00 28.68 ? 107 TYR A N   1 
ATOM   824  C CA  . TYR A 1 107 ? -3.548  11.207  10.335  1.00 28.59 ? 107 TYR A CA  1 
ATOM   825  C C   . TYR A 1 107 ? -4.030  9.761   10.372  1.00 28.26 ? 107 TYR A C   1 
ATOM   826  O O   . TYR A 1 107 ? -4.702  9.310   9.454   1.00 28.82 ? 107 TYR A O   1 
ATOM   827  C CB  . TYR A 1 107 ? -2.555  11.429  9.187   1.00 28.65 ? 107 TYR A CB  1 
ATOM   828  C CG  . TYR A 1 107 ? -2.231  12.896  8.910   1.00 28.25 ? 107 TYR A CG  1 
ATOM   829  C CD1 . TYR A 1 107 ? -3.117  13.916  9.271   1.00 27.89 ? 107 TYR A CD1 1 
ATOM   830  C CD2 . TYR A 1 107 ? -1.040  13.257  8.283   1.00 27.68 ? 107 TYR A CD2 1 
ATOM   831  C CE1 . TYR A 1 107 ? -2.814  15.258  9.011   1.00 26.81 ? 107 TYR A CE1 1 
ATOM   832  C CE2 . TYR A 1 107 ? -0.738  14.585  8.017   1.00 25.70 ? 107 TYR A CE2 1 
ATOM   833  C CZ  . TYR A 1 107 ? -1.626  15.576  8.380   1.00 26.63 ? 107 TYR A CZ  1 
ATOM   834  O OH  . TYR A 1 107 ? -1.306  16.886  8.115   1.00 27.25 ? 107 TYR A OH  1 
ATOM   835  N N   . LYS A 1 108 ? -3.715  9.045   11.446  1.00 27.93 ? 108 LYS A N   1 
ATOM   836  C CA  . LYS A 1 108 ? -4.003  7.612   11.509  1.00 27.12 ? 108 LYS A CA  1 
ATOM   837  C C   . LYS A 1 108 ? -5.445  7.312   11.130  1.00 26.44 ? 108 LYS A C   1 
ATOM   838  O O   . LYS A 1 108 ? -5.720  6.403   10.350  1.00 26.04 ? 108 LYS A O   1 
ATOM   839  C CB  . LYS A 1 108 ? -3.703  7.045   12.891  1.00 27.37 ? 108 LYS A CB  1 
ATOM   840  C CG  . LYS A 1 108 ? -3.362  5.572   12.882  1.00 28.75 ? 108 LYS A CG  1 
ATOM   841  C CD  . LYS A 1 108 ? -3.890  4.839   14.107  1.00 30.68 ? 108 LYS A CD  1 
ATOM   842  C CE  . LYS A 1 108 ? -3.635  5.603   15.387  1.00 32.34 ? 108 LYS A CE  1 
ATOM   843  N NZ  . LYS A 1 108 ? -2.717  4.863   16.316  1.00 34.06 ? 108 LYS A NZ  1 
ATOM   844  N N   . ILE A 1 109 ? -6.377  8.064   11.685  1.00 25.38 ? 109 ILE A N   1 
ATOM   845  C CA  . ILE A 1 109 ? -7.759  7.832   11.331  1.00 24.71 ? 109 ILE A CA  1 
ATOM   846  C C   . ILE A 1 109 ? -8.354  9.078   10.699  1.00 24.17 ? 109 ILE A C   1 
ATOM   847  O O   . ILE A 1 109 ? -8.847  9.940   11.407  1.00 23.21 ? 109 ILE A O   1 
ATOM   848  C CB  . ILE A 1 109 ? -8.546  7.378   12.558  1.00 24.94 ? 109 ILE A CB  1 
ATOM   849  C CG1 . ILE A 1 109 ? -7.863  6.137   13.152  1.00 24.92 ? 109 ILE A CG1 1 
ATOM   850  C CG2 . ILE A 1 109 ? -9.996  7.043   12.153  1.00 24.68 ? 109 ILE A CG2 1 
ATOM   851  C CD1 . ILE A 1 109 ? -8.441  5.700   14.476  1.00 25.45 ? 109 ILE A CD1 1 
ATOM   852  N N   . TYR A 1 110 ? -8.298  9.166   9.367   1.00 23.48 ? 110 TYR A N   1 
ATOM   853  C CA  . TYR A 1 110 ? -8.551  10.437  8.663   1.00 23.26 ? 110 TYR A CA  1 
ATOM   854  C C   . TYR A 1 110 ? -9.986  10.587  8.127   1.00 22.92 ? 110 TYR A C   1 
ATOM   855  O O   . TYR A 1 110 ? -10.572 9.611   7.636   1.00 21.93 ? 110 TYR A O   1 
ATOM   856  C CB  . TYR A 1 110 ? -7.545  10.631  7.515   1.00 23.98 ? 110 TYR A CB  1 
ATOM   857  C CG  . TYR A 1 110 ? -7.384  12.071  7.125   1.00 24.63 ? 110 TYR A CG  1 
ATOM   858  C CD1 . TYR A 1 110 ? -6.626  12.932  7.906   1.00 26.65 ? 110 TYR A CD1 1 
ATOM   859  C CD2 . TYR A 1 110 ? -8.039  12.594  6.016   1.00 25.10 ? 110 TYR A CD2 1 
ATOM   860  C CE1 . TYR A 1 110 ? -6.494  14.273  7.579   1.00 26.99 ? 110 TYR A CE1 1 
ATOM   861  C CE2 . TYR A 1 110 ? -7.921  13.941  5.679   1.00 25.25 ? 110 TYR A CE2 1 
ATOM   862  C CZ  . TYR A 1 110 ? -7.142  14.768  6.468   1.00 27.34 ? 110 TYR A CZ  1 
ATOM   863  O OH  . TYR A 1 110 ? -7.015  16.097  6.173   1.00 28.82 ? 110 TYR A OH  1 
ATOM   864  N N   . PRO A 1 111 ? -10.555 11.797  8.239   1.00 22.65 ? 111 PRO A N   1 
ATOM   865  C CA  . PRO A 1 111 ? -11.893 12.096  7.693   1.00 22.33 ? 111 PRO A CA  1 
ATOM   866  C C   . PRO A 1 111 ? -11.850 12.160  6.172   1.00 22.49 ? 111 PRO A C   1 
ATOM   867  O O   . PRO A 1 111 ? -11.938 13.237  5.592   1.00 21.93 ? 111 PRO A O   1 
ATOM   868  C CB  . PRO A 1 111 ? -12.209 13.475  8.275   1.00 22.50 ? 111 PRO A CB  1 
ATOM   869  C CG  . PRO A 1 111 ? -10.888 14.080  8.541   1.00 22.65 ? 111 PRO A CG  1 
ATOM   870  C CD  . PRO A 1 111 ? -9.965  12.956  8.935   1.00 22.66 ? 111 PRO A CD  1 
ATOM   871  N N   . LYS A 1 112 ? -11.700 10.999  5.534   1.00 22.70 ? 112 LYS A N   1 
ATOM   872  C CA  . LYS A 1 112 ? -11.357 10.914  4.120   1.00 23.07 ? 112 LYS A CA  1 
ATOM   873  C C   . LYS A 1 112 ? -12.285 11.672  3.140   1.00 23.34 ? 112 LYS A C   1 
ATOM   874  O O   . LYS A 1 112 ? -11.810 12.179  2.129   1.00 22.90 ? 112 LYS A O   1 
ATOM   875  C CB  . LYS A 1 112 ? -11.188 9.448   3.696   1.00 23.52 ? 112 LYS A CB  1 
ATOM   876  C CG  . LYS A 1 112 ? -9.923  8.772   4.255   1.00 24.16 ? 112 LYS A CG  1 
ATOM   877  C CD  . LYS A 1 112 ? -10.004 7.256   4.046   1.00 23.97 ? 112 LYS A CD  1 
ATOM   878  C CE  . LYS A 1 112 ? -8.702  6.539   4.424   1.00 23.74 ? 112 LYS A CE  1 
ATOM   879  N NZ  . LYS A 1 112 ? -7.504  7.124   3.753   1.00 23.16 ? 112 LYS A NZ  1 
ATOM   880  N N   . PRO A 1 113 ? -13.590 11.714  3.423   1.00 23.70 ? 113 PRO A N   1 
ATOM   881  C CA  . PRO A 1 113 ? -14.551 12.489  2.612   1.00 23.86 ? 113 PRO A CA  1 
ATOM   882  C C   . PRO A 1 113 ? -14.228 13.993  2.456   1.00 23.82 ? 113 PRO A C   1 
ATOM   883  O O   . PRO A 1 113 ? -14.701 14.616  1.498   1.00 24.08 ? 113 PRO A O   1 
ATOM   884  C CB  . PRO A 1 113 ? -15.873 12.349  3.394   1.00 24.25 ? 113 PRO A CB  1 
ATOM   885  C CG  . PRO A 1 113 ? -15.725 11.106  4.210   1.00 24.84 ? 113 PRO A CG  1 
ATOM   886  C CD  . PRO A 1 113 ? -14.251 10.983  4.526   1.00 23.25 ? 113 PRO A CD  1 
ATOM   887  N N   . LEU A 1 114 ? -13.450 14.565  3.367   1.00 22.83 ? 114 LEU A N   1 
ATOM   888  C CA  . LEU A 1 114 ? -13.114 15.982  3.305   1.00 22.64 ? 114 LEU A CA  1 
ATOM   889  C C   . LEU A 1 114 ? -11.883 16.266  2.427   1.00 22.69 ? 114 LEU A C   1 
ATOM   890  O O   . LEU A 1 114 ? -11.524 17.418  2.180   1.00 22.35 ? 114 LEU A O   1 
ATOM   891  C CB  . LEU A 1 114 ? -12.895 16.520  4.716   1.00 22.42 ? 114 LEU A CB  1 
ATOM   892  C CG  . LEU A 1 114 ? -14.073 16.311  5.675   1.00 22.80 ? 114 LEU A CG  1 
ATOM   893  C CD1 . LEU A 1 114 ? -13.656 16.527  7.136   1.00 24.96 ? 114 LEU A CD1 1 
ATOM   894  C CD2 . LEU A 1 114 ? -15.188 17.261  5.321   1.00 22.93 ? 114 LEU A CD2 1 
ATOM   895  N N   . CYS A 1 115 ? -11.243 15.199  1.979   1.00 22.31 ? 115 CYS A N   1 
ATOM   896  C CA  . CYS A 1 115 ? -10.007 15.275  1.220   1.00 22.93 ? 115 CYS A CA  1 
ATOM   897  C C   . CYS A 1 115 ? -10.160 16.032  -0.106  1.00 23.00 ? 115 CYS A C   1 
ATOM   898  O O   . CYS A 1 115 ? -11.199 15.954  -0.767  1.00 22.47 ? 115 CYS A O   1 
ATOM   899  C CB  . CYS A 1 115 ? -9.525  13.850  0.926   1.00 22.26 ? 115 CYS A CB  1 
ATOM   900  S SG  . CYS A 1 115 ? -8.796  13.012  2.342   1.00 23.19 ? 115 CYS A SG  1 
ATOM   901  N N   . LYS A 1 116 ? -9.110  16.750  -0.490  1.00 23.65 ? 116 LYS A N   1 
ATOM   902  C CA  . LYS A 1 116 ? -9.042  17.322  -1.820  1.00 24.63 ? 116 LYS A CA  1 
ATOM   903  C C   . LYS A 1 116 ? -9.089  16.169  -2.824  1.00 25.27 ? 116 LYS A C   1 
ATOM   904  O O   . LYS A 1 116 ? -8.520  15.114  -2.574  1.00 25.39 ? 116 LYS A O   1 
ATOM   905  C CB  . LYS A 1 116 ? -7.745  18.113  -1.983  1.00 24.71 ? 116 LYS A CB  1 
ATOM   906  C CG  . LYS A 1 116 ? -7.746  19.473  -1.263  1.00 25.47 ? 116 LYS A CG  1 
ATOM   907  C CD  . LYS A 1 116 ? -7.019  20.540  -2.069  1.00 25.59 ? 116 LYS A CD  1 
ATOM   908  C CE  . LYS A 1 116 ? -6.930  21.870  -1.295  1.00 27.27 ? 116 LYS A CE  1 
ATOM   909  N NZ  . LYS A 1 116 ? -5.964  21.811  -0.151  1.00 26.32 ? 116 LYS A NZ  1 
ATOM   910  N N   . LYS A 1 117 ? -9.799  16.360  -3.932  1.00 26.23 ? 117 LYS A N   1 
ATOM   911  C CA  . LYS A 1 117 ? -9.881  15.360  -4.995  1.00 27.16 ? 117 LYS A CA  1 
ATOM   912  C C   . LYS A 1 117 ? -8.492  15.044  -5.572  1.00 27.81 ? 117 LYS A C   1 
ATOM   913  O O   . LYS A 1 117 ? -7.653  15.930  -5.758  1.00 28.06 ? 117 LYS A O   1 
ATOM   914  C CB  . LYS A 1 117 ? -10.870 15.802  -6.095  1.00 27.15 ? 117 LYS A CB  1 
ATOM   915  C CG  . LYS A 1 117 ? -12.253 16.281  -5.537  1.00 28.43 ? 117 LYS A CG  1 
ATOM   916  C CD  . LYS A 1 117 ? -12.989 17.270  -6.479  1.00 28.70 ? 117 LYS A CD  1 
ATOM   917  C CE  . LYS A 1 117 ? -13.187 18.656  -5.852  1.00 28.27 ? 117 LYS A CE  1 
ATOM   918  N NZ  . LYS A 1 117 ? -13.077 19.772  -6.853  1.00 26.28 ? 117 LYS A NZ  1 
ATOM   919  N N   . ALA A 1 118 ? -8.265  13.759  -5.828  1.00 28.72 ? 118 ALA A N   1 
ATOM   920  C CA  . ALA A 1 118 ? -6.974  13.245  -6.272  1.00 29.56 ? 118 ALA A CA  1 
ATOM   921  C C   . ALA A 1 118 ? -6.630  13.657  -7.686  1.00 29.77 ? 118 ALA A C   1 
ATOM   922  O O   . ALA A 1 118 ? -7.498  13.718  -8.554  1.00 29.90 ? 118 ALA A O   1 
ATOM   923  C CB  . ALA A 1 118 ? -6.961  11.719  -6.195  1.00 29.57 ? 118 ALA A CB  1 
ATOM   924  N N   . ASP A 1 119 ? -5.351  13.906  -7.927  1.00 30.37 ? 119 ASP A N   1 
ATOM   925  C CA  . ASP A 1 119 ? -4.922  14.164  -9.295  1.00 31.40 ? 119 ASP A CA  1 
ATOM   926  C C   . ASP A 1 119 ? -5.094  12.902  -10.116 1.00 31.58 ? 119 ASP A C   1 
ATOM   927  O O   . ASP A 1 119 ? -5.410  11.843  -9.577  1.00 32.05 ? 119 ASP A O   1 
ATOM   928  C CB  . ASP A 1 119 ? -3.469  14.603  -9.330  1.00 31.64 ? 119 ASP A CB  1 
ATOM   929  C CG  . ASP A 1 119 ? -3.321  16.067  -9.047  1.00 32.09 ? 119 ASP A CG  1 
ATOM   930  O OD1 . ASP A 1 119 ? -4.353  16.782  -9.039  1.00 33.62 ? 119 ASP A OD1 1 
ATOM   931  O OD2 . ASP A 1 119 ? -2.213  16.592  -8.832  1.00 34.85 ? 119 ASP A OD2 1 
ATOM   932  N N   . ASP A 1 120 ? -4.888  13.027  -11.419 1.00 31.64 ? 120 ASP A N   1 
ATOM   933  C CA  . ASP A 1 120 ? -4.932  11.893  -12.318 1.00 31.66 ? 120 ASP A CA  1 
ATOM   934  C C   . ASP A 1 120 ? -3.665  11.051  -12.129 1.00 31.42 ? 120 ASP A C   1 
ATOM   935  O O   . ASP A 1 120 ? -2.496  11.612  -11.973 1.00 31.27 ? 120 ASP A O   1 
ATOM   936  C CB  . ASP A 1 120 ? -5.008  12.388  -13.769 1.00 32.08 ? 120 ASP A CB  1 
ATOM   937  C CG  . ASP A 1 120 ? -5.144  11.240  -14.757 1.00 34.17 ? 120 ASP A CG  1 
ATOM   938  O OD1 . ASP A 1 120 ? -5.933  10.311  -14.461 1.00 36.03 ? 120 ASP A OD1 1 
ATOM   939  O OD2 . ASP A 1 120 ? -4.507  11.167  -15.842 1.00 35.75 ? 120 ASP A OD2 1 
ATOM   940  N N   . CYS A 1 121 ? -3.905  9.699   -12.115 1.00 30.78 ? 121 CYS A N   1 
ATOM   941  C CA  . CYS A 1 121 ? -2.774  8.788   -12.110 1.00 30.52 ? 121 CYS A CA  1 
ATOM   942  C C   . CYS A 1 121 ? -1.918  9.079   -13.336 1.00 30.64 ? 121 CYS A C   1 
ATOM   943  O O   . CYS A 1 121 ? -0.703  8.970   -13.230 1.00 31.21 ? 121 CYS A O   1 
ATOM   944  C CB  . CYS A 1 121 ? -3.228  7.321   -12.087 1.00 30.36 ? 121 CYS A CB  1 
ATOM   945  S SG  . CYS A 1 121 ? -3.917  6.815   -10.495 1.00 28.88 ? 121 CYS A SG  1 
ATOM   946  O OXT . CYS A 1 121 ? -2.401  9.447   -14.416 1.00 30.03 ? 121 CYS A OXT 1 
HETATM 947  S S   . SO4 B 2 .   ? -9.540  6.726   -7.561  0.88 55.56 ? 157 SO4 A S   1 
HETATM 948  O O1  . SO4 B 2 .   ? -8.475  5.796   -7.202  0.88 58.49 ? 157 SO4 A O1  1 
HETATM 949  O O2  . SO4 B 2 .   ? -9.798  7.593   -6.431  0.88 59.52 ? 157 SO4 A O2  1 
HETATM 950  O O3  . SO4 B 2 .   ? -10.759 5.995   -7.874  0.88 55.88 ? 157 SO4 A O3  1 
HETATM 951  O O4  . SO4 B 2 .   ? -9.077  7.521   -8.686  0.88 57.85 ? 157 SO4 A O4  1 
HETATM 952  O O   . HOH C 3 .   ? -2.507  -7.943  -3.319  1.00 34.64 ? 158 HOH A O   1 
HETATM 953  O O   . HOH C 3 .   ? 6.548   -11.881 -9.438  1.00 38.65 ? 159 HOH A O   1 
HETATM 954  O O   . HOH C 3 .   ? 7.333   -14.184 -11.801 1.00 36.43 ? 160 HOH A O   1 
HETATM 955  O O   . HOH C 3 .   ? 8.197   2.527   -3.250  1.00 44.45 ? 161 HOH A O   1 
HETATM 956  O O   . HOH C 3 .   ? -2.729  1.334   1.446   1.00 40.11 ? 162 HOH A O   1 
HETATM 957  O O   . HOH C 3 .   ? -4.943  3.824   9.910   1.00 41.32 ? 163 HOH A O   1 
HETATM 958  O O   . HOH C 3 .   ? -6.725  1.756   -7.449  1.00 41.24 ? 164 HOH A O   1 
HETATM 959  O O   . HOH C 3 .   ? -0.195  -1.701  15.809  1.00 53.94 ? 165 HOH A O   1 
HETATM 960  O O   . HOH C 3 .   ? -5.766  -16.572 -5.156  1.00 48.96 ? 166 HOH A O   1 
HETATM 961  O O   . HOH C 3 .   ? -8.132  6.321   1.093   1.00 40.34 ? 167 HOH A O   1 
HETATM 962  O O   . HOH C 3 .   ? 10.507  -8.649  -6.487  1.00 49.47 ? 168 HOH A O   1 
HETATM 963  O O   . HOH C 3 .   ? 3.863   2.791   -3.390  1.00 46.44 ? 169 HOH A O   1 
HETATM 964  O O   . HOH C 3 .   ? -0.019  -6.099  8.906   1.00 45.51 ? 171 HOH A O   1 
HETATM 965  O O   . HOH C 3 .   ? -4.118  -13.917 -12.718 1.00 57.89 ? 172 HOH A O   1 
HETATM 966  O O   . HOH C 3 .   ? -8.327  -5.191  -10.292 1.00 42.49 ? 173 HOH A O   1 
HETATM 967  O O   . HOH C 3 .   ? -4.616  -5.591  -1.552  1.00 36.41 ? 174 HOH A O   1 
HETATM 968  O O   . HOH C 3 .   ? -14.788 13.651  -0.756  1.00 51.38 ? 176 HOH A O   1 
HETATM 969  O O   . HOH C 3 .   ? -6.942  -1.561  5.238   1.00 62.21 ? 177 HOH A O   1 
HETATM 970  O O   . HOH C 3 .   ? 0.364   -17.154 -10.639 1.00 49.50 ? 178 HOH A O   1 
HETATM 971  O O   . HOH C 3 .   ? -6.876  -3.381  -9.235  1.00 48.67 ? 179 HOH A O   1 
HETATM 972  O O   . HOH C 3 .   ? -9.816  -5.963  -5.696  1.00 52.84 ? 180 HOH A O   1 
HETATM 973  O O   . HOH C 3 .   ? 5.059   15.512  3.028   1.00 67.64 ? 181 HOH A O   1 
HETATM 974  O O   . HOH C 3 .   ? -3.171  1.603   16.512  1.00 58.66 ? 183 HOH A O   1 
HETATM 975  O O   . HOH C 3 .   ? 4.158   13.351  -1.312  1.00 59.59 ? 184 HOH A O   1 
HETATM 976  O O   . HOH C 3 .   ? -9.058  0.730   -0.837  1.00 46.65 ? 185 HOH A O   1 
HETATM 977  O O   . HOH C 3 .   ? -5.966  8.160   -13.019 1.00 64.57 ? 186 HOH A O   1 
HETATM 978  O O   . HOH C 3 .   ? 6.916   -22.483 -16.076 1.00 69.59 ? 187 HOH A O   1 
HETATM 979  O O   . HOH C 3 .   ? -12.349 -8.106  -5.396  1.00 57.73 ? 188 HOH A O   1 
HETATM 980  O O   . HOH C 3 .   ? 5.576   -15.188 2.456   1.00 54.74 ? 190 HOH A O   1 
HETATM 981  O O   . HOH C 3 .   ? 8.268   -10.120 -10.177 1.00 43.69 ? 191 HOH A O   1 
HETATM 982  O O   . HOH C 3 .   ? -3.224  -5.648  10.292  1.00 55.15 ? 192 HOH A O   1 
HETATM 983  O O   . HOH C 3 .   ? 11.693  -5.675  -6.944  1.00 57.24 ? 193 HOH A O   1 
HETATM 984  O O   . HOH C 3 .   ? -5.901  24.748  0.197   1.00 50.24 ? 194 HOH A O   1 
HETATM 985  O O   . HOH C 3 .   ? 11.931  6.284   8.714   1.00 64.12 ? 195 HOH A O   1 
HETATM 986  O O   . HOH C 3 .   ? -12.198 11.104  12.073  1.00 61.06 ? 197 HOH A O   1 
HETATM 987  O O   . HOH C 3 .   ? -13.665 8.194   -6.869  1.00 62.87 ? 198 HOH A O   1 
HETATM 988  O O   . HOH C 3 .   ? 9.673   -16.855 2.224   1.00 66.33 ? 199 HOH A O   1 
HETATM 989  O O   . HOH C 3 .   ? 2.896   -18.744 -12.672 1.00 55.05 ? 200 HOH A O   1 
HETATM 990  O O   . HOH C 3 .   ? -4.265  -1.467  3.001   1.00 54.99 ? 202 HOH A O   1 
HETATM 991  O O   . HOH C 3 .   ? 8.300   -17.019 -3.795  1.00 52.36 ? 203 HOH A O   1 
HETATM 992  O O   . HOH C 3 .   ? -9.829  2.852   -4.199  1.00 58.47 ? 205 HOH A O   1 
HETATM 993  O O   . HOH C 3 .   ? -2.791  0.368   3.466   1.00 45.14 ? 207 HOH A O   1 
HETATM 994  O O   . HOH C 3 .   ? -10.685 18.953  -4.156  1.00 53.75 ? 208 HOH A O   1 
HETATM 995  O O   . HOH C 3 .   ? 10.368  -15.055 -4.078  1.00 48.41 ? 209 HOH A O   1 
HETATM 996  O O   . HOH C 3 .   ? -10.066 9.434   0.376   1.00 54.90 ? 211 HOH A O   1 
HETATM 997  O O   . HOH C 3 .   ? 8.050   -3.064  -6.733  1.00 51.87 ? 213 HOH A O   1 
HETATM 998  O O   . HOH C 3 .   ? -3.824  -15.902 -7.837  1.00 45.62 ? 214 HOH A O   1 
HETATM 999  O O   . HOH C 3 .   ? 3.764   -3.308  -10.530 1.00 54.02 ? 215 HOH A O   1 
HETATM 1000 O O   . HOH C 3 .   ? -2.075  -18.035 -0.869  1.00 49.65 ? 216 HOH A O   1 
HETATM 1001 O O   . HOH C 3 .   ? 3.084   0.674   -5.152  1.00 45.67 ? 218 HOH A O   1 
HETATM 1002 O O   . HOH C 3 .   ? -10.583 19.824  0.433   1.00 54.28 ? 219 HOH A O   1 
HETATM 1003 O O   . HOH C 3 .   ? -8.115  3.749   -5.903  1.00 50.15 ? 220 HOH A O   1 
HETATM 1004 O O   . HOH C 3 .   ? -2.605  2.147   -0.842  1.00 56.24 ? 222 HOH A O   1 
HETATM 1005 O O   . HOH C 3 .   ? -5.942  9.831   14.060  1.00 49.17 ? 223 HOH A O   1 
HETATM 1006 O O   . HOH C 3 .   ? -1.292  -10.549 7.185   1.00 53.15 ? 224 HOH A O   1 
HETATM 1007 O O   . HOH C 3 .   ? 4.270   -4.142  15.705  1.00 64.96 ? 225 HOH A O   1 
HETATM 1008 O O   . HOH C 3 .   ? -4.935  -0.008  -1.609  1.00 47.95 ? 226 HOH A O   1 
HETATM 1009 O O   . HOH C 3 .   ? 11.878  -14.291 9.454   1.00 71.06 ? 227 HOH A O   1 
HETATM 1010 O O   . HOH C 3 .   ? 14.583  0.388   -0.972  1.00 70.75 ? 228 HOH A O   1 
HETATM 1011 O O   . HOH C 3 .   ? 1.184   -17.294 -16.939 1.00 55.50 ? 229 HOH A O   1 
HETATM 1012 O O   . HOH C 3 .   ? 9.394   1.315   -6.712  1.00 49.30 ? 230 HOH A O   1 
HETATM 1013 O O   . HOH C 3 .   ? 11.718  4.072   -5.562  1.00 61.29 ? 231 HOH A O   1 
HETATM 1014 O O   . HOH C 3 .   ? 6.386   3.505   -3.848  1.00 49.29 ? 232 HOH A O   1 
HETATM 1015 O O   . HOH C 3 .   ? -6.397  2.468   14.296  1.00 52.41 ? 233 HOH A O   1 
HETATM 1016 O O   . HOH C 3 .   ? -6.978  1.793   20.180  1.00 59.99 ? 234 HOH A O   1 
HETATM 1017 O O   . HOH C 3 .   ? 12.227  2.420   11.182  1.00 59.96 ? 235 HOH A O   1 
HETATM 1018 O O   . HOH C 3 .   ? 4.894   4.868   7.346   1.00 57.53 ? 236 HOH A O   1 
HETATM 1019 O O   . HOH C 3 .   ? 4.644   10.146  6.868   1.00 58.60 ? 237 HOH A O   1 
HETATM 1020 O O   . HOH C 3 .   ? -7.966  -3.127  -3.247  1.00 50.49 ? 238 HOH A O   1 
HETATM 1021 O O   . HOH C 3 .   ? -5.310  15.694  -13.018 1.00 72.97 ? 239 HOH A O   1 
HETATM 1022 O O   . HOH C 3 .   ? -12.883 0.678   -0.411  1.00 53.18 ? 240 HOH A O   1 
# 
